data_1XEA
#
_entry.id   1XEA
#
_cell.length_a   81.529
_cell.length_b   112.835
_cell.length_c   177.214
_cell.angle_alpha   90.00
_cell.angle_beta   90.00
_cell.angle_gamma   90.00
#
_symmetry.space_group_name_H-M   'P 21 21 21'
#
loop_
_entity.id
_entity.type
_entity.pdbx_description
1 polymer 'Oxidoreductase, Gfo/Idh/MocA family'
2 non-polymer 'NICKEL (II) ION'
3 water water
#
_entity_poly.entity_id   1
_entity_poly.type   'polypeptide(L)'
_entity_poly.pdbx_seq_one_letter_code
;MSLKIA(MSE)IGLGDIAQKAYLPVLAQWPDIELVLCTRNPKVLGTLATRYRVSATCTDYRDVLQYGVDAV(MSE)IHAA
TDVHSTLAAFFLHLGIPTFVDKPLAASAQECENLYELAEKHHQPLYVGFNRRHIPLYNQHLSELAQQECGALRSLRWEKH
RHALPGDIRTFVFDDFIHPLDSVNLSRQCNLDDLHLTYH(MSE)SEGLLARLDVQWQTGDTLLHAS(MSE)NRQFGITTE
HVTASYDNVAYLFDSFTQGK(MSE)WRDNQESRVALKDWTP(MSE)LASKGFDA(MSE)VQDWLQVAAAGKLPTHIIERN
LASHQLAEAICQQITQQVTKGEGGSHHHHHH
;
_entity_poly.pdbx_strand_id   A,B,C,D
#
loop_
_chem_comp.id
_chem_comp.type
_chem_comp.name
_chem_comp.formula
NI non-polymer 'NICKEL (II) ION' 'Ni 2'
#
# COMPACT_ATOMS: atom_id res chain seq x y z
N SER A 2 40.40 -16.00 -10.38
CA SER A 2 40.66 -15.30 -11.68
C SER A 2 40.27 -16.17 -12.88
N LEU A 3 39.32 -15.67 -13.69
CA LEU A 3 38.82 -16.39 -14.87
C LEU A 3 38.72 -15.49 -16.10
N LYS A 4 38.79 -16.10 -17.29
CA LYS A 4 38.68 -15.38 -18.54
C LYS A 4 37.43 -15.92 -19.22
N ILE A 5 36.38 -15.10 -19.22
CA ILE A 5 35.11 -15.48 -19.81
C ILE A 5 34.93 -14.80 -21.16
N ALA A 6 34.31 -15.51 -22.10
CA ALA A 6 34.07 -14.93 -23.40
C ALA A 6 32.57 -14.82 -23.56
N MSE A 7 32.11 -13.65 -23.95
CA MSE A 7 30.69 -13.43 -24.16
C MSE A 7 30.39 -13.36 -25.64
O MSE A 7 30.74 -12.41 -26.34
CB MSE A 7 30.25 -12.16 -23.47
CG MSE A 7 30.17 -12.28 -21.97
SE MSE A 7 29.45 -10.69 -21.16
CE MSE A 7 27.95 -10.38 -22.35
N ILE A 8 29.71 -14.39 -26.14
CA ILE A 8 29.35 -14.46 -27.54
C ILE A 8 27.92 -13.99 -27.73
N GLY A 9 27.72 -13.03 -28.63
CA GLY A 9 26.39 -12.53 -28.92
C GLY A 9 25.94 -11.43 -27.98
N LEU A 10 26.24 -10.19 -28.35
CA LEU A 10 25.89 -9.05 -27.51
C LEU A 10 24.57 -8.39 -27.91
N GLY A 11 23.47 -9.02 -27.51
CA GLY A 11 22.16 -8.49 -27.83
C GLY A 11 21.66 -7.57 -26.72
N ASP A 12 20.34 -7.43 -26.64
CA ASP A 12 19.70 -6.57 -25.65
C ASP A 12 19.97 -7.01 -24.21
N ILE A 13 19.59 -8.24 -23.89
CA ILE A 13 19.80 -8.78 -22.56
C ILE A 13 21.26 -8.70 -22.17
N ALA A 14 22.15 -8.85 -23.15
CA ALA A 14 23.57 -8.81 -22.85
C ALA A 14 23.97 -7.40 -22.47
N GLN A 15 23.55 -6.44 -23.29
CA GLN A 15 23.90 -5.06 -23.01
C GLN A 15 23.23 -4.50 -21.77
N LYS A 16 22.02 -4.98 -21.46
CA LYS A 16 21.29 -4.47 -20.29
C LYS A 16 21.66 -5.07 -18.94
N ALA A 17 22.02 -6.35 -18.91
CA ALA A 17 22.32 -6.98 -17.62
C ALA A 17 23.69 -7.64 -17.53
N TYR A 18 23.90 -8.66 -18.34
CA TYR A 18 25.15 -9.40 -18.31
C TYR A 18 26.42 -8.56 -18.45
N LEU A 19 26.59 -7.93 -19.59
CA LEU A 19 27.76 -7.11 -19.83
C LEU A 19 28.04 -6.16 -18.67
N PRO A 20 27.05 -5.33 -18.28
CA PRO A 20 27.30 -4.41 -17.17
C PRO A 20 27.68 -5.08 -15.87
N VAL A 21 27.16 -6.28 -15.60
CA VAL A 21 27.50 -6.98 -14.37
C VAL A 21 28.88 -7.58 -14.45
N LEU A 22 29.21 -8.17 -15.60
CA LEU A 22 30.51 -8.78 -15.74
C LEU A 22 31.66 -7.81 -15.86
N ALA A 23 31.48 -6.77 -16.67
CA ALA A 23 32.53 -5.76 -16.88
C ALA A 23 32.94 -5.10 -15.57
N GLN A 24 32.18 -5.39 -14.52
CA GLN A 24 32.43 -4.81 -13.21
C GLN A 24 32.91 -5.88 -12.23
N TRP A 25 32.69 -7.15 -12.58
CA TRP A 25 33.08 -8.26 -11.70
C TRP A 25 34.59 -8.31 -11.51
N PRO A 26 35.04 -8.53 -10.28
CA PRO A 26 36.48 -8.60 -9.99
C PRO A 26 37.14 -9.92 -10.38
N ASP A 27 38.38 -9.83 -10.85
CA ASP A 27 39.17 -10.99 -11.26
C ASP A 27 38.56 -11.73 -12.44
N ILE A 28 38.12 -11.00 -13.45
CA ILE A 28 37.54 -11.63 -14.63
C ILE A 28 37.90 -10.84 -15.86
N GLU A 29 38.59 -11.48 -16.80
CA GLU A 29 38.95 -10.80 -18.03
C GLU A 29 37.87 -11.18 -19.02
N LEU A 30 37.36 -10.17 -19.74
CA LEU A 30 36.32 -10.40 -20.72
C LEU A 30 36.83 -10.45 -22.14
N VAL A 31 36.09 -11.17 -22.99
CA VAL A 31 36.44 -11.29 -24.38
C VAL A 31 35.15 -11.13 -25.18
N LEU A 32 34.88 -9.91 -25.62
CA LEU A 32 33.65 -9.66 -26.37
C LEU A 32 33.69 -10.28 -27.77
N CYS A 33 32.51 -10.74 -28.19
CA CYS A 33 32.38 -11.36 -29.50
C CYS A 33 30.96 -11.26 -30.01
N THR A 34 30.81 -10.77 -31.24
CA THR A 34 29.50 -10.63 -31.83
C THR A 34 29.63 -10.39 -33.33
N ARG A 35 28.58 -10.75 -34.07
CA ARG A 35 28.57 -10.59 -35.53
C ARG A 35 28.89 -9.16 -35.93
N ASN A 36 27.99 -8.23 -35.60
CA ASN A 36 28.16 -6.81 -35.93
C ASN A 36 29.43 -6.20 -35.34
N PRO A 37 30.37 -5.75 -36.20
CA PRO A 37 31.63 -5.15 -35.77
C PRO A 37 31.45 -3.76 -35.20
N LYS A 38 30.39 -3.08 -35.66
CA LYS A 38 30.06 -1.74 -35.20
C LYS A 38 29.74 -1.78 -33.70
N VAL A 39 28.68 -2.50 -33.38
CA VAL A 39 28.24 -2.67 -32.00
C VAL A 39 29.39 -3.26 -31.18
N LEU A 40 30.04 -4.26 -31.75
CA LEU A 40 31.16 -4.91 -31.10
C LEU A 40 32.15 -3.90 -30.56
N GLY A 41 32.57 -2.99 -31.43
CA GLY A 41 33.53 -1.97 -31.04
C GLY A 41 32.96 -0.92 -30.13
N THR A 42 31.70 -0.56 -30.35
CA THR A 42 31.09 0.45 -29.52
C THR A 42 31.11 -0.03 -28.07
N LEU A 43 30.62 -1.24 -27.85
CA LEU A 43 30.59 -1.82 -26.51
C LEU A 43 32.00 -2.01 -25.98
N ALA A 44 32.88 -2.56 -26.81
CA ALA A 44 34.26 -2.79 -26.38
C ALA A 44 34.94 -1.51 -25.88
N THR A 45 34.66 -0.38 -26.53
CA THR A 45 35.23 0.91 -26.14
C THR A 45 34.60 1.35 -24.81
N ARG A 46 33.28 1.22 -24.72
CA ARG A 46 32.54 1.61 -23.54
C ARG A 46 32.96 0.87 -22.28
N TYR A 47 33.20 -0.42 -22.40
CA TYR A 47 33.60 -1.19 -21.23
C TYR A 47 35.08 -1.50 -21.20
N ARG A 48 35.85 -0.74 -21.98
CA ARG A 48 37.30 -0.92 -22.03
C ARG A 48 37.77 -2.38 -22.03
N VAL A 49 37.60 -3.05 -23.16
CA VAL A 49 38.03 -4.44 -23.31
C VAL A 49 38.91 -4.55 -24.54
N SER A 50 40.00 -5.30 -24.41
CA SER A 50 40.92 -5.48 -25.52
C SER A 50 40.56 -6.67 -26.40
N ALA A 51 40.35 -7.82 -25.77
CA ALA A 51 39.99 -9.03 -26.49
C ALA A 51 38.69 -8.88 -27.28
N THR A 52 38.82 -8.46 -28.53
CA THR A 52 37.65 -8.28 -29.40
C THR A 52 37.61 -9.42 -30.40
N CYS A 53 36.43 -9.69 -30.95
CA CYS A 53 36.29 -10.82 -31.87
C CYS A 53 34.94 -10.80 -32.58
N THR A 54 34.91 -11.28 -33.82
CA THR A 54 33.65 -11.29 -34.57
C THR A 54 33.15 -12.70 -34.86
N ASP A 55 34.08 -13.64 -35.01
CA ASP A 55 33.74 -15.02 -35.29
C ASP A 55 33.89 -15.86 -34.02
N TYR A 56 32.80 -16.52 -33.63
CA TYR A 56 32.79 -17.33 -32.42
C TYR A 56 33.89 -18.37 -32.34
N ARG A 57 34.70 -18.48 -33.39
CA ARG A 57 35.77 -19.46 -33.41
C ARG A 57 37.07 -18.87 -32.89
N ASP A 58 37.36 -17.64 -33.29
CA ASP A 58 38.58 -16.95 -32.87
C ASP A 58 38.65 -16.85 -31.35
N VAL A 59 37.50 -17.02 -30.73
CA VAL A 59 37.39 -16.94 -29.28
C VAL A 59 38.38 -17.88 -28.58
N LEU A 60 38.61 -19.05 -29.17
CA LEU A 60 39.53 -20.00 -28.56
C LEU A 60 40.96 -19.50 -28.48
N GLN A 61 41.29 -18.56 -29.36
CA GLN A 61 42.63 -17.98 -29.42
C GLN A 61 43.15 -17.40 -28.10
N TYR A 62 42.27 -16.72 -27.38
CA TYR A 62 42.62 -16.09 -26.11
C TYR A 62 42.65 -17.05 -24.92
N GLY A 63 42.38 -18.32 -25.20
CA GLY A 63 42.38 -19.32 -24.15
C GLY A 63 41.45 -18.99 -22.99
N VAL A 64 40.16 -18.91 -23.31
CA VAL A 64 39.13 -18.58 -22.33
C VAL A 64 38.82 -19.78 -21.43
N ASP A 65 38.33 -19.49 -20.24
CA ASP A 65 37.99 -20.52 -19.27
C ASP A 65 36.53 -20.96 -19.38
N ALA A 66 35.74 -20.15 -20.09
CA ALA A 66 34.33 -20.43 -20.29
C ALA A 66 33.71 -19.40 -21.23
N VAL A 67 32.57 -19.74 -21.81
CA VAL A 67 31.84 -18.85 -22.73
C VAL A 67 30.38 -18.69 -22.28
N MSE A 68 29.84 -17.50 -22.53
CA MSE A 68 28.45 -17.19 -22.20
C MSE A 68 27.75 -16.80 -23.47
O MSE A 68 28.00 -15.73 -24.03
CB MSE A 68 28.39 -16.02 -21.21
CG MSE A 68 28.91 -16.37 -19.82
SE MSE A 68 28.99 -14.87 -18.60
CE MSE A 68 27.10 -14.56 -18.34
N ILE A 69 26.88 -17.66 -23.97
CA ILE A 69 26.18 -17.39 -25.21
C ILE A 69 24.91 -16.59 -24.96
N HIS A 70 24.80 -15.42 -25.57
CA HIS A 70 23.62 -14.59 -25.37
C HIS A 70 22.93 -14.35 -26.68
N ALA A 71 23.41 -15.03 -27.72
CA ALA A 71 22.84 -14.90 -29.04
C ALA A 71 21.37 -15.28 -29.07
N ALA A 72 20.80 -15.30 -30.27
CA ALA A 72 19.39 -15.65 -30.45
C ALA A 72 19.18 -17.12 -30.09
N THR A 73 17.94 -17.50 -29.85
CA THR A 73 17.65 -18.86 -29.47
C THR A 73 18.01 -19.87 -30.56
N ASP A 74 17.80 -19.48 -31.82
CA ASP A 74 18.06 -20.35 -32.98
C ASP A 74 19.53 -20.59 -33.29
N VAL A 75 20.41 -20.06 -32.45
CA VAL A 75 21.84 -20.21 -32.66
C VAL A 75 22.47 -20.85 -31.44
N HIS A 76 21.69 -21.04 -30.39
CA HIS A 76 22.22 -21.63 -29.17
C HIS A 76 22.87 -22.98 -29.41
N SER A 77 22.09 -23.95 -29.89
CA SER A 77 22.61 -25.29 -30.15
C SER A 77 23.97 -25.29 -30.83
N THR A 78 24.07 -24.52 -31.91
CA THR A 78 25.30 -24.44 -32.64
C THR A 78 26.41 -24.02 -31.71
N LEU A 79 26.36 -22.77 -31.28
CA LEU A 79 27.38 -22.22 -30.39
C LEU A 79 27.65 -23.12 -29.19
N ALA A 80 26.58 -23.49 -28.49
CA ALA A 80 26.70 -24.35 -27.32
C ALA A 80 27.52 -25.60 -27.62
N ALA A 81 27.00 -26.44 -28.52
CA ALA A 81 27.68 -27.67 -28.91
C ALA A 81 29.15 -27.42 -29.22
N PHE A 82 29.41 -26.38 -30.01
CA PHE A 82 30.77 -26.04 -30.40
C PHE A 82 31.75 -26.01 -29.25
N PHE A 83 31.47 -25.18 -28.24
CA PHE A 83 32.37 -25.08 -27.11
C PHE A 83 32.23 -26.27 -26.16
N LEU A 84 31.07 -26.91 -26.19
CA LEU A 84 30.87 -28.07 -25.34
C LEU A 84 31.78 -29.20 -25.79
N HIS A 85 31.97 -29.32 -27.10
CA HIS A 85 32.84 -30.36 -27.62
C HIS A 85 34.31 -30.00 -27.35
N LEU A 86 34.63 -28.72 -27.52
CA LEU A 86 35.99 -28.24 -27.27
C LEU A 86 36.31 -28.36 -25.78
N GLY A 87 35.36 -28.86 -25.01
CA GLY A 87 35.55 -29.04 -23.57
C GLY A 87 35.69 -27.75 -22.79
N ILE A 88 34.68 -26.89 -22.87
CA ILE A 88 34.70 -25.62 -22.15
C ILE A 88 33.37 -25.37 -21.45
N PRO A 89 33.41 -25.04 -20.14
CA PRO A 89 32.16 -24.76 -19.41
C PRO A 89 31.34 -23.76 -20.22
N THR A 90 30.11 -24.13 -20.56
CA THR A 90 29.27 -23.24 -21.35
C THR A 90 28.05 -22.70 -20.60
N PHE A 91 27.77 -21.42 -20.83
CA PHE A 91 26.63 -20.75 -20.23
C PHE A 91 25.74 -20.27 -21.35
N VAL A 92 24.44 -20.47 -21.21
CA VAL A 92 23.48 -20.04 -22.22
C VAL A 92 22.30 -19.41 -21.53
N ASP A 93 21.90 -18.24 -22.01
CA ASP A 93 20.77 -17.54 -21.43
C ASP A 93 19.48 -18.23 -21.86
N LYS A 94 18.58 -18.43 -20.90
CA LYS A 94 17.30 -19.08 -21.17
C LYS A 94 16.60 -18.39 -22.34
N PRO A 95 15.93 -19.17 -23.20
CA PRO A 95 15.85 -20.63 -23.10
C PRO A 95 17.06 -21.31 -23.73
N LEU A 96 17.32 -22.56 -23.34
CA LEU A 96 18.47 -23.32 -23.87
C LEU A 96 18.28 -23.54 -25.36
N ALA A 97 17.04 -23.82 -25.75
CA ALA A 97 16.73 -24.06 -27.14
C ALA A 97 15.22 -24.05 -27.31
N ALA A 98 14.79 -23.89 -28.55
CA ALA A 98 13.37 -23.83 -28.90
C ALA A 98 12.66 -25.17 -28.78
N SER A 99 13.39 -26.22 -28.45
CA SER A 99 12.76 -27.53 -28.32
C SER A 99 13.43 -28.33 -27.22
N ALA A 100 12.72 -29.32 -26.69
CA ALA A 100 13.24 -30.17 -25.63
C ALA A 100 14.28 -31.11 -26.22
N GLN A 101 14.05 -31.53 -27.46
CA GLN A 101 14.96 -32.43 -28.15
C GLN A 101 16.37 -31.85 -28.13
N GLU A 102 16.50 -30.62 -28.61
CA GLU A 102 17.80 -29.94 -28.65
C GLU A 102 18.38 -29.87 -27.26
N CYS A 103 17.53 -29.56 -26.29
CA CYS A 103 17.95 -29.47 -24.90
C CYS A 103 18.54 -30.79 -24.47
N GLU A 104 17.80 -31.87 -24.70
CA GLU A 104 18.28 -33.19 -24.33
C GLU A 104 19.62 -33.47 -25.02
N ASN A 105 19.71 -33.14 -26.31
CA ASN A 105 20.95 -33.35 -27.07
C ASN A 105 22.13 -32.63 -26.39
N LEU A 106 22.01 -31.31 -26.28
CA LEU A 106 23.05 -30.49 -25.66
C LEU A 106 23.50 -31.01 -24.29
N TYR A 107 22.58 -31.50 -23.47
CA TYR A 107 23.00 -32.01 -22.17
C TYR A 107 23.64 -33.36 -22.28
N GLU A 108 23.12 -34.20 -23.18
CA GLU A 108 23.72 -35.51 -23.38
C GLU A 108 25.15 -35.27 -23.85
N LEU A 109 25.31 -34.35 -24.79
CA LEU A 109 26.62 -33.99 -25.33
C LEU A 109 27.58 -33.50 -24.26
N ALA A 110 27.10 -32.57 -23.44
CA ALA A 110 27.91 -32.00 -22.35
C ALA A 110 28.36 -33.06 -21.36
N GLU A 111 27.52 -34.08 -21.15
CA GLU A 111 27.85 -35.17 -20.23
C GLU A 111 28.98 -36.04 -20.76
N LYS A 112 29.09 -36.14 -22.08
CA LYS A 112 30.16 -36.93 -22.68
C LYS A 112 31.50 -36.25 -22.45
N HIS A 113 31.57 -34.95 -22.72
CA HIS A 113 32.81 -34.20 -22.57
C HIS A 113 33.03 -33.73 -21.13
N HIS A 114 32.16 -34.19 -20.23
CA HIS A 114 32.24 -33.85 -18.81
C HIS A 114 32.35 -32.34 -18.59
N GLN A 115 31.60 -31.57 -19.38
CA GLN A 115 31.62 -30.13 -19.21
C GLN A 115 30.32 -29.66 -18.60
N PRO A 116 30.34 -28.51 -17.90
CA PRO A 116 29.14 -27.97 -17.28
C PRO A 116 28.43 -27.04 -18.26
N LEU A 117 27.12 -27.19 -18.32
CA LEU A 117 26.26 -26.39 -19.18
C LEU A 117 25.25 -25.71 -18.25
N TYR A 118 25.44 -24.42 -18.04
CA TYR A 118 24.59 -23.63 -17.16
C TYR A 118 23.54 -22.84 -17.93
N VAL A 119 22.29 -22.91 -17.48
CA VAL A 119 21.20 -22.17 -18.13
C VAL A 119 20.88 -20.92 -17.29
N GLY A 120 20.67 -19.79 -17.96
CA GLY A 120 20.38 -18.56 -17.27
C GLY A 120 18.98 -18.30 -16.79
N PHE A 121 18.69 -18.71 -15.57
CA PHE A 121 17.38 -18.51 -14.97
C PHE A 121 17.54 -17.61 -13.75
N ASN A 122 17.61 -16.31 -13.99
CA ASN A 122 17.81 -15.36 -12.90
C ASN A 122 16.79 -15.44 -11.77
N ARG A 123 15.55 -15.79 -12.09
CA ARG A 123 14.52 -15.89 -11.07
C ARG A 123 14.76 -17.01 -10.06
N ARG A 124 15.93 -17.64 -10.09
CA ARG A 124 16.22 -18.68 -9.11
C ARG A 124 17.19 -18.11 -8.07
N HIS A 125 17.67 -16.91 -8.35
CA HIS A 125 18.63 -16.22 -7.49
C HIS A 125 18.14 -14.86 -7.00
N ILE A 126 16.83 -14.70 -6.87
CA ILE A 126 16.31 -13.43 -6.41
C ILE A 126 16.68 -13.27 -4.94
N PRO A 127 17.63 -12.36 -4.65
CA PRO A 127 18.06 -12.15 -3.26
C PRO A 127 16.96 -11.97 -2.23
N LEU A 128 15.97 -11.13 -2.50
CA LEU A 128 14.93 -10.96 -1.52
C LEU A 128 14.07 -12.22 -1.35
N TYR A 129 13.88 -13.00 -2.40
CA TYR A 129 13.05 -14.18 -2.25
C TYR A 129 13.75 -15.35 -1.59
N ASN A 130 15.01 -15.58 -1.95
CA ASN A 130 15.77 -16.68 -1.38
C ASN A 130 16.15 -16.42 0.08
N GLN A 131 16.16 -15.15 0.46
CA GLN A 131 16.51 -14.77 1.82
C GLN A 131 15.41 -15.19 2.79
N HIS A 132 14.18 -15.09 2.34
CA HIS A 132 13.03 -15.43 3.17
C HIS A 132 12.52 -16.85 2.93
N LEU A 133 12.47 -17.27 1.67
CA LEU A 133 12.00 -18.62 1.32
C LEU A 133 13.16 -19.54 0.95
N SER A 134 13.62 -20.34 1.92
CA SER A 134 14.75 -21.25 1.70
C SER A 134 14.49 -22.27 0.59
N GLU A 135 13.23 -22.68 0.47
CA GLU A 135 12.86 -23.63 -0.56
C GLU A 135 13.29 -23.11 -1.94
N LEU A 136 13.29 -21.80 -2.15
CA LEU A 136 13.72 -21.32 -3.45
C LEU A 136 15.23 -21.37 -3.56
N ALA A 137 15.91 -21.01 -2.48
CA ALA A 137 17.38 -21.02 -2.48
C ALA A 137 17.89 -22.43 -2.73
N GLN A 138 17.39 -23.38 -1.95
CA GLN A 138 17.81 -24.77 -2.06
C GLN A 138 17.18 -25.51 -3.23
N GLN A 139 16.17 -24.89 -3.85
CA GLN A 139 15.49 -25.47 -4.99
C GLN A 139 14.72 -26.75 -4.64
N GLU A 140 13.93 -26.69 -3.59
CA GLU A 140 13.11 -27.81 -3.14
C GLU A 140 11.70 -27.30 -2.86
N CYS A 141 10.84 -28.19 -2.38
CA CYS A 141 9.48 -27.82 -2.02
C CYS A 141 9.41 -27.60 -0.51
N GLY A 142 10.24 -28.35 0.23
CA GLY A 142 10.29 -28.22 1.68
C GLY A 142 8.96 -28.16 2.40
N ALA A 143 8.75 -27.07 3.13
CA ALA A 143 7.51 -26.91 3.88
C ALA A 143 6.45 -26.15 3.08
N LEU A 144 6.81 -25.73 1.87
CA LEU A 144 5.88 -24.99 1.02
C LEU A 144 4.56 -25.70 0.79
N ARG A 145 3.46 -25.09 1.21
CA ARG A 145 2.15 -25.68 1.00
C ARG A 145 1.60 -25.19 -0.34
N SER A 146 2.21 -24.14 -0.87
CA SER A 146 1.81 -23.58 -2.14
C SER A 146 2.77 -22.46 -2.56
N LEU A 147 2.90 -22.27 -3.86
CA LEU A 147 3.77 -21.23 -4.41
C LEU A 147 3.18 -20.82 -5.75
N ARG A 148 2.82 -19.54 -5.89
CA ARG A 148 2.23 -19.03 -7.11
C ARG A 148 3.08 -17.93 -7.70
N TRP A 149 3.50 -18.11 -8.94
CA TRP A 149 4.31 -17.11 -9.60
C TRP A 149 3.49 -16.50 -10.73
N GLU A 150 3.17 -15.21 -10.61
CA GLU A 150 2.41 -14.49 -11.63
C GLU A 150 3.33 -13.50 -12.34
N LYS A 151 3.27 -13.48 -13.66
CA LYS A 151 4.07 -12.55 -14.43
C LYS A 151 3.18 -12.12 -15.58
N HIS A 152 2.63 -10.92 -15.48
CA HIS A 152 1.72 -10.43 -16.49
C HIS A 152 2.29 -9.27 -17.30
N ARG A 153 1.74 -9.06 -18.49
CA ARG A 153 2.12 -7.98 -19.39
C ARG A 153 0.84 -7.30 -19.85
N HIS A 154 0.97 -6.03 -20.25
CA HIS A 154 -0.16 -5.27 -20.74
C HIS A 154 -0.16 -5.28 -22.27
N ALA A 155 -1.28 -5.71 -22.85
CA ALA A 155 -1.43 -5.76 -24.30
C ALA A 155 -0.21 -6.27 -25.07
N LEU A 156 0.14 -7.54 -24.88
CA LEU A 156 1.29 -8.09 -25.56
C LEU A 156 1.13 -9.58 -25.82
N PRO A 157 0.08 -9.96 -26.57
CA PRO A 157 -0.15 -11.37 -26.87
C PRO A 157 0.90 -11.81 -27.89
N GLY A 158 0.96 -13.11 -28.16
CA GLY A 158 1.95 -13.62 -29.10
C GLY A 158 1.71 -15.07 -29.46
N ASP A 159 2.58 -15.63 -30.29
CA ASP A 159 2.45 -17.02 -30.71
C ASP A 159 2.87 -17.98 -29.61
N ILE A 160 2.16 -19.09 -29.51
CA ILE A 160 2.43 -20.11 -28.52
C ILE A 160 3.91 -20.32 -28.24
N ARG A 161 4.67 -20.67 -29.26
CA ARG A 161 6.10 -20.90 -29.09
C ARG A 161 6.81 -19.80 -28.33
N THR A 162 6.95 -18.63 -28.94
CA THR A 162 7.64 -17.53 -28.29
C THR A 162 7.14 -17.29 -26.88
N PHE A 163 5.83 -17.16 -26.75
CA PHE A 163 5.20 -16.92 -25.46
C PHE A 163 5.69 -17.90 -24.42
N VAL A 164 5.75 -19.18 -24.75
CA VAL A 164 6.19 -20.18 -23.79
C VAL A 164 7.69 -20.27 -23.61
N PHE A 165 8.43 -20.51 -24.67
CA PHE A 165 9.87 -20.65 -24.53
C PHE A 165 10.63 -19.37 -24.17
N ASP A 166 10.15 -18.22 -24.62
CA ASP A 166 10.86 -16.99 -24.32
C ASP A 166 10.28 -16.16 -23.17
N ASP A 167 9.20 -16.62 -22.56
CA ASP A 167 8.58 -15.86 -21.49
C ASP A 167 8.07 -16.70 -20.34
N PHE A 168 6.96 -17.40 -20.59
CA PHE A 168 6.31 -18.26 -19.60
C PHE A 168 7.29 -19.16 -18.89
N ILE A 169 8.38 -19.50 -19.57
CA ILE A 169 9.39 -20.36 -18.99
C ILE A 169 9.94 -19.75 -17.71
N HIS A 170 9.86 -18.43 -17.60
CA HIS A 170 10.36 -17.77 -16.41
C HIS A 170 9.54 -18.22 -15.21
N PRO A 171 8.24 -17.87 -15.18
CA PRO A 171 7.44 -18.29 -14.03
C PRO A 171 7.32 -19.80 -13.87
N LEU A 172 7.22 -20.50 -15.00
CA LEU A 172 7.10 -21.94 -14.99
C LEU A 172 8.26 -22.60 -14.26
N ASP A 173 9.48 -22.29 -14.70
CA ASP A 173 10.68 -22.85 -14.08
C ASP A 173 10.81 -22.44 -12.62
N SER A 174 10.62 -21.15 -12.35
CA SER A 174 10.73 -20.62 -11.00
C SER A 174 9.88 -21.37 -10.00
N VAL A 175 8.83 -22.00 -10.48
CA VAL A 175 7.91 -22.72 -9.63
C VAL A 175 8.16 -24.22 -9.69
N ASN A 176 8.84 -24.66 -10.74
CA ASN A 176 9.13 -26.08 -10.98
C ASN A 176 10.13 -26.68 -9.98
N LEU A 177 9.72 -26.72 -8.71
CA LEU A 177 10.56 -27.23 -7.64
C LEU A 177 10.45 -28.74 -7.46
N SER A 178 9.62 -29.39 -8.28
CA SER A 178 9.42 -30.83 -8.18
C SER A 178 9.92 -31.55 -9.43
N ARG A 179 10.58 -30.81 -10.31
CA ARG A 179 11.08 -31.36 -11.56
C ARG A 179 9.94 -32.01 -12.33
N GLN A 180 8.99 -31.19 -12.75
CA GLN A 180 7.83 -31.65 -13.51
C GLN A 180 8.28 -31.63 -14.98
N CYS A 181 8.18 -32.77 -15.65
CA CYS A 181 8.62 -32.85 -17.03
C CYS A 181 7.54 -33.27 -18.01
N ASN A 182 6.28 -33.12 -17.60
CA ASN A 182 5.15 -33.48 -18.44
C ASN A 182 3.86 -32.82 -17.98
N LEU A 183 2.74 -33.40 -18.36
CA LEU A 183 1.43 -32.87 -17.98
C LEU A 183 0.72 -33.78 -16.98
N ASP A 184 1.47 -34.69 -16.38
CA ASP A 184 0.91 -35.60 -15.40
C ASP A 184 0.29 -34.86 -14.23
N ASP A 185 -0.95 -35.20 -13.93
CA ASP A 185 -1.67 -34.60 -12.80
C ASP A 185 -1.50 -33.09 -12.81
N LEU A 186 -1.43 -32.51 -14.01
CA LEU A 186 -1.26 -31.09 -14.16
C LEU A 186 -2.47 -30.47 -14.84
N HIS A 187 -2.86 -29.29 -14.39
CA HIS A 187 -4.01 -28.60 -14.95
C HIS A 187 -3.57 -27.41 -15.79
N LEU A 188 -3.73 -27.54 -17.09
CA LEU A 188 -3.33 -26.50 -18.02
C LEU A 188 -4.56 -25.70 -18.46
N THR A 189 -4.43 -24.38 -18.46
CA THR A 189 -5.53 -23.51 -18.85
C THR A 189 -4.98 -22.37 -19.66
N TYR A 190 -5.72 -21.90 -20.66
CA TYR A 190 -5.21 -20.80 -21.45
C TYR A 190 -6.33 -20.11 -22.21
N HIS A 191 -5.99 -19.03 -22.90
CA HIS A 191 -6.94 -18.27 -23.68
C HIS A 191 -6.24 -17.71 -24.90
N MSE A 192 -6.92 -17.74 -26.03
CA MSE A 192 -6.36 -17.25 -27.27
C MSE A 192 -7.13 -15.99 -27.68
O MSE A 192 -8.34 -16.03 -27.86
CB MSE A 192 -6.50 -18.30 -28.36
CG MSE A 192 -5.85 -19.64 -28.04
SE MSE A 192 -3.92 -19.64 -28.20
CE MSE A 192 -3.74 -18.86 -29.97
N SER A 193 -6.43 -14.87 -27.79
CA SER A 193 -7.08 -13.64 -28.23
C SER A 193 -6.72 -13.48 -29.70
N GLU A 194 -7.74 -13.25 -30.52
CA GLU A 194 -7.56 -13.15 -31.96
C GLU A 194 -6.87 -14.45 -32.34
N GLY A 195 -5.65 -14.35 -32.85
CA GLY A 195 -4.93 -15.55 -33.23
C GLY A 195 -3.69 -15.84 -32.40
N LEU A 196 -3.57 -15.16 -31.27
CA LEU A 196 -2.41 -15.36 -30.40
C LEU A 196 -2.75 -15.88 -29.00
N LEU A 197 -1.72 -16.18 -28.22
CA LEU A 197 -1.90 -16.65 -26.87
C LEU A 197 -1.92 -15.42 -25.99
N ALA A 198 -3.01 -15.25 -25.24
CA ALA A 198 -3.18 -14.10 -24.35
C ALA A 198 -2.72 -14.45 -22.94
N ARG A 199 -3.29 -15.50 -22.34
CA ARG A 199 -2.88 -15.91 -21.00
C ARG A 199 -2.75 -17.44 -20.89
N LEU A 200 -1.79 -17.87 -20.09
CA LEU A 200 -1.51 -19.29 -19.87
C LEU A 200 -1.41 -19.56 -18.37
N ASP A 201 -2.04 -20.63 -17.91
CA ASP A 201 -2.02 -20.97 -16.49
C ASP A 201 -1.77 -22.45 -16.25
N VAL A 202 -0.57 -22.76 -15.77
CA VAL A 202 -0.19 -24.13 -15.49
C VAL A 202 -0.09 -24.33 -13.99
N GLN A 203 -0.81 -25.32 -13.49
CA GLN A 203 -0.84 -25.62 -12.07
C GLN A 203 -0.92 -27.12 -11.81
N TRP A 204 -0.11 -27.61 -10.86
CA TRP A 204 -0.12 -29.01 -10.51
C TRP A 204 0.27 -29.18 -9.04
N GLN A 205 0.04 -30.37 -8.50
CA GLN A 205 0.36 -30.62 -7.10
C GLN A 205 1.36 -31.76 -6.90
N THR A 206 2.45 -31.50 -6.19
CA THR A 206 3.49 -32.49 -5.91
C THR A 206 3.55 -32.71 -4.41
N GLY A 207 2.96 -33.81 -3.95
CA GLY A 207 2.97 -34.09 -2.53
C GLY A 207 2.05 -33.13 -1.82
N ASP A 208 2.60 -32.37 -0.87
CA ASP A 208 1.79 -31.43 -0.12
C ASP A 208 2.04 -30.01 -0.60
N THR A 209 2.55 -29.89 -1.82
CA THR A 209 2.83 -28.57 -2.35
C THR A 209 2.10 -28.30 -3.66
N LEU A 210 1.43 -27.16 -3.74
CA LEU A 210 0.73 -26.82 -4.96
C LEU A 210 1.53 -25.74 -5.68
N LEU A 211 1.99 -26.07 -6.88
CA LEU A 211 2.78 -25.17 -7.71
C LEU A 211 1.89 -24.52 -8.77
N HIS A 212 2.15 -23.26 -9.09
CA HIS A 212 1.32 -22.55 -10.06
C HIS A 212 2.05 -21.44 -10.80
N ALA A 213 2.04 -21.53 -12.14
CA ALA A 213 2.67 -20.54 -12.99
C ALA A 213 1.55 -19.88 -13.77
N SER A 214 1.47 -18.55 -13.69
CA SER A 214 0.42 -17.80 -14.32
C SER A 214 0.99 -16.62 -15.11
N MSE A 215 0.55 -16.49 -16.36
CA MSE A 215 1.01 -15.39 -17.20
C MSE A 215 -0.11 -14.88 -18.08
O MSE A 215 -0.60 -15.59 -18.95
CB MSE A 215 2.15 -15.84 -18.10
CG MSE A 215 2.59 -14.78 -19.09
SE MSE A 215 4.26 -15.24 -19.96
CE MSE A 215 5.47 -14.69 -18.56
N ASN A 216 -0.52 -13.64 -17.83
CA ASN A 216 -1.57 -13.03 -18.62
C ASN A 216 -0.94 -11.86 -19.33
N ARG A 217 -0.54 -12.09 -20.58
CA ARG A 217 0.10 -11.03 -21.35
C ARG A 217 -0.89 -10.05 -21.97
N GLN A 218 -2.11 -10.09 -21.46
CA GLN A 218 -3.16 -9.17 -21.89
C GLN A 218 -3.79 -8.68 -20.59
N PHE A 219 -2.94 -8.39 -19.61
CA PHE A 219 -3.38 -7.93 -18.30
C PHE A 219 -3.49 -6.40 -18.30
N GLY A 220 -4.20 -5.87 -17.31
CA GLY A 220 -4.36 -4.43 -17.22
C GLY A 220 -3.08 -3.66 -16.99
N ILE A 221 -2.04 -4.37 -16.53
CA ILE A 221 -0.75 -3.75 -16.25
C ILE A 221 0.37 -4.79 -16.26
N THR A 222 1.59 -4.35 -16.45
CA THR A 222 2.72 -5.26 -16.45
C THR A 222 3.29 -5.32 -15.02
N THR A 223 3.22 -6.50 -14.40
CA THR A 223 3.73 -6.70 -13.03
C THR A 223 4.03 -8.16 -12.82
N GLU A 224 4.68 -8.46 -11.69
CA GLU A 224 5.02 -9.82 -11.39
C GLU A 224 4.85 -10.02 -9.90
N HIS A 225 3.97 -10.94 -9.53
CA HIS A 225 3.69 -11.20 -8.14
C HIS A 225 4.01 -12.62 -7.73
N VAL A 226 4.71 -12.78 -6.62
CA VAL A 226 5.03 -14.11 -6.14
C VAL A 226 4.34 -14.29 -4.78
N THR A 227 3.63 -15.39 -4.64
CA THR A 227 2.91 -15.70 -3.41
C THR A 227 3.34 -17.06 -2.95
N ALA A 228 3.78 -17.14 -1.70
CA ALA A 228 4.21 -18.42 -1.14
C ALA A 228 3.47 -18.69 0.15
N SER A 229 3.11 -19.93 0.41
CA SER A 229 2.44 -20.19 1.67
C SER A 229 2.93 -21.45 2.34
N TYR A 230 2.96 -21.40 3.66
CA TYR A 230 3.38 -22.51 4.48
C TYR A 230 2.24 -22.70 5.47
N ASP A 231 2.50 -23.40 6.56
CA ASP A 231 1.42 -23.55 7.53
C ASP A 231 1.39 -22.30 8.40
N ASN A 232 0.27 -21.59 8.36
CA ASN A 232 0.06 -20.37 9.14
C ASN A 232 1.06 -19.27 8.83
N VAL A 233 1.69 -19.37 7.67
CA VAL A 233 2.64 -18.36 7.27
C VAL A 233 2.51 -18.17 5.78
N ALA A 234 2.59 -16.91 5.34
CA ALA A 234 2.48 -16.62 3.92
C ALA A 234 3.31 -15.38 3.58
N TYR A 235 3.60 -15.21 2.29
CA TYR A 235 4.35 -14.07 1.76
C TYR A 235 3.78 -13.69 0.41
N LEU A 236 3.85 -12.41 0.08
CA LEU A 236 3.35 -11.94 -1.21
C LEU A 236 4.24 -10.81 -1.66
N PHE A 237 5.08 -11.08 -2.66
CA PHE A 237 5.97 -10.07 -3.18
C PHE A 237 5.39 -9.43 -4.43
N ASP A 238 5.25 -8.10 -4.42
CA ASP A 238 4.71 -7.36 -5.56
C ASP A 238 5.83 -6.90 -6.50
N SER A 239 7.07 -7.22 -6.14
CA SER A 239 8.22 -6.86 -6.94
C SER A 239 9.43 -7.63 -6.40
N PHE A 240 10.61 -7.29 -6.87
CA PHE A 240 11.81 -7.94 -6.40
C PHE A 240 12.39 -7.22 -5.19
N THR A 241 11.84 -6.07 -4.81
CA THR A 241 12.42 -5.34 -3.70
C THR A 241 11.52 -5.24 -2.48
N GLN A 242 10.22 -5.36 -2.71
CA GLN A 242 9.25 -5.26 -1.64
C GLN A 242 8.31 -6.44 -1.58
N GLY A 243 7.83 -6.70 -0.36
CA GLY A 243 6.90 -7.78 -0.15
C GLY A 243 6.29 -7.70 1.23
N LYS A 244 5.20 -8.41 1.44
CA LYS A 244 4.61 -8.40 2.75
C LYS A 244 4.55 -9.82 3.29
N MSE A 245 4.75 -9.94 4.61
CA MSE A 245 4.75 -11.22 5.31
C MSE A 245 3.57 -11.28 6.27
O MSE A 245 3.35 -10.37 7.07
CB MSE A 245 6.06 -11.37 6.09
CG MSE A 245 6.21 -12.67 6.85
SE MSE A 245 7.87 -12.78 7.92
CE MSE A 245 7.08 -12.52 9.69
N TRP A 246 2.81 -12.36 6.17
CA TRP A 246 1.66 -12.58 7.03
C TRP A 246 2.00 -13.72 8.01
N ARG A 247 2.09 -13.38 9.29
CA ARG A 247 2.43 -14.35 10.32
C ARG A 247 1.72 -13.94 11.60
N ASP A 248 1.19 -14.93 12.32
CA ASP A 248 0.46 -14.66 13.55
C ASP A 248 -0.68 -13.68 13.30
N ASN A 249 -1.31 -13.81 12.15
CA ASN A 249 -2.41 -12.94 11.77
C ASN A 249 -1.98 -11.48 11.78
N GLN A 250 -0.75 -11.24 11.39
CA GLN A 250 -0.26 -9.89 11.33
C GLN A 250 0.40 -9.75 10.00
N GLU A 251 0.45 -8.51 9.50
CA GLU A 251 1.07 -8.23 8.23
C GLU A 251 2.26 -7.33 8.51
N SER A 252 3.41 -7.72 8.00
CA SER A 252 4.61 -6.90 8.17
C SER A 252 5.27 -6.77 6.80
N ARG A 253 6.09 -5.74 6.65
CA ARG A 253 6.77 -5.46 5.39
C ARG A 253 8.15 -6.11 5.38
N VAL A 254 8.50 -6.73 4.26
CA VAL A 254 9.82 -7.34 4.09
C VAL A 254 10.40 -6.70 2.83
N ALA A 255 11.58 -6.10 2.94
CA ALA A 255 12.16 -5.45 1.76
C ALA A 255 13.65 -5.69 1.59
N LEU A 256 14.12 -5.39 0.39
CA LEU A 256 15.51 -5.54 0.04
C LEU A 256 16.29 -4.40 0.66
N LYS A 257 17.50 -4.68 1.13
CA LYS A 257 18.35 -3.66 1.73
C LYS A 257 18.51 -2.50 0.75
N ASP A 258 18.67 -1.29 1.28
CA ASP A 258 18.82 -0.12 0.44
C ASP A 258 20.20 -0.10 -0.21
N TRP A 259 20.30 0.62 -1.32
CA TRP A 259 21.53 0.76 -2.11
C TRP A 259 21.95 -0.54 -2.77
N THR A 260 20.98 -1.42 -2.98
CA THR A 260 21.25 -2.68 -3.64
C THR A 260 21.11 -2.39 -5.13
N PRO A 261 22.13 -2.72 -5.94
CA PRO A 261 21.99 -2.43 -7.36
C PRO A 261 20.78 -3.13 -8.00
N MSE A 262 20.16 -2.44 -8.96
CA MSE A 262 18.97 -2.94 -9.65
C MSE A 262 19.18 -4.32 -10.25
O MSE A 262 18.36 -5.22 -10.04
CB MSE A 262 18.57 -1.94 -10.74
CG MSE A 262 17.35 -2.31 -11.58
SE MSE A 262 17.77 -3.41 -13.10
CE MSE A 262 18.83 -2.14 -14.10
N LEU A 263 20.26 -4.51 -11.00
CA LEU A 263 20.49 -5.82 -11.59
C LEU A 263 20.59 -6.89 -10.51
N ALA A 264 21.24 -6.55 -9.39
CA ALA A 264 21.42 -7.49 -8.27
C ALA A 264 20.08 -7.91 -7.69
N SER A 265 19.18 -6.95 -7.57
CA SER A 265 17.87 -7.26 -7.02
C SER A 265 17.16 -8.24 -7.97
N LYS A 266 17.46 -8.15 -9.27
CA LYS A 266 16.87 -9.06 -10.23
C LYS A 266 17.63 -10.37 -10.30
N GLY A 267 18.42 -10.61 -9.26
CA GLY A 267 19.21 -11.83 -9.14
C GLY A 267 20.33 -12.07 -10.13
N PHE A 268 20.66 -11.10 -10.96
CA PHE A 268 21.73 -11.33 -11.91
C PHE A 268 23.08 -11.52 -11.25
N ASP A 269 23.47 -10.61 -10.36
CA ASP A 269 24.76 -10.75 -9.68
C ASP A 269 24.86 -12.12 -8.99
N ALA A 270 23.79 -12.52 -8.31
CA ALA A 270 23.79 -13.79 -7.60
C ALA A 270 23.96 -14.98 -8.55
N MSE A 271 23.32 -14.89 -9.70
CA MSE A 271 23.39 -15.94 -10.69
C MSE A 271 24.81 -16.01 -11.25
O MSE A 271 25.43 -17.08 -11.26
CB MSE A 271 22.39 -15.69 -11.81
CG MSE A 271 22.37 -16.78 -12.85
SE MSE A 271 21.31 -16.34 -14.39
CE MSE A 271 22.19 -14.67 -14.88
N VAL A 272 25.34 -14.88 -11.70
CA VAL A 272 26.69 -14.85 -12.26
C VAL A 272 27.68 -15.48 -11.29
N GLN A 273 27.47 -15.25 -10.01
CA GLN A 273 28.31 -15.81 -8.98
C GLN A 273 28.27 -17.34 -9.06
N ASP A 274 27.07 -17.92 -8.96
CA ASP A 274 26.88 -19.37 -9.03
C ASP A 274 27.51 -19.88 -10.31
N TRP A 275 27.25 -19.20 -11.41
CA TRP A 275 27.78 -19.57 -12.72
C TRP A 275 29.29 -19.67 -12.70
N LEU A 276 29.95 -18.63 -12.22
CA LEU A 276 31.40 -18.62 -12.18
C LEU A 276 31.95 -19.75 -11.33
N GLN A 277 31.35 -20.01 -10.18
CA GLN A 277 31.80 -21.09 -9.30
C GLN A 277 31.72 -22.40 -10.10
N VAL A 278 30.58 -22.63 -10.73
CA VAL A 278 30.37 -23.83 -11.54
C VAL A 278 31.46 -23.92 -12.60
N ALA A 279 31.63 -22.84 -13.36
CA ALA A 279 32.63 -22.79 -14.42
C ALA A 279 34.03 -23.10 -13.91
N ALA A 280 34.39 -22.48 -12.80
CA ALA A 280 35.73 -22.69 -12.23
C ALA A 280 35.87 -24.07 -11.58
N ALA A 281 34.76 -24.78 -11.44
CA ALA A 281 34.80 -26.10 -10.83
C ALA A 281 34.54 -27.18 -11.88
N GLY A 282 34.27 -26.76 -13.10
CA GLY A 282 33.99 -27.69 -14.18
C GLY A 282 32.93 -28.70 -13.78
N LYS A 283 32.07 -28.34 -12.83
CA LYS A 283 31.02 -29.23 -12.38
C LYS A 283 29.72 -28.49 -12.12
N LEU A 284 28.60 -29.14 -12.38
CA LEU A 284 27.28 -28.54 -12.16
C LEU A 284 26.39 -29.56 -11.50
N PRO A 285 26.00 -29.33 -10.23
CA PRO A 285 25.14 -30.29 -9.52
C PRO A 285 24.03 -30.90 -10.35
N THR A 286 23.80 -32.18 -10.13
CA THR A 286 22.80 -32.96 -10.85
C THR A 286 21.39 -32.43 -10.75
N HIS A 287 20.94 -32.12 -9.54
CA HIS A 287 19.58 -31.66 -9.35
C HIS A 287 19.29 -30.44 -10.18
N ILE A 288 20.34 -29.71 -10.54
CA ILE A 288 20.15 -28.52 -11.34
C ILE A 288 19.87 -28.89 -12.80
N ILE A 289 20.76 -29.68 -13.39
CA ILE A 289 20.59 -30.12 -14.77
C ILE A 289 19.17 -30.69 -14.95
N GLU A 290 18.77 -31.62 -14.06
CA GLU A 290 17.46 -32.25 -14.14
C GLU A 290 16.34 -31.23 -14.15
N ARG A 291 16.48 -30.17 -13.36
CA ARG A 291 15.46 -29.13 -13.31
C ARG A 291 15.46 -28.40 -14.64
N ASN A 292 16.65 -28.14 -15.17
CA ASN A 292 16.75 -27.46 -16.45
C ASN A 292 16.02 -28.26 -17.52
N LEU A 293 16.38 -29.53 -17.67
CA LEU A 293 15.74 -30.39 -18.64
C LEU A 293 14.26 -30.39 -18.43
N ALA A 294 13.85 -30.73 -17.22
CA ALA A 294 12.44 -30.80 -16.89
C ALA A 294 11.66 -29.54 -17.31
N SER A 295 12.19 -28.36 -16.97
CA SER A 295 11.49 -27.13 -17.33
C SER A 295 11.35 -26.93 -18.85
N HIS A 296 12.37 -27.32 -19.59
CA HIS A 296 12.29 -27.20 -21.02
C HIS A 296 11.43 -28.33 -21.57
N GLN A 297 11.48 -29.49 -20.94
CA GLN A 297 10.65 -30.58 -21.43
C GLN A 297 9.19 -30.24 -21.18
N LEU A 298 8.92 -29.61 -20.04
CA LEU A 298 7.56 -29.20 -19.70
C LEU A 298 7.06 -28.12 -20.67
N ALA A 299 7.93 -27.16 -20.98
CA ALA A 299 7.57 -26.10 -21.90
C ALA A 299 7.18 -26.72 -23.25
N GLU A 300 7.95 -27.72 -23.67
CA GLU A 300 7.68 -28.40 -24.93
C GLU A 300 6.28 -28.99 -24.89
N ALA A 301 6.00 -29.75 -23.83
CA ALA A 301 4.71 -30.39 -23.63
C ALA A 301 3.58 -29.38 -23.69
N ILE A 302 3.76 -28.27 -22.99
CA ILE A 302 2.73 -27.24 -22.96
C ILE A 302 2.44 -26.70 -24.36
N CYS A 303 3.49 -26.41 -25.12
CA CYS A 303 3.36 -25.89 -26.48
C CYS A 303 2.56 -26.81 -27.38
N GLN A 304 2.87 -28.10 -27.32
CA GLN A 304 2.20 -29.09 -28.13
C GLN A 304 0.73 -29.23 -27.81
N GLN A 305 0.39 -29.54 -26.57
CA GLN A 305 -1.02 -29.70 -26.24
C GLN A 305 -1.85 -28.50 -26.68
N ILE A 306 -1.29 -27.28 -26.65
CA ILE A 306 -2.01 -26.08 -27.06
C ILE A 306 -2.15 -26.03 -28.59
N THR A 307 -1.01 -26.02 -29.28
CA THR A 307 -1.01 -25.97 -30.75
C THR A 307 -2.00 -27.00 -31.29
N GLN A 308 -1.99 -28.21 -30.72
CA GLN A 308 -2.90 -29.27 -31.13
C GLN A 308 -4.33 -28.87 -30.86
N GLN A 309 -4.66 -28.73 -29.58
CA GLN A 309 -6.01 -28.37 -29.16
C GLN A 309 -6.59 -27.18 -29.90
N VAL A 310 -5.73 -26.30 -30.41
CA VAL A 310 -6.22 -25.14 -31.12
C VAL A 310 -6.53 -25.50 -32.56
N THR A 311 -5.58 -26.13 -33.23
CA THR A 311 -5.77 -26.53 -34.63
C THR A 311 -6.90 -27.57 -34.73
N LYS A 312 -7.07 -28.35 -33.66
CA LYS A 312 -8.11 -29.36 -33.60
C LYS A 312 -9.48 -28.74 -33.87
N SER B 2 -45.92 -1.44 1.56
CA SER B 2 -45.51 -1.85 2.94
C SER B 2 -45.36 -3.39 3.04
N LEU B 3 -44.48 -3.85 3.93
CA LEU B 3 -44.26 -5.30 4.11
C LEU B 3 -44.06 -5.71 5.56
N LYS B 4 -44.35 -6.97 5.86
CA LYS B 4 -44.20 -7.50 7.21
C LYS B 4 -43.44 -8.82 7.11
N ILE B 5 -42.24 -8.84 7.68
CA ILE B 5 -41.38 -10.02 7.64
C ILE B 5 -41.15 -10.63 9.01
N ALA B 6 -41.14 -11.95 9.07
CA ALA B 6 -40.90 -12.62 10.33
C ALA B 6 -39.46 -13.13 10.35
N MSE B 7 -38.76 -12.92 11.46
CA MSE B 7 -37.40 -13.41 11.55
C MSE B 7 -37.30 -14.53 12.58
O MSE B 7 -37.44 -14.31 13.77
CB MSE B 7 -36.45 -12.27 11.93
CG MSE B 7 -36.05 -11.40 10.74
SE MSE B 7 -34.49 -10.28 11.16
CE MSE B 7 -35.34 -8.54 11.12
N ILE B 8 -37.10 -15.76 12.08
CA ILE B 8 -36.97 -16.93 12.95
C ILE B 8 -35.50 -17.26 13.19
N GLY B 9 -35.13 -17.34 14.46
CA GLY B 9 -33.75 -17.64 14.82
C GLY B 9 -32.90 -16.39 14.87
N LEU B 10 -32.74 -15.81 16.05
CA LEU B 10 -31.95 -14.59 16.21
C LEU B 10 -30.59 -14.87 16.82
N GLY B 11 -29.69 -15.39 16.01
CA GLY B 11 -28.35 -15.70 16.48
C GLY B 11 -27.37 -14.55 16.42
N ASP B 12 -26.12 -14.84 16.08
CA ASP B 12 -25.06 -13.83 15.99
C ASP B 12 -25.15 -13.06 14.68
N ILE B 13 -25.42 -13.76 13.58
CA ILE B 13 -25.52 -13.11 12.29
C ILE B 13 -26.77 -12.23 12.25
N ALA B 14 -27.89 -12.77 12.74
CA ALA B 14 -29.14 -12.03 12.76
C ALA B 14 -28.96 -10.76 13.56
N GLN B 15 -28.20 -10.84 14.65
CA GLN B 15 -27.99 -9.68 15.48
C GLN B 15 -26.93 -8.72 14.96
N LYS B 16 -25.91 -9.25 14.30
CA LYS B 16 -24.85 -8.41 13.77
C LYS B 16 -25.16 -7.76 12.44
N ALA B 17 -25.93 -8.43 11.59
CA ALA B 17 -26.24 -7.89 10.27
C ALA B 17 -27.70 -7.65 9.94
N TYR B 18 -28.51 -8.69 10.03
CA TYR B 18 -29.92 -8.59 9.66
C TYR B 18 -30.82 -7.68 10.48
N LEU B 19 -30.87 -7.89 11.79
CA LEU B 19 -31.73 -7.04 12.60
C LEU B 19 -31.41 -5.57 12.34
N PRO B 20 -30.15 -5.17 12.55
CA PRO B 20 -29.83 -3.75 12.31
C PRO B 20 -30.22 -3.26 10.93
N VAL B 21 -29.96 -4.05 9.90
CA VAL B 21 -30.31 -3.61 8.57
C VAL B 21 -31.82 -3.40 8.38
N LEU B 22 -32.62 -4.33 8.88
CA LEU B 22 -34.08 -4.22 8.75
C LEU B 22 -34.73 -3.37 9.83
N ALA B 23 -33.96 -2.99 10.84
CA ALA B 23 -34.48 -2.16 11.92
C ALA B 23 -34.77 -0.72 11.45
N GLN B 24 -34.00 -0.21 10.50
CA GLN B 24 -34.23 1.14 10.02
C GLN B 24 -34.87 1.17 8.64
N TRP B 25 -35.15 -0.02 8.09
CA TRP B 25 -35.77 -0.12 6.78
C TRP B 25 -37.19 0.44 6.89
N PRO B 26 -37.54 1.33 5.94
CA PRO B 26 -38.85 1.99 5.87
C PRO B 26 -39.92 1.09 5.26
N ASP B 27 -41.13 1.15 5.84
CA ASP B 27 -42.27 0.37 5.39
C ASP B 27 -42.08 -1.12 5.64
N ILE B 28 -41.45 -1.46 6.75
CA ILE B 28 -41.20 -2.86 7.08
C ILE B 28 -41.40 -3.16 8.56
N GLU B 29 -42.40 -3.97 8.85
CA GLU B 29 -42.70 -4.37 10.22
C GLU B 29 -42.14 -5.77 10.44
N LEU B 30 -41.48 -5.96 11.58
CA LEU B 30 -40.86 -7.24 11.93
C LEU B 30 -41.63 -8.03 12.97
N VAL B 31 -41.40 -9.34 12.97
CA VAL B 31 -42.04 -10.25 13.92
C VAL B 31 -40.94 -11.12 14.53
N LEU B 32 -40.22 -10.58 15.50
CA LEU B 32 -39.13 -11.34 16.10
C LEU B 32 -39.55 -12.68 16.71
N CYS B 33 -38.89 -13.75 16.27
CA CYS B 33 -39.14 -15.09 16.77
C CYS B 33 -37.86 -15.86 17.09
N THR B 34 -37.80 -16.45 18.28
CA THR B 34 -36.63 -17.20 18.68
C THR B 34 -36.85 -18.02 19.95
N ARG B 35 -36.17 -19.15 20.04
CA ARG B 35 -36.27 -20.03 21.20
C ARG B 35 -36.11 -19.26 22.49
N ASN B 36 -34.87 -18.93 22.82
CA ASN B 36 -34.54 -18.20 24.04
C ASN B 36 -35.37 -16.95 24.25
N PRO B 37 -36.09 -16.86 25.38
CA PRO B 37 -36.93 -15.71 25.70
C PRO B 37 -36.12 -14.45 26.04
N LYS B 38 -35.11 -14.64 26.89
CA LYS B 38 -34.23 -13.56 27.32
C LYS B 38 -33.81 -12.70 26.13
N VAL B 39 -33.04 -13.32 25.24
CA VAL B 39 -32.54 -12.66 24.05
C VAL B 39 -33.69 -11.97 23.34
N LEU B 40 -34.75 -12.72 23.07
CA LEU B 40 -35.91 -12.17 22.40
C LEU B 40 -36.33 -10.79 22.88
N GLY B 41 -36.85 -10.71 24.10
CA GLY B 41 -37.28 -9.44 24.64
C GLY B 41 -36.24 -8.34 24.54
N THR B 42 -35.00 -8.67 24.89
CA THR B 42 -33.94 -7.67 24.83
C THR B 42 -33.96 -7.04 23.45
N LEU B 43 -33.88 -7.88 22.42
CA LEU B 43 -33.88 -7.41 21.04
C LEU B 43 -35.17 -6.68 20.70
N ALA B 44 -36.32 -7.22 21.11
CA ALA B 44 -37.60 -6.60 20.81
C ALA B 44 -37.67 -5.19 21.42
N THR B 45 -36.99 -5.01 22.55
CA THR B 45 -36.98 -3.73 23.23
C THR B 45 -35.94 -2.80 22.62
N ARG B 46 -34.76 -3.37 22.32
CA ARG B 46 -33.66 -2.61 21.75
C ARG B 46 -34.04 -2.02 20.38
N TYR B 47 -34.72 -2.80 19.56
CA TYR B 47 -35.13 -2.33 18.24
C TYR B 47 -36.57 -1.83 18.23
N ARG B 48 -37.19 -1.82 19.41
CA ARG B 48 -38.57 -1.37 19.56
C ARG B 48 -39.54 -2.05 18.59
N VAL B 49 -39.70 -3.36 18.78
CA VAL B 49 -40.61 -4.17 17.97
C VAL B 49 -41.71 -4.68 18.88
N SER B 50 -42.95 -4.59 18.43
CA SER B 50 -44.10 -5.02 19.21
C SER B 50 -44.47 -6.48 18.91
N ALA B 51 -44.22 -6.91 17.69
CA ALA B 51 -44.53 -8.28 17.29
C ALA B 51 -43.48 -9.27 17.85
N THR B 52 -43.81 -9.87 18.99
CA THR B 52 -42.95 -10.84 19.69
C THR B 52 -43.39 -12.26 19.36
N CYS B 53 -42.62 -13.26 19.77
CA CYS B 53 -42.96 -14.65 19.47
C CYS B 53 -41.91 -15.60 20.05
N THR B 54 -42.29 -16.83 20.34
CA THR B 54 -41.35 -17.78 20.90
C THR B 54 -41.42 -19.11 20.15
N ASP B 55 -42.39 -19.21 19.25
CA ASP B 55 -42.52 -20.43 18.46
C ASP B 55 -42.81 -20.12 17.00
N TYR B 56 -41.95 -20.64 16.13
CA TYR B 56 -42.09 -20.41 14.70
C TYR B 56 -43.45 -20.80 14.17
N ARG B 57 -44.24 -21.48 14.98
CA ARG B 57 -45.57 -21.88 14.55
C ARG B 57 -46.61 -20.80 14.86
N ASP B 58 -46.38 -20.06 15.93
CA ASP B 58 -47.28 -18.97 16.34
C ASP B 58 -47.01 -17.77 15.46
N VAL B 59 -46.54 -18.04 14.25
CA VAL B 59 -46.21 -16.96 13.33
C VAL B 59 -47.32 -16.53 12.37
N LEU B 60 -48.13 -17.47 11.86
CA LEU B 60 -49.17 -17.06 10.92
C LEU B 60 -50.28 -16.25 11.57
N GLN B 61 -50.14 -16.02 12.87
CA GLN B 61 -51.10 -15.23 13.63
C GLN B 61 -50.77 -13.76 13.43
N TYR B 62 -49.86 -13.48 12.49
CA TYR B 62 -49.45 -12.11 12.20
C TYR B 62 -49.52 -11.81 10.71
N GLY B 63 -50.02 -12.76 9.93
CA GLY B 63 -50.16 -12.57 8.50
C GLY B 63 -48.93 -11.97 7.84
N VAL B 64 -47.80 -12.65 8.04
CA VAL B 64 -46.53 -12.21 7.49
C VAL B 64 -46.50 -12.42 6.00
N ASP B 65 -45.68 -11.62 5.31
CA ASP B 65 -45.57 -11.73 3.86
C ASP B 65 -44.42 -12.63 3.46
N ALA B 66 -43.52 -12.85 4.42
CA ALA B 66 -42.34 -13.68 4.19
C ALA B 66 -41.56 -13.85 5.50
N VAL B 67 -40.74 -14.88 5.56
CA VAL B 67 -39.94 -15.15 6.75
C VAL B 67 -38.44 -15.28 6.44
N MSE B 68 -37.63 -15.03 7.47
CA MSE B 68 -36.17 -15.13 7.33
C MSE B 68 -35.61 -16.04 8.41
O MSE B 68 -35.64 -15.70 9.59
CB MSE B 68 -35.55 -13.73 7.44
CG MSE B 68 -35.86 -12.84 6.25
SE MSE B 68 -35.24 -11.01 6.46
CE MSE B 68 -33.52 -11.16 5.57
N ILE B 69 -35.12 -17.21 8.01
CA ILE B 69 -34.55 -18.16 8.97
C ILE B 69 -33.05 -17.94 9.10
N HIS B 70 -32.62 -17.58 10.30
CA HIS B 70 -31.20 -17.34 10.58
C HIS B 70 -30.70 -18.32 11.64
N ALA B 71 -31.42 -19.42 11.81
CA ALA B 71 -31.03 -20.42 12.79
C ALA B 71 -29.88 -21.28 12.26
N ALA B 72 -29.50 -22.31 13.01
CA ALA B 72 -28.41 -23.21 12.64
C ALA B 72 -28.74 -24.02 11.38
N THR B 73 -27.73 -24.64 10.79
CA THR B 73 -27.96 -25.41 9.56
C THR B 73 -28.86 -26.63 9.79
N ASP B 74 -28.64 -27.32 10.91
CA ASP B 74 -29.41 -28.52 11.25
C ASP B 74 -30.93 -28.30 11.38
N VAL B 75 -31.36 -27.06 11.57
CA VAL B 75 -32.78 -26.76 11.71
C VAL B 75 -33.30 -25.92 10.53
N HIS B 76 -32.46 -25.71 9.52
CA HIS B 76 -32.84 -24.93 8.34
C HIS B 76 -34.00 -25.57 7.61
N SER B 77 -33.81 -26.80 7.17
CA SER B 77 -34.84 -27.53 6.45
C SER B 77 -36.17 -27.49 7.18
N THR B 78 -36.21 -28.14 8.33
CA THR B 78 -37.43 -28.19 9.12
C THR B 78 -38.23 -26.88 9.08
N LEU B 79 -37.61 -25.77 9.47
CA LEU B 79 -38.28 -24.48 9.46
C LEU B 79 -38.65 -24.04 8.04
N ALA B 80 -37.71 -24.22 7.12
CA ALA B 80 -37.92 -23.84 5.73
C ALA B 80 -39.13 -24.54 5.12
N ALA B 81 -39.32 -25.80 5.47
CA ALA B 81 -40.44 -26.58 4.96
C ALA B 81 -41.75 -26.14 5.59
N PHE B 82 -41.71 -25.85 6.88
CA PHE B 82 -42.90 -25.44 7.59
C PHE B 82 -43.58 -24.24 6.95
N PHE B 83 -42.79 -23.26 6.50
CA PHE B 83 -43.35 -22.08 5.89
C PHE B 83 -43.60 -22.24 4.41
N LEU B 84 -42.81 -23.06 3.75
CA LEU B 84 -43.01 -23.28 2.33
C LEU B 84 -44.27 -24.10 2.13
N HIS B 85 -44.62 -24.91 3.14
CA HIS B 85 -45.83 -25.74 3.10
C HIS B 85 -47.00 -24.77 3.10
N LEU B 86 -47.08 -24.03 4.19
CA LEU B 86 -48.14 -23.06 4.39
C LEU B 86 -48.20 -22.05 3.26
N GLY B 87 -47.15 -21.95 2.46
CA GLY B 87 -47.15 -21.01 1.36
C GLY B 87 -46.66 -19.63 1.78
N ILE B 88 -45.40 -19.59 2.18
CA ILE B 88 -44.75 -18.36 2.63
C ILE B 88 -43.38 -18.20 1.99
N PRO B 89 -43.11 -17.04 1.37
CA PRO B 89 -41.80 -16.84 0.75
C PRO B 89 -40.77 -17.02 1.87
N THR B 90 -39.79 -17.88 1.66
CA THR B 90 -38.76 -18.14 2.68
C THR B 90 -37.35 -17.70 2.29
N PHE B 91 -36.64 -17.13 3.25
CA PHE B 91 -35.25 -16.66 3.10
C PHE B 91 -34.37 -17.46 4.05
N VAL B 92 -33.34 -18.10 3.52
CA VAL B 92 -32.45 -18.88 4.36
C VAL B 92 -30.99 -18.47 4.19
N ASP B 93 -30.28 -18.44 5.30
CA ASP B 93 -28.87 -18.07 5.31
C ASP B 93 -28.02 -19.25 4.88
N LYS B 94 -26.97 -18.97 4.11
CA LYS B 94 -26.07 -20.01 3.64
C LYS B 94 -25.50 -20.76 4.85
N PRO B 95 -25.42 -22.10 4.75
CA PRO B 95 -25.87 -22.87 3.58
C PRO B 95 -27.36 -23.20 3.69
N LEU B 96 -28.00 -23.40 2.54
CA LEU B 96 -29.44 -23.69 2.55
C LEU B 96 -29.71 -24.92 3.41
N ALA B 97 -28.97 -25.98 3.13
CA ALA B 97 -29.11 -27.22 3.88
C ALA B 97 -27.74 -27.82 4.13
N ALA B 98 -27.74 -28.93 4.87
CA ALA B 98 -26.50 -29.63 5.19
C ALA B 98 -26.07 -30.60 4.11
N SER B 99 -26.94 -30.81 3.12
CA SER B 99 -26.68 -31.73 2.00
C SER B 99 -27.35 -31.29 0.72
N ALA B 100 -26.77 -31.65 -0.42
CA ALA B 100 -27.36 -31.29 -1.70
C ALA B 100 -28.74 -31.90 -1.81
N GLN B 101 -28.89 -33.11 -1.28
CA GLN B 101 -30.17 -33.81 -1.32
C GLN B 101 -31.25 -32.91 -0.73
N GLU B 102 -31.07 -32.51 0.53
CA GLU B 102 -32.01 -31.65 1.23
C GLU B 102 -32.32 -30.36 0.46
N CYS B 103 -31.31 -29.79 -0.20
CA CYS B 103 -31.48 -28.55 -0.97
C CYS B 103 -32.45 -28.75 -2.11
N GLU B 104 -32.21 -29.81 -2.88
CA GLU B 104 -33.07 -30.13 -4.01
C GLU B 104 -34.48 -30.38 -3.46
N ASN B 105 -34.56 -31.12 -2.35
CA ASN B 105 -35.83 -31.43 -1.69
C ASN B 105 -36.59 -30.15 -1.39
N LEU B 106 -35.95 -29.24 -0.66
CA LEU B 106 -36.56 -27.97 -0.29
C LEU B 106 -36.95 -27.18 -1.52
N TYR B 107 -36.13 -27.26 -2.56
CA TYR B 107 -36.45 -26.51 -3.78
C TYR B 107 -37.55 -27.16 -4.61
N GLU B 108 -37.77 -28.46 -4.41
CA GLU B 108 -38.81 -29.16 -5.13
C GLU B 108 -40.14 -28.84 -4.44
N LEU B 109 -40.08 -28.70 -3.12
CA LEU B 109 -41.25 -28.38 -2.33
C LEU B 109 -41.62 -26.92 -2.54
N ALA B 110 -40.62 -26.13 -2.89
CA ALA B 110 -40.81 -24.71 -3.11
C ALA B 110 -41.66 -24.45 -4.36
N GLU B 111 -41.25 -25.00 -5.49
CA GLU B 111 -42.02 -24.82 -6.72
C GLU B 111 -43.33 -25.58 -6.59
N LYS B 112 -43.33 -26.61 -5.74
CA LYS B 112 -44.52 -27.40 -5.51
C LYS B 112 -45.63 -26.50 -5.00
N HIS B 113 -45.28 -25.62 -4.07
CA HIS B 113 -46.25 -24.69 -3.50
C HIS B 113 -46.15 -23.32 -4.15
N HIS B 114 -45.37 -23.25 -5.22
CA HIS B 114 -45.17 -21.99 -5.95
C HIS B 114 -44.75 -20.85 -5.02
N GLN B 115 -43.71 -21.10 -4.24
CA GLN B 115 -43.17 -20.10 -3.31
C GLN B 115 -41.67 -19.95 -3.51
N PRO B 116 -41.16 -18.72 -3.39
CA PRO B 116 -39.73 -18.47 -3.55
C PRO B 116 -38.88 -18.86 -2.33
N LEU B 117 -37.67 -19.35 -2.60
CA LEU B 117 -36.72 -19.75 -1.56
C LEU B 117 -35.39 -19.02 -1.80
N TYR B 118 -35.25 -17.83 -1.21
CA TYR B 118 -34.05 -17.02 -1.35
C TYR B 118 -32.94 -17.48 -0.42
N VAL B 119 -31.75 -17.70 -0.97
CA VAL B 119 -30.59 -18.10 -0.16
C VAL B 119 -29.68 -16.87 0.00
N GLY B 120 -29.35 -16.57 1.25
CA GLY B 120 -28.52 -15.41 1.55
C GLY B 120 -27.06 -15.50 1.17
N PHE B 121 -26.73 -14.89 0.02
CA PHE B 121 -25.37 -14.85 -0.48
C PHE B 121 -24.95 -13.41 -0.67
N ASN B 122 -24.52 -12.76 0.41
CA ASN B 122 -24.11 -11.36 0.32
C ASN B 122 -22.99 -11.11 -0.69
N ARG B 123 -22.12 -12.09 -0.90
CA ARG B 123 -21.03 -11.90 -1.85
C ARG B 123 -21.48 -11.70 -3.30
N ARG B 124 -22.79 -11.58 -3.52
CA ARG B 124 -23.30 -11.37 -4.88
C ARG B 124 -23.80 -9.93 -5.00
N HIS B 125 -23.97 -9.29 -3.86
CA HIS B 125 -24.47 -7.94 -3.80
C HIS B 125 -23.52 -6.98 -3.14
N ILE B 126 -22.24 -7.07 -3.48
CA ILE B 126 -21.28 -6.15 -2.88
C ILE B 126 -21.15 -4.91 -3.74
N PRO B 127 -21.62 -3.77 -3.22
CA PRO B 127 -21.58 -2.50 -3.93
C PRO B 127 -20.30 -2.18 -4.69
N LEU B 128 -19.16 -2.18 -4.01
CA LEU B 128 -17.92 -1.85 -4.69
C LEU B 128 -17.59 -2.81 -5.84
N TYR B 129 -17.85 -4.10 -5.68
CA TYR B 129 -17.54 -5.05 -6.73
C TYR B 129 -18.53 -5.00 -7.90
N ASN B 130 -19.82 -4.94 -7.57
CA ASN B 130 -20.81 -4.88 -8.62
C ASN B 130 -20.72 -3.56 -9.37
N GLN B 131 -20.07 -2.56 -8.80
CA GLN B 131 -19.94 -1.29 -9.48
C GLN B 131 -19.00 -1.38 -10.65
N HIS B 132 -17.79 -1.86 -10.41
CA HIS B 132 -16.77 -1.98 -11.46
C HIS B 132 -16.89 -3.27 -12.23
N LEU B 133 -17.44 -4.30 -11.59
CA LEU B 133 -17.59 -5.60 -12.23
C LEU B 133 -19.07 -5.91 -12.48
N SER B 134 -19.59 -5.42 -13.60
CA SER B 134 -20.99 -5.64 -13.92
C SER B 134 -21.38 -7.11 -14.05
N GLU B 135 -20.42 -7.95 -14.44
CA GLU B 135 -20.67 -9.38 -14.57
C GLU B 135 -21.15 -10.01 -13.24
N LEU B 136 -20.72 -9.46 -12.11
CA LEU B 136 -21.12 -10.00 -10.82
C LEU B 136 -22.54 -9.55 -10.46
N ALA B 137 -22.93 -8.39 -10.98
CA ALA B 137 -24.26 -7.82 -10.76
C ALA B 137 -25.27 -8.59 -11.60
N GLN B 138 -24.87 -8.94 -12.82
CA GLN B 138 -25.73 -9.69 -13.73
C GLN B 138 -25.67 -11.18 -13.40
N GLN B 139 -24.60 -11.60 -12.74
CA GLN B 139 -24.44 -12.99 -12.36
C GLN B 139 -24.20 -13.87 -13.60
N GLU B 140 -23.17 -13.54 -14.36
CA GLU B 140 -22.84 -14.28 -15.58
C GLU B 140 -21.38 -14.02 -15.94
N CYS B 141 -20.75 -14.99 -16.62
CA CYS B 141 -19.35 -14.84 -17.01
C CYS B 141 -19.02 -13.57 -17.80
N GLY B 142 -19.90 -13.21 -18.73
CA GLY B 142 -19.69 -12.00 -19.51
C GLY B 142 -18.34 -11.92 -20.21
N ALA B 143 -17.70 -10.75 -20.12
CA ALA B 143 -16.41 -10.53 -20.78
C ALA B 143 -15.23 -10.91 -19.89
N LEU B 144 -15.52 -11.43 -18.70
CA LEU B 144 -14.46 -11.83 -17.79
C LEU B 144 -13.55 -12.89 -18.41
N ARG B 145 -12.25 -12.75 -18.20
CA ARG B 145 -11.29 -13.71 -18.73
C ARG B 145 -10.89 -14.58 -17.55
N SER B 146 -10.86 -13.98 -16.36
CA SER B 146 -10.52 -14.73 -15.14
C SER B 146 -11.09 -14.05 -13.89
N LEU B 147 -11.39 -14.86 -12.88
CA LEU B 147 -11.93 -14.35 -11.66
C LEU B 147 -11.49 -15.25 -10.50
N ARG B 148 -10.67 -14.71 -9.59
CA ARG B 148 -10.18 -15.47 -8.45
C ARG B 148 -10.70 -14.87 -7.15
N TRP B 149 -11.37 -15.70 -6.34
CA TRP B 149 -11.91 -15.25 -5.08
C TRP B 149 -11.22 -16.01 -3.98
N GLU B 150 -10.31 -15.35 -3.26
CA GLU B 150 -9.58 -15.99 -2.17
C GLU B 150 -10.11 -15.53 -0.82
N LYS B 151 -10.41 -16.47 0.06
CA LYS B 151 -10.88 -16.08 1.40
C LYS B 151 -10.10 -16.94 2.38
N HIS B 152 -9.05 -16.37 2.97
CA HIS B 152 -8.22 -17.13 3.88
C HIS B 152 -8.42 -16.82 5.34
N ARG B 153 -8.01 -17.76 6.19
CA ARG B 153 -8.12 -17.61 7.64
C ARG B 153 -6.82 -18.07 8.26
N HIS B 154 -6.44 -17.44 9.37
CA HIS B 154 -5.23 -17.81 10.08
C HIS B 154 -5.54 -18.86 11.13
N ALA B 155 -4.86 -20.01 11.04
CA ALA B 155 -5.04 -21.08 12.02
C ALA B 155 -6.49 -21.39 12.32
N LEU B 156 -7.17 -22.04 11.39
CA LEU B 156 -8.58 -22.35 11.60
C LEU B 156 -9.07 -23.47 10.70
N PRO B 157 -8.36 -24.60 10.68
CA PRO B 157 -8.77 -25.72 9.83
C PRO B 157 -10.01 -26.37 10.42
N GLY B 158 -10.65 -27.25 9.67
CA GLY B 158 -11.84 -27.89 10.19
C GLY B 158 -12.22 -29.14 9.43
N ASP B 159 -13.31 -29.77 9.83
CA ASP B 159 -13.78 -30.98 9.16
C ASP B 159 -14.31 -30.62 7.77
N ILE B 160 -14.10 -31.52 6.81
CA ILE B 160 -14.55 -31.32 5.44
C ILE B 160 -15.94 -30.69 5.31
N ARG B 161 -16.91 -31.34 5.91
CA ARG B 161 -18.30 -30.89 5.90
C ARG B 161 -18.48 -29.41 6.24
N THR B 162 -18.14 -29.04 7.47
CA THR B 162 -18.30 -27.67 7.90
C THR B 162 -17.44 -26.68 7.11
N PHE B 163 -16.18 -27.03 6.91
CA PHE B 163 -15.26 -26.19 6.16
C PHE B 163 -15.89 -25.83 4.81
N VAL B 164 -16.47 -26.81 4.14
CA VAL B 164 -17.05 -26.55 2.83
C VAL B 164 -18.39 -25.80 2.83
N PHE B 165 -19.45 -26.45 3.30
CA PHE B 165 -20.80 -25.89 3.33
C PHE B 165 -21.01 -24.64 4.14
N ASP B 166 -20.22 -24.45 5.17
CA ASP B 166 -20.39 -23.26 6.00
C ASP B 166 -19.42 -22.10 5.73
N ASP B 167 -18.34 -22.36 4.98
CA ASP B 167 -17.36 -21.31 4.73
C ASP B 167 -16.93 -21.19 3.25
N PHE B 168 -16.39 -22.26 2.68
CA PHE B 168 -15.93 -22.27 1.29
C PHE B 168 -17.05 -21.95 0.31
N ILE B 169 -18.27 -22.24 0.74
CA ILE B 169 -19.47 -22.01 -0.06
C ILE B 169 -19.51 -20.55 -0.53
N HIS B 170 -18.95 -19.65 0.27
CA HIS B 170 -18.93 -18.23 -0.09
C HIS B 170 -18.10 -17.99 -1.35
N PRO B 171 -16.78 -18.24 -1.28
CA PRO B 171 -15.99 -18.00 -2.50
C PRO B 171 -16.43 -18.91 -3.64
N LEU B 172 -16.69 -20.18 -3.33
CA LEU B 172 -17.13 -21.14 -4.33
C LEU B 172 -18.35 -20.64 -5.10
N ASP B 173 -19.33 -20.07 -4.39
CA ASP B 173 -20.52 -19.59 -5.05
C ASP B 173 -20.33 -18.28 -5.79
N SER B 174 -19.53 -17.38 -5.20
CA SER B 174 -19.29 -16.07 -5.79
C SER B 174 -18.62 -16.16 -7.14
N VAL B 175 -17.80 -17.18 -7.35
CA VAL B 175 -17.13 -17.29 -8.62
C VAL B 175 -17.85 -18.26 -9.56
N ASN B 176 -18.99 -18.77 -9.11
CA ASN B 176 -19.79 -19.72 -9.87
C ASN B 176 -20.80 -19.10 -10.84
N LEU B 177 -20.29 -18.32 -11.79
CA LEU B 177 -21.16 -17.66 -12.75
C LEU B 177 -21.67 -18.58 -13.85
N SER B 178 -21.14 -19.80 -13.91
CA SER B 178 -21.57 -20.74 -14.93
C SER B 178 -22.42 -21.89 -14.39
N ARG B 179 -22.91 -21.76 -13.16
CA ARG B 179 -23.73 -22.80 -12.55
C ARG B 179 -23.08 -24.20 -12.56
N GLN B 180 -21.80 -24.28 -12.23
CA GLN B 180 -21.06 -25.55 -12.19
C GLN B 180 -21.66 -26.39 -11.06
N CYS B 181 -21.94 -27.65 -11.33
CA CYS B 181 -22.54 -28.48 -10.27
C CYS B 181 -21.87 -29.82 -10.01
N ASN B 182 -20.76 -30.06 -10.68
CA ASN B 182 -20.05 -31.32 -10.50
C ASN B 182 -18.56 -31.07 -10.65
N LEU B 183 -17.79 -32.14 -10.66
CA LEU B 183 -16.35 -32.00 -10.80
C LEU B 183 -15.91 -32.20 -12.24
N ASP B 184 -16.84 -32.03 -13.17
CA ASP B 184 -16.53 -32.19 -14.58
C ASP B 184 -15.60 -31.10 -15.08
N ASP B 185 -14.56 -31.48 -15.79
CA ASP B 185 -13.59 -30.54 -16.35
C ASP B 185 -13.15 -29.52 -15.32
N LEU B 186 -13.21 -29.91 -14.05
CA LEU B 186 -12.84 -29.04 -12.94
C LEU B 186 -11.56 -29.54 -12.26
N HIS B 187 -10.79 -28.64 -11.67
CA HIS B 187 -9.55 -29.04 -11.00
C HIS B 187 -9.63 -28.75 -9.49
N LEU B 188 -9.62 -29.81 -8.70
CA LEU B 188 -9.71 -29.68 -7.26
C LEU B 188 -8.45 -30.16 -6.55
N THR B 189 -7.89 -29.31 -5.72
CA THR B 189 -6.70 -29.66 -4.97
C THR B 189 -6.97 -29.26 -3.54
N TYR B 190 -6.22 -29.82 -2.59
CA TYR B 190 -6.42 -29.48 -1.20
C TYR B 190 -5.29 -30.00 -0.33
N HIS B 191 -5.36 -29.68 0.94
CA HIS B 191 -4.34 -30.11 1.85
C HIS B 191 -4.96 -30.35 3.21
N MSE B 192 -4.59 -31.46 3.84
CA MSE B 192 -5.10 -31.80 5.17
C MSE B 192 -3.99 -31.54 6.18
O MSE B 192 -2.84 -31.42 5.81
CB MSE B 192 -5.50 -33.28 5.21
CG MSE B 192 -6.56 -33.71 4.22
SE MSE B 192 -8.36 -33.28 4.76
CE MSE B 192 -9.03 -32.62 3.09
N SER B 193 -4.36 -31.42 7.45
CA SER B 193 -3.35 -31.19 8.46
C SER B 193 -3.90 -31.62 9.81
N GLU B 194 -3.15 -32.50 10.48
CA GLU B 194 -3.52 -33.03 11.78
C GLU B 194 -4.92 -33.61 11.73
N GLY B 195 -5.29 -34.15 10.56
CA GLY B 195 -6.61 -34.75 10.40
C GLY B 195 -7.75 -33.83 10.01
N LEU B 196 -7.44 -32.57 9.72
CA LEU B 196 -8.44 -31.58 9.34
C LEU B 196 -8.14 -31.02 7.95
N LEU B 197 -9.10 -30.28 7.41
CA LEU B 197 -8.96 -29.64 6.10
C LEU B 197 -8.32 -28.27 6.30
N ALA B 198 -7.22 -27.99 5.60
CA ALA B 198 -6.51 -26.72 5.75
C ALA B 198 -6.70 -25.72 4.60
N ARG B 199 -6.51 -26.18 3.37
CA ARG B 199 -6.69 -25.33 2.20
C ARG B 199 -7.46 -26.10 1.15
N LEU B 200 -8.25 -25.40 0.35
CA LEU B 200 -9.08 -26.01 -0.68
C LEU B 200 -9.10 -25.07 -1.86
N ASP B 201 -8.85 -25.62 -3.05
CA ASP B 201 -8.84 -24.82 -4.27
C ASP B 201 -9.66 -25.49 -5.36
N VAL B 202 -10.65 -24.77 -5.88
CA VAL B 202 -11.50 -25.27 -6.96
C VAL B 202 -11.31 -24.34 -8.14
N GLN B 203 -10.92 -24.90 -9.27
CA GLN B 203 -10.66 -24.14 -10.47
C GLN B 203 -11.17 -24.85 -11.71
N TRP B 204 -11.82 -24.10 -12.59
CA TRP B 204 -12.35 -24.67 -13.82
C TRP B 204 -12.55 -23.56 -14.84
N GLN B 205 -12.67 -23.93 -16.11
CA GLN B 205 -12.85 -22.94 -17.16
C GLN B 205 -14.10 -23.15 -18.03
N THR B 206 -15.03 -22.20 -17.94
CA THR B 206 -16.28 -22.23 -18.69
C THR B 206 -16.28 -21.20 -19.81
N GLY B 207 -15.90 -21.64 -21.00
CA GLY B 207 -15.86 -20.76 -22.16
C GLY B 207 -14.54 -20.04 -22.19
N ASP B 208 -14.56 -18.72 -22.08
CA ASP B 208 -13.33 -17.96 -22.07
C ASP B 208 -13.09 -17.35 -20.72
N THR B 209 -13.71 -17.94 -19.69
CA THR B 209 -13.56 -17.41 -18.34
C THR B 209 -13.00 -18.43 -17.35
N LEU B 210 -11.84 -18.13 -16.79
CA LEU B 210 -11.23 -19.01 -15.80
C LEU B 210 -11.70 -18.59 -14.41
N LEU B 211 -12.54 -19.41 -13.79
CA LEU B 211 -13.08 -19.14 -12.47
C LEU B 211 -12.30 -19.95 -11.42
N HIS B 212 -11.85 -19.27 -10.37
CA HIS B 212 -11.05 -19.91 -9.33
C HIS B 212 -11.43 -19.53 -7.89
N ALA B 213 -11.82 -20.52 -7.10
CA ALA B 213 -12.18 -20.31 -5.70
C ALA B 213 -11.14 -20.99 -4.81
N SER B 214 -10.54 -20.21 -3.91
CA SER B 214 -9.55 -20.78 -2.99
C SER B 214 -9.73 -20.32 -1.57
N MSE B 215 -9.48 -21.23 -0.64
CA MSE B 215 -9.60 -20.93 0.77
C MSE B 215 -8.53 -21.68 1.53
O MSE B 215 -8.53 -22.91 1.57
CB MSE B 215 -10.97 -21.35 1.27
CG MSE B 215 -11.11 -21.23 2.77
SE MSE B 215 -12.87 -21.60 3.38
CE MSE B 215 -13.72 -19.97 2.72
N ASN B 216 -7.59 -20.94 2.13
CA ASN B 216 -6.53 -21.53 2.92
C ASN B 216 -6.77 -21.13 4.37
N ARG B 217 -7.44 -21.99 5.12
CA ARG B 217 -7.74 -21.67 6.51
C ARG B 217 -6.60 -21.99 7.44
N GLN B 218 -5.39 -21.90 6.89
CA GLN B 218 -4.21 -22.13 7.68
C GLN B 218 -3.17 -21.21 7.04
N PHE B 219 -3.68 -20.04 6.70
CA PHE B 219 -2.93 -18.96 6.06
C PHE B 219 -2.24 -18.16 7.16
N GLY B 220 -1.40 -17.20 6.76
CA GLY B 220 -0.70 -16.39 7.73
C GLY B 220 -1.57 -15.29 8.33
N ILE B 221 -2.67 -14.98 7.66
CA ILE B 221 -3.56 -13.94 8.14
C ILE B 221 -4.96 -14.23 7.63
N THR B 222 -5.96 -13.59 8.23
CA THR B 222 -7.33 -13.76 7.81
C THR B 222 -7.61 -12.57 6.88
N THR B 223 -7.92 -12.87 5.62
CA THR B 223 -8.19 -11.82 4.62
C THR B 223 -8.90 -12.41 3.43
N GLU B 224 -9.58 -11.57 2.65
CA GLU B 224 -10.28 -12.05 1.49
C GLU B 224 -9.91 -11.15 0.31
N HIS B 225 -9.46 -11.75 -0.78
CA HIS B 225 -9.06 -11.02 -1.99
C HIS B 225 -9.82 -11.46 -3.24
N VAL B 226 -10.15 -10.52 -4.10
CA VAL B 226 -10.85 -10.84 -5.34
C VAL B 226 -10.08 -10.26 -6.50
N THR B 227 -9.75 -11.10 -7.47
CA THR B 227 -9.04 -10.63 -8.64
C THR B 227 -9.87 -10.92 -9.86
N ALA B 228 -9.92 -9.97 -10.79
CA ALA B 228 -10.71 -10.16 -11.98
C ALA B 228 -9.99 -9.57 -13.17
N SER B 229 -9.82 -10.34 -14.23
CA SER B 229 -9.16 -9.80 -15.42
C SER B 229 -9.99 -9.88 -16.69
N TYR B 230 -10.02 -8.77 -17.42
CA TYR B 230 -10.71 -8.70 -18.70
C TYR B 230 -9.57 -8.57 -19.70
N ASP B 231 -9.89 -8.27 -20.95
CA ASP B 231 -8.83 -8.12 -21.91
C ASP B 231 -8.17 -6.77 -21.68
N ASN B 232 -6.90 -6.84 -21.30
CA ASN B 232 -6.11 -5.64 -21.02
C ASN B 232 -6.66 -4.76 -19.91
N VAL B 233 -7.42 -5.36 -19.01
CA VAL B 233 -7.98 -4.64 -17.87
C VAL B 233 -8.07 -5.61 -16.69
N ALA B 234 -7.78 -5.14 -15.48
CA ALA B 234 -7.85 -5.98 -14.29
C ALA B 234 -8.13 -5.19 -13.00
N TYR B 235 -8.71 -5.88 -12.02
CA TYR B 235 -9.04 -5.30 -10.73
C TYR B 235 -8.57 -6.22 -9.61
N LEU B 236 -8.21 -5.62 -8.48
CA LEU B 236 -7.76 -6.39 -7.32
C LEU B 236 -8.30 -5.71 -6.09
N PHE B 237 -9.19 -6.41 -5.40
CA PHE B 237 -9.77 -5.88 -4.18
C PHE B 237 -9.20 -6.63 -2.98
N ASP B 238 -8.55 -5.89 -2.10
CA ASP B 238 -7.96 -6.50 -0.92
C ASP B 238 -8.93 -6.41 0.24
N SER B 239 -10.05 -5.71 0.03
CA SER B 239 -11.10 -5.58 1.03
C SER B 239 -12.44 -5.37 0.32
N PHE B 240 -13.48 -5.03 1.06
CA PHE B 240 -14.78 -4.80 0.44
C PHE B 240 -14.99 -3.33 0.17
N THR B 241 -14.04 -2.49 0.58
CA THR B 241 -14.23 -1.05 0.41
C THR B 241 -13.17 -0.37 -0.42
N GLN B 242 -12.11 -1.12 -0.75
CA GLN B 242 -11.00 -0.55 -1.49
C GLN B 242 -10.40 -1.55 -2.48
N GLY B 243 -9.77 -1.03 -3.52
CA GLY B 243 -9.16 -1.91 -4.51
C GLY B 243 -8.23 -1.16 -5.45
N LYS B 244 -7.64 -1.88 -6.41
CA LYS B 244 -6.75 -1.27 -7.40
C LYS B 244 -7.30 -1.57 -8.79
N MSE B 245 -7.26 -0.59 -9.69
CA MSE B 245 -7.72 -0.84 -11.04
C MSE B 245 -6.56 -0.65 -12.01
O MSE B 245 -5.96 0.43 -12.07
CB MSE B 245 -8.85 0.10 -11.45
CG MSE B 245 -9.40 -0.20 -12.83
SE MSE B 245 -10.73 1.09 -13.42
CE MSE B 245 -9.49 2.53 -13.84
N TRP B 246 -6.23 -1.73 -12.72
CA TRP B 246 -5.14 -1.74 -13.68
C TRP B 246 -5.70 -1.62 -15.10
N ARG B 247 -5.33 -0.54 -15.76
CA ARG B 247 -5.81 -0.21 -17.10
C ARG B 247 -4.76 0.63 -17.83
N ASP B 248 -4.49 0.31 -19.09
CA ASP B 248 -3.51 1.08 -19.84
C ASP B 248 -2.17 1.10 -19.16
N ASN B 249 -1.86 0.00 -18.49
CA ASN B 249 -0.60 -0.17 -17.77
C ASN B 249 -0.40 0.85 -16.65
N GLN B 250 -1.51 1.36 -16.13
CA GLN B 250 -1.46 2.31 -15.04
C GLN B 250 -2.33 1.75 -13.92
N GLU B 251 -2.00 2.13 -12.70
CA GLU B 251 -2.72 1.66 -11.53
C GLU B 251 -3.38 2.81 -10.81
N SER B 252 -4.66 2.63 -10.48
CA SER B 252 -5.39 3.65 -9.74
C SER B 252 -6.25 2.96 -8.71
N ARG B 253 -6.65 3.72 -7.71
CA ARG B 253 -7.45 3.18 -6.63
C ARG B 253 -8.94 3.44 -6.79
N VAL B 254 -9.73 2.39 -6.58
CA VAL B 254 -11.18 2.50 -6.63
C VAL B 254 -11.66 2.16 -5.24
N ALA B 255 -12.63 2.93 -4.75
CA ALA B 255 -13.12 2.68 -3.39
C ALA B 255 -14.55 3.10 -3.17
N LEU B 256 -15.08 2.79 -1.99
CA LEU B 256 -16.46 3.13 -1.64
C LEU B 256 -16.47 4.54 -1.06
N LYS B 257 -17.52 5.30 -1.34
CA LYS B 257 -17.63 6.67 -0.82
C LYS B 257 -17.53 6.63 0.69
N ASP B 258 -16.86 7.60 1.27
CA ASP B 258 -16.73 7.64 2.71
C ASP B 258 -18.13 7.72 3.33
N TRP B 259 -18.25 7.30 4.58
CA TRP B 259 -19.52 7.28 5.32
C TRP B 259 -20.46 6.18 4.86
N THR B 260 -19.98 5.21 4.09
CA THR B 260 -20.83 4.13 3.65
C THR B 260 -20.83 3.13 4.80
N PRO B 261 -21.99 2.88 5.42
CA PRO B 261 -22.05 1.93 6.54
C PRO B 261 -21.46 0.57 6.21
N MSE B 262 -20.78 0.00 7.20
CA MSE B 262 -20.12 -1.31 7.10
C MSE B 262 -20.98 -2.43 6.56
O MSE B 262 -20.55 -3.21 5.71
CB MSE B 262 -19.55 -1.67 8.48
CG MSE B 262 -18.78 -2.99 8.55
SE MSE B 262 -19.83 -4.52 9.17
CE MSE B 262 -20.28 -3.91 10.96
N LEU B 263 -22.21 -2.54 7.07
CA LEU B 263 -23.12 -3.58 6.62
C LEU B 263 -23.48 -3.39 5.15
N ALA B 264 -23.39 -2.15 4.67
CA ALA B 264 -23.70 -1.89 3.27
C ALA B 264 -22.58 -2.41 2.39
N SER B 265 -21.34 -2.15 2.80
CA SER B 265 -20.18 -2.59 2.04
C SER B 265 -20.10 -4.11 1.95
N LYS B 266 -20.43 -4.81 3.04
CA LYS B 266 -20.38 -6.26 3.02
C LYS B 266 -21.56 -6.81 2.25
N GLY B 267 -22.31 -5.90 1.64
CA GLY B 267 -23.45 -6.31 0.82
C GLY B 267 -24.78 -6.66 1.46
N PHE B 268 -24.92 -6.53 2.76
CA PHE B 268 -26.18 -6.90 3.34
C PHE B 268 -27.32 -5.97 2.90
N ASP B 269 -27.04 -4.68 2.76
CA ASP B 269 -28.10 -3.78 2.34
C ASP B 269 -28.64 -4.16 0.97
N ALA B 270 -27.75 -4.26 -0.01
CA ALA B 270 -28.16 -4.61 -1.37
C ALA B 270 -28.92 -5.94 -1.46
N MSE B 271 -28.47 -6.94 -0.72
CA MSE B 271 -29.13 -8.24 -0.75
C MSE B 271 -30.54 -8.12 -0.21
O MSE B 271 -31.50 -8.48 -0.88
CB MSE B 271 -28.34 -9.26 0.05
CG MSE B 271 -28.94 -10.64 0.06
SE MSE B 271 -27.97 -11.83 1.22
CE MSE B 271 -28.19 -10.83 2.86
N VAL B 272 -30.67 -7.63 1.02
CA VAL B 272 -31.99 -7.45 1.60
C VAL B 272 -32.88 -6.74 0.57
N GLN B 273 -32.36 -5.66 -0.01
CA GLN B 273 -33.10 -4.94 -1.02
C GLN B 273 -33.69 -5.94 -2.01
N ASP B 274 -32.83 -6.79 -2.55
CA ASP B 274 -33.24 -7.82 -3.51
C ASP B 274 -34.26 -8.75 -2.85
N TRP B 275 -33.89 -9.37 -1.73
CA TRP B 275 -34.77 -10.27 -1.00
C TRP B 275 -36.18 -9.76 -0.91
N LEU B 276 -36.33 -8.46 -0.62
CA LEU B 276 -37.65 -7.85 -0.50
C LEU B 276 -38.35 -7.78 -1.86
N GLN B 277 -37.63 -7.32 -2.88
CA GLN B 277 -38.20 -7.21 -4.21
C GLN B 277 -38.63 -8.59 -4.71
N VAL B 278 -38.10 -9.64 -4.09
CA VAL B 278 -38.44 -11.00 -4.47
C VAL B 278 -39.61 -11.52 -3.63
N ALA B 279 -39.64 -11.18 -2.35
CA ALA B 279 -40.72 -11.60 -1.48
C ALA B 279 -42.04 -10.97 -1.90
N ALA B 280 -41.99 -9.67 -2.19
CA ALA B 280 -43.18 -8.95 -2.62
C ALA B 280 -43.64 -9.50 -3.96
N ALA B 281 -42.70 -9.67 -4.88
CA ALA B 281 -43.05 -10.19 -6.21
C ALA B 281 -43.42 -11.67 -6.17
N GLY B 282 -43.07 -12.35 -5.09
CA GLY B 282 -43.40 -13.76 -4.97
C GLY B 282 -42.63 -14.65 -5.96
N LYS B 283 -41.98 -14.05 -6.96
CA LYS B 283 -41.24 -14.81 -7.95
C LYS B 283 -39.73 -14.59 -7.85
N LEU B 284 -38.98 -15.69 -7.98
CA LEU B 284 -37.53 -15.63 -7.92
C LEU B 284 -36.97 -16.07 -9.27
N PRO B 285 -36.24 -15.19 -9.96
CA PRO B 285 -35.68 -15.55 -11.26
C PRO B 285 -35.05 -16.94 -11.34
N THR B 286 -35.24 -17.59 -12.48
CA THR B 286 -34.74 -18.94 -12.72
C THR B 286 -33.24 -19.10 -12.48
N HIS B 287 -32.43 -18.31 -13.18
CA HIS B 287 -30.97 -18.41 -13.04
C HIS B 287 -30.52 -18.35 -11.59
N ILE B 288 -31.22 -17.57 -10.76
CA ILE B 288 -30.84 -17.49 -9.36
C ILE B 288 -31.07 -18.84 -8.69
N ILE B 289 -32.18 -19.48 -9.00
CA ILE B 289 -32.49 -20.78 -8.42
C ILE B 289 -31.50 -21.83 -8.94
N GLU B 290 -31.21 -21.80 -10.25
CA GLU B 290 -30.28 -22.75 -10.82
C GLU B 290 -28.90 -22.57 -10.21
N ARG B 291 -28.54 -21.32 -9.91
CA ARG B 291 -27.25 -21.01 -9.33
C ARG B 291 -27.13 -21.55 -7.91
N ASN B 292 -28.11 -21.24 -7.08
CA ASN B 292 -28.10 -21.70 -5.71
C ASN B 292 -27.97 -23.20 -5.63
N LEU B 293 -28.80 -23.91 -6.38
CA LEU B 293 -28.73 -25.36 -6.35
C LEU B 293 -27.32 -25.78 -6.73
N ALA B 294 -26.89 -25.34 -7.92
CA ALA B 294 -25.57 -25.66 -8.44
C ALA B 294 -24.48 -25.52 -7.39
N SER B 295 -24.48 -24.39 -6.69
CA SER B 295 -23.46 -24.15 -5.70
C SER B 295 -23.48 -25.17 -4.59
N HIS B 296 -24.68 -25.57 -4.17
CA HIS B 296 -24.80 -26.57 -3.12
C HIS B 296 -24.48 -27.98 -3.64
N GLN B 297 -24.73 -28.21 -4.93
CA GLN B 297 -24.45 -29.52 -5.52
C GLN B 297 -22.93 -29.64 -5.64
N LEU B 298 -22.30 -28.58 -6.14
CA LEU B 298 -20.86 -28.57 -6.32
C LEU B 298 -20.22 -28.73 -4.96
N ALA B 299 -20.83 -28.14 -3.94
CA ALA B 299 -20.31 -28.24 -2.58
C ALA B 299 -20.24 -29.70 -2.15
N GLU B 300 -21.37 -30.41 -2.25
CA GLU B 300 -21.46 -31.82 -1.91
C GLU B 300 -20.41 -32.61 -2.68
N ALA B 301 -20.40 -32.41 -4.01
CA ALA B 301 -19.46 -33.12 -4.85
C ALA B 301 -18.06 -32.98 -4.27
N ILE B 302 -17.66 -31.76 -3.99
CA ILE B 302 -16.34 -31.48 -3.43
C ILE B 302 -16.13 -32.17 -2.09
N CYS B 303 -17.19 -32.31 -1.31
CA CYS B 303 -17.08 -32.96 0.00
C CYS B 303 -16.83 -34.45 -0.10
N GLN B 304 -17.79 -35.15 -0.70
CA GLN B 304 -17.69 -36.58 -0.85
C GLN B 304 -16.40 -36.92 -1.55
N GLN B 305 -16.06 -36.14 -2.58
CA GLN B 305 -14.84 -36.36 -3.32
C GLN B 305 -13.65 -36.35 -2.38
N ILE B 306 -13.57 -35.34 -1.52
CA ILE B 306 -12.47 -35.24 -0.58
C ILE B 306 -12.57 -36.34 0.46
N THR B 307 -13.74 -36.46 1.07
CA THR B 307 -13.96 -37.45 2.09
C THR B 307 -13.56 -38.85 1.63
N GLN B 308 -13.76 -39.13 0.34
CA GLN B 308 -13.42 -40.45 -0.22
C GLN B 308 -11.90 -40.67 -0.31
N GLN B 309 -11.19 -39.74 -0.94
CA GLN B 309 -9.76 -39.88 -1.09
C GLN B 309 -9.07 -39.91 0.26
N VAL B 310 -9.52 -39.09 1.20
CA VAL B 310 -8.89 -39.08 2.51
C VAL B 310 -9.17 -40.39 3.23
N THR B 311 -10.22 -41.09 2.80
CA THR B 311 -10.59 -42.37 3.39
C THR B 311 -9.98 -43.54 2.61
N LYS B 312 -9.84 -43.38 1.29
CA LYS B 312 -9.25 -44.43 0.46
C LYS B 312 -7.76 -44.55 0.75
N SER C 2 -30.33 3.60 32.70
CA SER C 2 -31.49 4.16 31.92
C SER C 2 -31.56 5.68 32.00
N LEU C 3 -31.58 6.29 30.83
CA LEU C 3 -31.62 7.75 30.72
C LEU C 3 -32.61 8.18 29.63
N LYS C 4 -33.14 9.39 29.77
CA LYS C 4 -34.08 9.93 28.79
C LYS C 4 -33.45 11.16 28.17
N ILE C 5 -32.90 11.01 26.98
CA ILE C 5 -32.24 12.11 26.30
C ILE C 5 -33.13 12.77 25.25
N ALA C 6 -33.03 14.09 25.12
CA ALA C 6 -33.81 14.80 24.13
C ALA C 6 -32.88 15.31 23.06
N MSE C 7 -33.26 15.13 21.80
CA MSE C 7 -32.42 15.57 20.69
C MSE C 7 -33.00 16.82 20.05
O MSE C 7 -34.01 16.76 19.37
CB MSE C 7 -32.31 14.47 19.64
CG MSE C 7 -31.93 13.12 20.19
SE MSE C 7 -30.31 12.43 19.38
CE MSE C 7 -30.73 12.75 17.51
N ILE C 8 -32.34 17.96 20.25
CA ILE C 8 -32.83 19.17 19.64
C ILE C 8 -32.03 19.50 18.39
N GLY C 9 -32.74 19.60 17.27
CA GLY C 9 -32.11 19.92 16.00
C GLY C 9 -31.65 18.71 15.20
N LEU C 10 -32.58 18.09 14.49
CA LEU C 10 -32.23 16.92 13.69
C LEU C 10 -31.79 17.27 12.26
N GLY C 11 -30.50 17.57 12.12
CA GLY C 11 -29.96 17.92 10.83
C GLY C 11 -29.11 16.81 10.27
N ASP C 12 -28.26 17.17 9.32
CA ASP C 12 -27.37 16.24 8.63
C ASP C 12 -26.62 15.30 9.59
N ILE C 13 -25.66 15.85 10.33
CA ILE C 13 -24.88 15.06 11.29
C ILE C 13 -25.79 14.29 12.24
N ALA C 14 -26.91 14.90 12.61
CA ALA C 14 -27.82 14.24 13.54
C ALA C 14 -28.38 12.98 12.94
N GLN C 15 -28.80 13.06 11.68
CA GLN C 15 -29.36 11.91 11.00
C GLN C 15 -28.31 10.88 10.63
N LYS C 16 -27.19 11.33 10.08
CA LYS C 16 -26.11 10.43 9.67
C LYS C 16 -25.40 9.68 10.79
N ALA C 17 -25.07 10.36 11.89
CA ALA C 17 -24.32 9.70 12.94
C ALA C 17 -25.01 9.52 14.26
N TYR C 18 -25.31 10.64 14.90
CA TYR C 18 -25.92 10.62 16.22
C TYR C 18 -27.18 9.81 16.37
N LEU C 19 -28.23 10.26 15.71
CA LEU C 19 -29.52 9.57 15.80
C LEU C 19 -29.40 8.06 15.59
N PRO C 20 -28.77 7.63 14.48
CA PRO C 20 -28.66 6.19 14.29
C PRO C 20 -27.89 5.48 15.38
N VAL C 21 -27.08 6.20 16.14
CA VAL C 21 -26.31 5.59 17.21
C VAL C 21 -27.10 5.49 18.51
N LEU C 22 -27.84 6.53 18.85
CA LEU C 22 -28.63 6.50 20.07
C LEU C 22 -29.83 5.59 19.93
N ALA C 23 -30.40 5.53 18.74
CA ALA C 23 -31.58 4.71 18.48
C ALA C 23 -31.22 3.23 18.60
N GLN C 24 -29.94 2.97 18.83
CA GLN C 24 -29.42 1.62 18.96
C GLN C 24 -29.09 1.36 20.43
N TRP C 25 -28.70 2.42 21.13
CA TRP C 25 -28.33 2.28 22.53
C TRP C 25 -29.43 1.71 23.41
N PRO C 26 -29.07 0.76 24.27
CA PRO C 26 -30.02 0.12 25.18
C PRO C 26 -30.24 0.95 26.45
N ASP C 27 -31.48 0.96 26.93
CA ASP C 27 -31.84 1.69 28.14
C ASP C 27 -31.82 3.19 27.92
N ILE C 28 -32.15 3.61 26.71
CA ILE C 28 -32.15 5.03 26.40
C ILE C 28 -33.43 5.43 25.70
N GLU C 29 -34.17 6.37 26.30
CA GLU C 29 -35.39 6.82 25.66
C GLU C 29 -35.10 8.12 24.94
N LEU C 30 -35.50 8.20 23.68
CA LEU C 30 -35.27 9.39 22.90
C LEU C 30 -36.49 10.27 22.81
N VAL C 31 -36.24 11.57 22.72
CA VAL C 31 -37.29 12.57 22.61
C VAL C 31 -36.89 13.51 21.46
N LEU C 32 -37.32 13.18 20.24
CA LEU C 32 -36.99 14.00 19.08
C LEU C 32 -37.61 15.38 19.12
N CYS C 33 -36.83 16.36 18.68
CA CYS C 33 -37.28 17.74 18.66
C CYS C 33 -36.60 18.51 17.54
N THR C 34 -37.39 19.14 16.68
CA THR C 34 -36.83 19.92 15.58
C THR C 34 -37.90 20.83 14.99
N ARG C 35 -37.46 21.97 14.45
CA ARG C 35 -38.38 22.93 13.85
C ARG C 35 -39.32 22.32 12.83
N ASN C 36 -38.75 21.78 11.75
CA ASN C 36 -39.55 21.17 10.68
C ASN C 36 -40.35 19.97 11.18
N PRO C 37 -41.69 20.09 11.20
CA PRO C 37 -42.59 19.02 11.66
C PRO C 37 -42.56 17.79 10.77
N LYS C 38 -42.39 18.04 9.47
CA LYS C 38 -42.33 16.99 8.45
C LYS C 38 -41.13 16.07 8.72
N VAL C 39 -39.95 16.69 8.78
CA VAL C 39 -38.72 15.98 9.05
C VAL C 39 -38.83 15.28 10.40
N LEU C 40 -39.45 15.94 11.37
CA LEU C 40 -39.63 15.38 12.70
C LEU C 40 -40.35 14.05 12.62
N GLY C 41 -41.51 14.07 11.97
CA GLY C 41 -42.33 12.88 11.84
C GLY C 41 -41.70 11.79 10.99
N THR C 42 -40.97 12.19 9.97
CA THR C 42 -40.32 11.22 9.12
C THR C 42 -39.38 10.39 9.99
N LEU C 43 -38.43 11.05 10.63
CA LEU C 43 -37.48 10.38 11.49
C LEU C 43 -38.20 9.67 12.63
N ALA C 44 -39.13 10.37 13.27
CA ALA C 44 -39.89 9.79 14.40
C ALA C 44 -40.45 8.43 14.02
N THR C 45 -40.90 8.30 12.78
CA THR C 45 -41.45 7.06 12.29
C THR C 45 -40.32 6.06 12.05
N ARG C 46 -39.27 6.53 11.38
CA ARG C 46 -38.11 5.69 11.08
C ARG C 46 -37.45 5.12 12.31
N TYR C 47 -37.46 5.86 13.41
CA TYR C 47 -36.82 5.35 14.61
C TYR C 47 -37.84 5.03 15.67
N ARG C 48 -39.09 4.87 15.23
CA ARG C 48 -40.20 4.52 16.12
C ARG C 48 -40.09 5.18 17.48
N VAL C 49 -40.13 6.51 17.50
CA VAL C 49 -40.05 7.26 18.74
C VAL C 49 -41.38 7.93 18.99
N SER C 50 -41.82 7.91 20.24
CA SER C 50 -43.10 8.51 20.62
C SER C 50 -42.97 10.00 20.92
N ALA C 51 -42.09 10.33 21.88
CA ALA C 51 -41.85 11.71 22.31
C ALA C 51 -41.38 12.64 21.18
N THR C 52 -42.34 13.30 20.52
CA THR C 52 -42.06 14.22 19.43
C THR C 52 -42.37 15.64 19.82
N CYS C 53 -41.57 16.57 19.34
CA CYS C 53 -41.72 17.97 19.69
C CYS C 53 -41.22 18.90 18.58
N THR C 54 -41.69 20.14 18.56
CA THR C 54 -41.27 21.09 17.54
C THR C 54 -40.66 22.35 18.16
N ASP C 55 -41.02 22.60 19.41
CA ASP C 55 -40.49 23.75 20.13
C ASP C 55 -39.63 23.26 21.30
N TYR C 56 -38.34 23.60 21.27
CA TYR C 56 -37.41 23.17 22.30
C TYR C 56 -37.86 23.43 23.72
N ARG C 57 -38.83 24.31 23.90
CA ARG C 57 -39.32 24.62 25.24
C ARG C 57 -40.21 23.50 25.78
N ASP C 58 -40.84 22.75 24.89
CA ASP C 58 -41.72 21.66 25.31
C ASP C 58 -40.94 20.43 25.71
N VAL C 59 -39.67 20.42 25.37
CA VAL C 59 -38.82 19.31 25.72
C VAL C 59 -38.90 18.99 27.22
N LEU C 60 -39.02 20.03 28.04
CA LEU C 60 -39.08 19.84 29.49
C LEU C 60 -40.24 18.96 29.96
N GLN C 61 -41.32 18.95 29.19
CA GLN C 61 -42.52 18.16 29.51
C GLN C 61 -42.26 16.67 29.77
N TYR C 62 -41.45 16.05 28.93
CA TYR C 62 -41.17 14.63 29.04
C TYR C 62 -40.20 14.24 30.15
N GLY C 63 -39.78 15.22 30.94
CA GLY C 63 -38.87 14.95 32.03
C GLY C 63 -37.55 14.34 31.62
N VAL C 64 -36.92 14.99 30.65
CA VAL C 64 -35.64 14.55 30.09
C VAL C 64 -34.51 14.64 31.10
N ASP C 65 -33.58 13.68 31.01
CA ASP C 65 -32.42 13.59 31.89
C ASP C 65 -31.22 14.37 31.34
N ALA C 66 -31.30 14.76 30.06
CA ALA C 66 -30.24 15.51 29.39
C ALA C 66 -30.64 15.79 27.94
N VAL C 67 -30.07 16.85 27.37
CA VAL C 67 -30.35 17.24 25.99
C VAL C 67 -29.10 17.21 25.10
N MSE C 68 -29.32 16.95 23.82
CA MSE C 68 -28.24 16.92 22.84
C MSE C 68 -28.59 17.87 21.72
O MSE C 68 -29.52 17.63 20.95
CB MSE C 68 -28.06 15.51 22.27
CG MSE C 68 -27.44 14.56 23.28
SE MSE C 68 -27.10 12.82 22.58
CE MSE C 68 -25.60 13.24 21.44
N ILE C 69 -27.84 18.96 21.61
CA ILE C 69 -28.13 19.94 20.59
C ILE C 69 -27.31 19.72 19.33
N HIS C 70 -27.99 19.48 18.22
CA HIS C 70 -27.31 19.24 16.95
C HIS C 70 -27.71 20.26 15.93
N ALA C 71 -28.26 21.38 16.38
CA ALA C 71 -28.69 22.44 15.49
C ALA C 71 -27.51 23.24 14.96
N ALA C 72 -27.79 24.26 14.15
CA ALA C 72 -26.75 25.12 13.58
C ALA C 72 -25.96 25.83 14.68
N THR C 73 -24.78 26.32 14.34
CA THR C 73 -23.94 27.00 15.32
C THR C 73 -24.55 28.30 15.80
N ASP C 74 -25.32 28.95 14.94
CA ASP C 74 -25.94 30.23 15.29
C ASP C 74 -27.02 30.12 16.37
N VAL C 75 -27.29 28.92 16.86
CA VAL C 75 -28.32 28.76 17.88
C VAL C 75 -27.87 27.93 19.07
N HIS C 76 -26.58 27.61 19.13
CA HIS C 76 -26.07 26.82 20.24
C HIS C 76 -26.25 27.54 21.56
N SER C 77 -25.64 28.72 21.68
CA SER C 77 -25.73 29.51 22.92
C SER C 77 -27.14 29.63 23.45
N THR C 78 -28.06 29.99 22.58
CA THR C 78 -29.46 30.15 22.96
C THR C 78 -30.05 28.87 23.53
N LEU C 79 -29.84 27.76 22.83
CA LEU C 79 -30.35 26.48 23.27
C LEU C 79 -29.61 25.96 24.49
N ALA C 80 -28.29 26.07 24.50
CA ALA C 80 -27.48 25.59 25.63
C ALA C 80 -27.82 26.30 26.93
N ALA C 81 -27.73 27.62 26.89
CA ALA C 81 -28.02 28.45 28.04
C ALA C 81 -29.35 28.00 28.65
N PHE C 82 -30.35 27.88 27.79
CA PHE C 82 -31.68 27.46 28.20
C PHE C 82 -31.67 26.27 29.16
N PHE C 83 -31.23 25.13 28.67
CA PHE C 83 -31.22 23.94 29.51
C PHE C 83 -30.22 24.01 30.64
N LEU C 84 -29.21 24.87 30.50
CA LEU C 84 -28.23 25.02 31.56
C LEU C 84 -28.89 25.71 32.77
N HIS C 85 -29.67 26.77 32.51
CA HIS C 85 -30.39 27.52 33.55
C HIS C 85 -31.35 26.58 34.25
N LEU C 86 -32.00 25.73 33.45
CA LEU C 86 -32.95 24.76 33.97
C LEU C 86 -32.18 23.58 34.59
N GLY C 87 -30.87 23.72 34.66
CA GLY C 87 -30.03 22.68 35.25
C GLY C 87 -30.18 21.29 34.63
N ILE C 88 -29.79 21.18 33.38
CA ILE C 88 -29.88 19.92 32.67
C ILE C 88 -28.58 19.64 31.91
N PRO C 89 -27.92 18.51 32.20
CA PRO C 89 -26.69 18.20 31.49
C PRO C 89 -26.91 18.38 30.00
N THR C 90 -26.18 19.34 29.42
CA THR C 90 -26.29 19.66 28.02
C THR C 90 -25.11 19.23 27.16
N PHE C 91 -25.41 18.69 25.99
CA PHE C 91 -24.42 18.24 25.02
C PHE C 91 -24.58 19.11 23.78
N VAL C 92 -23.48 19.56 23.21
CA VAL C 92 -23.54 20.38 22.01
C VAL C 92 -22.51 19.90 21.01
N ASP C 93 -22.94 19.69 19.77
CA ASP C 93 -22.03 19.24 18.74
C ASP C 93 -21.12 20.37 18.32
N LYS C 94 -19.81 20.09 18.30
CA LYS C 94 -18.82 21.08 17.91
C LYS C 94 -19.21 21.77 16.61
N PRO C 95 -18.95 23.07 16.49
CA PRO C 95 -18.32 23.91 17.52
C PRO C 95 -19.33 24.36 18.56
N LEU C 96 -18.85 24.64 19.77
CA LEU C 96 -19.71 25.10 20.85
C LEU C 96 -20.46 26.36 20.46
N ALA C 97 -19.72 27.32 19.92
CA ALA C 97 -20.27 28.59 19.48
C ALA C 97 -19.40 29.19 18.40
N ALA C 98 -19.91 30.25 17.77
CA ALA C 98 -19.19 30.94 16.69
C ALA C 98 -18.03 31.81 17.17
N SER C 99 -17.88 31.96 18.48
CA SER C 99 -16.81 32.78 19.02
C SER C 99 -16.39 32.33 20.41
N ALA C 100 -15.16 32.66 20.80
CA ALA C 100 -14.68 32.27 22.11
C ALA C 100 -15.47 32.97 23.23
N GLN C 101 -15.98 34.17 22.93
CA GLN C 101 -16.75 34.93 23.91
C GLN C 101 -17.95 34.12 24.37
N GLU C 102 -18.74 33.65 23.41
CA GLU C 102 -19.92 32.86 23.73
C GLU C 102 -19.53 31.59 24.47
N CYS C 103 -18.50 30.92 23.98
CA CYS C 103 -18.03 29.69 24.63
C CYS C 103 -17.76 29.93 26.09
N GLU C 104 -16.98 30.98 26.37
CA GLU C 104 -16.62 31.32 27.74
C GLU C 104 -17.86 31.59 28.56
N ASN C 105 -18.82 32.30 27.97
CA ASN C 105 -20.07 32.60 28.68
C ASN C 105 -20.72 31.29 29.07
N LEU C 106 -21.04 30.48 28.07
CA LEU C 106 -21.66 29.18 28.25
C LEU C 106 -21.03 28.36 29.37
N TYR C 107 -19.71 28.23 29.37
CA TYR C 107 -19.11 27.45 30.44
C TYR C 107 -19.29 28.13 31.78
N GLU C 108 -19.14 29.45 31.82
CA GLU C 108 -19.33 30.18 33.07
C GLU C 108 -20.75 29.90 33.57
N LEU C 109 -21.68 29.84 32.64
CA LEU C 109 -23.08 29.58 32.95
C LEU C 109 -23.24 28.16 33.51
N ALA C 110 -22.51 27.21 32.93
CA ALA C 110 -22.56 25.81 33.39
C ALA C 110 -22.01 25.68 34.82
N GLU C 111 -20.86 26.30 35.08
CA GLU C 111 -20.24 26.27 36.41
C GLU C 111 -21.18 26.79 37.47
N LYS C 112 -21.92 27.83 37.11
CA LYS C 112 -22.86 28.45 38.00
C LYS C 112 -23.96 27.48 38.39
N HIS C 113 -24.55 26.82 37.42
CA HIS C 113 -25.63 25.87 37.71
C HIS C 113 -25.15 24.46 37.94
N HIS C 114 -23.84 24.31 38.15
CA HIS C 114 -23.21 23.02 38.41
C HIS C 114 -23.71 21.92 37.46
N GLN C 115 -23.81 22.27 36.18
CA GLN C 115 -24.25 21.30 35.19
C GLN C 115 -23.13 21.03 34.19
N PRO C 116 -23.06 19.80 33.67
CA PRO C 116 -22.02 19.46 32.71
C PRO C 116 -22.36 19.94 31.30
N LEU C 117 -21.36 20.49 30.62
CA LEU C 117 -21.54 20.97 29.26
C LEU C 117 -20.54 20.21 28.40
N TYR C 118 -21.01 19.17 27.71
CA TYR C 118 -20.16 18.33 26.89
C TYR C 118 -20.11 18.77 25.42
N VAL C 119 -18.90 18.95 24.90
CA VAL C 119 -18.71 19.35 23.52
C VAL C 119 -18.35 18.15 22.64
N GLY C 120 -19.11 17.96 21.57
CA GLY C 120 -18.89 16.83 20.69
C GLY C 120 -17.65 16.77 19.82
N PHE C 121 -16.60 16.17 20.35
CA PHE C 121 -15.35 16.01 19.60
C PHE C 121 -15.10 14.51 19.45
N ASN C 122 -15.52 13.95 18.33
CA ASN C 122 -15.36 12.54 18.10
C ASN C 122 -13.92 12.10 17.88
N ARG C 123 -13.06 12.98 17.39
CA ARG C 123 -11.68 12.56 17.17
C ARG C 123 -10.83 12.46 18.43
N ARG C 124 -11.49 12.27 19.57
CA ARG C 124 -10.80 12.08 20.85
C ARG C 124 -11.22 10.68 21.32
N HIS C 125 -12.06 10.03 20.51
CA HIS C 125 -12.60 8.72 20.86
C HIS C 125 -12.45 7.69 19.76
N ILE C 126 -11.61 8.02 18.78
CA ILE C 126 -11.38 7.10 17.68
C ILE C 126 -10.72 5.88 18.25
N PRO C 127 -11.46 4.77 18.32
CA PRO C 127 -10.99 3.49 18.86
C PRO C 127 -9.62 3.03 18.38
N LEU C 128 -9.38 3.00 17.08
CA LEU C 128 -8.07 2.57 16.62
C LEU C 128 -6.95 3.47 17.16
N TYR C 129 -7.12 4.79 17.09
CA TYR C 129 -6.07 5.67 17.56
C TYR C 129 -5.80 5.61 19.05
N ASN C 130 -6.86 5.54 19.85
CA ASN C 130 -6.70 5.48 21.30
C ASN C 130 -6.18 4.14 21.75
N GLN C 131 -6.31 3.13 20.91
CA GLN C 131 -5.81 1.82 21.30
C GLN C 131 -4.28 1.80 21.26
N HIS C 132 -3.72 2.53 20.29
CA HIS C 132 -2.29 2.60 20.09
C HIS C 132 -1.62 3.89 20.60
N LEU C 133 -2.41 4.93 20.83
CA LEU C 133 -1.84 6.18 21.33
C LEU C 133 -2.61 6.57 22.58
N SER C 134 -2.27 5.93 23.69
CA SER C 134 -2.94 6.20 24.95
C SER C 134 -2.94 7.71 25.27
N GLU C 135 -1.92 8.42 24.81
CA GLU C 135 -1.84 9.85 25.03
C GLU C 135 -3.16 10.51 24.55
N LEU C 136 -3.77 9.97 23.49
CA LEU C 136 -5.02 10.53 22.99
C LEU C 136 -6.17 10.14 23.90
N ALA C 137 -6.13 8.90 24.38
CA ALA C 137 -7.18 8.45 25.27
C ALA C 137 -7.08 9.20 26.58
N GLN C 138 -5.85 9.50 27.00
CA GLN C 138 -5.63 10.23 28.25
C GLN C 138 -5.73 11.73 28.03
N GLN C 139 -5.71 12.13 26.76
CA GLN C 139 -5.79 13.53 26.43
C GLN C 139 -4.65 14.31 27.06
N GLU C 140 -3.45 13.72 27.00
CA GLU C 140 -2.23 14.33 27.54
C GLU C 140 -1.17 14.28 26.45
N CYS C 141 0.05 14.69 26.76
CA CYS C 141 1.14 14.65 25.78
C CYS C 141 1.98 13.41 25.97
N GLY C 142 2.04 12.94 27.22
CA GLY C 142 2.79 11.74 27.57
C GLY C 142 4.21 11.63 27.03
N ALA C 143 4.43 10.59 26.23
CA ALA C 143 5.76 10.36 25.66
C ALA C 143 5.82 10.81 24.21
N LEU C 144 4.72 11.38 23.72
CA LEU C 144 4.67 11.85 22.34
C LEU C 144 5.78 12.84 22.02
N ARG C 145 6.53 12.58 20.96
CA ARG C 145 7.60 13.49 20.58
C ARG C 145 7.11 14.39 19.45
N SER C 146 6.03 13.95 18.81
CA SER C 146 5.42 14.71 17.73
C SER C 146 4.07 14.08 17.42
N LEU C 147 3.15 14.91 16.95
CA LEU C 147 1.82 14.44 16.60
C LEU C 147 1.33 15.37 15.51
N ARG C 148 1.10 14.83 14.34
CA ARG C 148 0.63 15.63 13.22
C ARG C 148 -0.72 15.14 12.71
N TRP C 149 -1.70 16.03 12.71
CA TRP C 149 -3.03 15.66 12.25
C TRP C 149 -3.33 16.47 10.98
N GLU C 150 -3.60 15.78 9.87
CA GLU C 150 -3.90 16.44 8.62
C GLU C 150 -5.29 16.05 8.15
N LYS C 151 -6.09 17.03 7.75
CA LYS C 151 -7.43 16.76 7.27
C LYS C 151 -7.58 17.60 6.01
N HIS C 152 -7.42 16.97 4.85
CA HIS C 152 -7.52 17.69 3.59
C HIS C 152 -8.81 17.41 2.85
N ARG C 153 -9.14 18.32 1.93
CA ARG C 153 -10.36 18.21 1.11
C ARG C 153 -10.00 18.61 -0.30
N HIS C 154 -10.75 18.09 -1.26
CA HIS C 154 -10.50 18.42 -2.65
C HIS C 154 -11.35 19.62 -3.07
N ALA C 155 -10.71 20.55 -3.79
CA ALA C 155 -11.35 21.74 -4.31
C ALA C 155 -12.51 22.31 -3.47
N LEU C 156 -12.24 22.67 -2.22
CA LEU C 156 -13.32 23.17 -1.37
C LEU C 156 -12.90 24.32 -0.45
N PRO C 157 -12.45 25.44 -1.00
CA PRO C 157 -12.04 26.59 -0.18
C PRO C 157 -13.25 27.27 0.45
N GLY C 158 -13.03 28.00 1.54
CA GLY C 158 -14.13 28.66 2.21
C GLY C 158 -13.69 29.88 3.00
N ASP C 159 -14.64 30.58 3.60
CA ASP C 159 -14.32 31.78 4.37
C ASP C 159 -13.70 31.44 5.72
N ILE C 160 -12.75 32.26 6.14
CA ILE C 160 -12.05 32.07 7.39
C ILE C 160 -12.88 31.49 8.53
N ARG C 161 -13.87 32.24 9.00
CA ARG C 161 -14.72 31.80 10.10
C ARG C 161 -15.21 30.36 9.98
N THR C 162 -15.91 30.08 8.88
CA THR C 162 -16.44 28.75 8.61
C THR C 162 -15.33 27.71 8.56
N PHE C 163 -14.31 28.01 7.77
CA PHE C 163 -13.18 27.12 7.62
C PHE C 163 -12.59 26.76 8.97
N VAL C 164 -12.31 27.77 9.80
CA VAL C 164 -11.72 27.49 11.09
C VAL C 164 -12.68 26.91 12.11
N PHE C 165 -13.78 27.59 12.39
CA PHE C 165 -14.70 27.08 13.39
C PHE C 165 -15.53 25.85 13.03
N ASP C 166 -15.71 25.55 11.75
CA ASP C 166 -16.52 24.39 11.39
C ASP C 166 -15.75 23.20 10.81
N ASP C 167 -14.46 23.36 10.57
CA ASP C 167 -13.66 22.28 9.98
C ASP C 167 -12.31 22.09 10.71
N PHE C 168 -11.45 23.09 10.59
CA PHE C 168 -10.13 23.05 11.21
C PHE C 168 -10.16 22.74 12.70
N ILE C 169 -11.29 23.02 13.33
CA ILE C 169 -11.45 22.78 14.76
C ILE C 169 -11.21 21.29 15.04
N HIS C 170 -11.38 20.44 14.02
CA HIS C 170 -11.17 19.02 14.22
C HIS C 170 -9.71 18.70 14.46
N PRO C 171 -8.85 18.89 13.44
CA PRO C 171 -7.42 18.59 13.64
C PRO C 171 -6.76 19.46 14.71
N LEU C 172 -7.25 20.69 14.85
CA LEU C 172 -6.70 21.61 15.85
C LEU C 172 -6.91 21.07 17.26
N ASP C 173 -8.17 20.82 17.65
CA ASP C 173 -8.43 20.29 18.97
C ASP C 173 -7.81 18.93 19.17
N SER C 174 -7.93 18.09 18.14
CA SER C 174 -7.41 16.72 18.15
C SER C 174 -5.95 16.67 18.52
N VAL C 175 -5.22 17.69 18.11
CA VAL C 175 -3.81 17.78 18.37
C VAL C 175 -3.49 18.58 19.65
N ASN C 176 -4.46 19.39 20.10
CA ASN C 176 -4.32 20.26 21.28
C ASN C 176 -4.30 19.58 22.64
N LEU C 177 -3.29 18.75 22.86
CA LEU C 177 -3.12 18.00 24.11
C LEU C 177 -2.44 18.84 25.19
N SER C 178 -1.99 20.05 24.82
CA SER C 178 -1.33 20.95 25.76
C SER C 178 -2.29 22.06 26.21
N ARG C 179 -3.52 22.01 25.72
CA ARG C 179 -4.53 23.00 26.06
C ARG C 179 -4.07 24.39 25.69
N GLN C 180 -3.58 24.52 24.47
CA GLN C 180 -3.09 25.79 23.95
C GLN C 180 -4.30 26.69 23.68
N CYS C 181 -4.17 27.98 23.98
CA CYS C 181 -5.27 28.92 23.80
C CYS C 181 -4.84 30.27 23.23
N ASN C 182 -3.78 30.28 22.44
CA ASN C 182 -3.30 31.52 21.84
C ASN C 182 -2.27 31.23 20.77
N LEU C 183 -1.54 32.26 20.36
CA LEU C 183 -0.54 32.07 19.33
C LEU C 183 0.87 32.19 19.91
N ASP C 184 0.99 32.01 21.22
CA ASP C 184 2.27 32.10 21.89
C ASP C 184 3.23 31.01 21.47
N ASP C 185 4.39 31.42 20.96
CA ASP C 185 5.39 30.46 20.54
C ASP C 185 4.77 29.44 19.61
N LEU C 186 3.82 29.91 18.81
CA LEU C 186 3.13 29.04 17.87
C LEU C 186 3.35 29.54 16.45
N HIS C 187 3.48 28.63 15.50
CA HIS C 187 3.69 29.03 14.12
C HIS C 187 2.38 28.86 13.38
N LEU C 188 2.02 29.88 12.60
CA LEU C 188 0.77 29.85 11.85
C LEU C 188 1.01 30.27 10.41
N THR C 189 0.71 29.40 9.46
CA THR C 189 0.87 29.73 8.05
C THR C 189 -0.45 29.40 7.36
N TYR C 190 -0.78 30.13 6.30
CA TYR C 190 -2.01 29.88 5.59
C TYR C 190 -1.87 30.35 4.18
N HIS C 191 -2.89 30.12 3.37
CA HIS C 191 -2.86 30.55 1.98
C HIS C 191 -4.26 30.85 1.47
N MSE C 192 -4.51 32.11 1.17
CA MSE C 192 -5.80 32.53 0.66
C MSE C 192 -5.82 32.25 -0.83
O MSE C 192 -4.77 32.19 -1.47
CB MSE C 192 -6.00 34.02 0.88
CG MSE C 192 -5.96 34.43 2.32
SE MSE C 192 -7.48 33.75 3.25
CE MSE C 192 -8.84 34.74 2.29
N SER C 193 -7.01 32.06 -1.39
CA SER C 193 -7.13 31.81 -2.82
C SER C 193 -8.44 32.42 -3.28
N GLU C 194 -8.33 33.38 -4.19
CA GLU C 194 -9.50 34.07 -4.74
C GLU C 194 -10.52 34.47 -3.70
N GLY C 195 -10.05 35.10 -2.64
CA GLY C 195 -10.94 35.56 -1.60
C GLY C 195 -11.23 34.56 -0.51
N LEU C 196 -10.86 33.30 -0.70
CA LEU C 196 -11.12 32.28 0.34
C LEU C 196 -9.88 31.65 0.97
N LEU C 197 -10.11 31.02 2.12
CA LEU C 197 -9.04 30.33 2.83
C LEU C 197 -8.89 28.97 2.16
N ALA C 198 -7.69 28.68 1.65
CA ALA C 198 -7.41 27.42 0.96
C ALA C 198 -6.78 26.39 1.92
N ARG C 199 -5.64 26.74 2.52
CA ARG C 199 -4.97 25.84 3.45
C ARG C 199 -4.50 26.59 4.69
N LEU C 200 -4.57 25.90 5.83
CA LEU C 200 -4.16 26.46 7.12
C LEU C 200 -3.25 25.45 7.80
N ASP C 201 -2.10 25.91 8.30
CA ASP C 201 -1.15 25.04 8.98
C ASP C 201 -0.76 25.65 10.30
N VAL C 202 -1.08 24.98 11.40
CA VAL C 202 -0.75 25.50 12.72
C VAL C 202 0.03 24.48 13.53
N GLN C 203 1.21 24.88 14.00
CA GLN C 203 2.02 23.99 14.81
C GLN C 203 2.85 24.69 15.88
N TRP C 204 3.02 24.02 17.02
CA TRP C 204 3.80 24.56 18.10
C TRP C 204 4.44 23.43 18.92
N GLN C 205 5.43 23.79 19.74
CA GLN C 205 6.11 22.79 20.56
C GLN C 205 5.84 22.97 22.07
N THR C 206 5.21 21.96 22.67
CA THR C 206 4.92 21.95 24.09
C THR C 206 5.87 21.00 24.77
N GLY C 207 6.82 21.54 25.53
CA GLY C 207 7.75 20.67 26.20
C GLY C 207 8.56 19.92 25.18
N ASP C 208 8.47 18.59 25.20
CA ASP C 208 9.20 17.76 24.26
C ASP C 208 8.29 17.23 23.15
N THR C 209 7.15 17.87 22.97
CA THR C 209 6.18 17.43 21.97
C THR C 209 5.86 18.48 20.94
N LEU C 210 5.95 18.11 19.67
CA LEU C 210 5.63 19.04 18.59
C LEU C 210 4.24 18.73 18.05
N LEU C 211 3.29 19.62 18.33
CA LEU C 211 1.90 19.44 17.87
C LEU C 211 1.67 20.14 16.53
N HIS C 212 0.95 19.50 15.61
CA HIS C 212 0.72 20.10 14.29
C HIS C 212 -0.61 19.75 13.64
N ALA C 213 -1.41 20.80 13.41
CA ALA C 213 -2.72 20.66 12.77
C ALA C 213 -2.59 21.27 11.38
N SER C 214 -2.88 20.47 10.37
CA SER C 214 -2.78 20.90 8.99
C SER C 214 -4.08 20.61 8.24
N MSE C 215 -4.54 21.58 7.45
CA MSE C 215 -5.77 21.40 6.66
C MSE C 215 -5.64 22.09 5.32
O MSE C 215 -5.56 23.31 5.26
CB MSE C 215 -6.97 21.99 7.39
CG MSE C 215 -8.24 21.88 6.60
SE MSE C 215 -9.81 22.14 7.70
CE MSE C 215 -10.77 23.30 6.52
N ASN C 216 -5.64 21.31 4.25
CA ASN C 216 -5.55 21.89 2.93
C ASN C 216 -6.85 21.59 2.21
N ARG C 217 -7.72 22.58 2.18
CA ARG C 217 -9.03 22.46 1.54
C ARG C 217 -8.94 22.60 0.03
N GLN C 218 -7.72 22.60 -0.48
CA GLN C 218 -7.53 22.68 -1.92
C GLN C 218 -6.49 21.66 -2.29
N PHE C 219 -6.60 20.49 -1.66
CA PHE C 219 -5.70 19.35 -1.85
C PHE C 219 -6.15 18.49 -3.04
N GLY C 220 -5.23 17.69 -3.58
CA GLY C 220 -5.57 16.83 -4.69
C GLY C 220 -6.60 15.76 -4.38
N ILE C 221 -6.90 15.53 -3.11
CA ILE C 221 -7.88 14.50 -2.73
C ILE C 221 -8.36 14.69 -1.28
N THR C 222 -9.58 14.25 -1.00
CA THR C 222 -10.12 14.37 0.35
C THR C 222 -9.58 13.16 1.14
N THR C 223 -8.85 13.44 2.23
CA THR C 223 -8.28 12.39 3.06
C THR C 223 -7.85 12.95 4.42
N GLU C 224 -7.64 12.07 5.38
CA GLU C 224 -7.24 12.50 6.71
C GLU C 224 -6.17 11.55 7.24
N HIS C 225 -4.99 12.10 7.53
CA HIS C 225 -3.88 11.30 7.99
C HIS C 225 -3.40 11.75 9.36
N VAL C 226 -3.01 10.79 10.18
CA VAL C 226 -2.51 11.13 11.50
C VAL C 226 -1.16 10.48 11.62
N THR C 227 -0.20 11.22 12.18
CA THR C 227 1.13 10.69 12.35
C THR C 227 1.62 11.02 13.74
N ALA C 228 2.04 9.98 14.43
CA ALA C 228 2.51 10.16 15.79
C ALA C 228 3.89 9.57 15.90
N SER C 229 4.68 10.10 16.84
CA SER C 229 6.00 9.54 17.03
C SER C 229 6.42 9.66 18.49
N TYR C 230 7.21 8.69 18.91
CA TYR C 230 7.74 8.64 20.27
C TYR C 230 9.19 8.35 20.04
N ASP C 231 9.92 7.98 21.08
CA ASP C 231 11.31 7.67 20.84
C ASP C 231 11.39 6.29 20.21
N ASN C 232 11.98 6.25 19.02
CA ASN C 232 12.17 5.04 18.24
C ASN C 232 10.91 4.30 17.91
N VAL C 233 9.79 5.00 17.98
CA VAL C 233 8.53 4.40 17.62
C VAL C 233 7.71 5.46 16.90
N ALA C 234 6.93 5.02 15.94
CA ALA C 234 6.09 5.93 15.16
C ALA C 234 4.89 5.20 14.59
N TYR C 235 3.89 5.97 14.22
CA TYR C 235 2.65 5.46 13.64
C TYR C 235 2.17 6.42 12.56
N LEU C 236 1.46 5.89 11.58
CA LEU C 236 0.93 6.71 10.53
C LEU C 236 -0.38 6.08 10.09
N PHE C 237 -1.48 6.73 10.41
CA PHE C 237 -2.80 6.23 10.03
C PHE C 237 -3.33 7.00 8.83
N ASP C 238 -3.74 6.27 7.79
CA ASP C 238 -4.27 6.89 6.59
C ASP C 238 -5.81 6.82 6.58
N SER C 239 -6.38 6.44 7.72
CA SER C 239 -7.82 6.35 7.90
C SER C 239 -8.12 5.98 9.36
N PHE C 240 -9.39 5.79 9.68
CA PHE C 240 -9.74 5.41 11.03
C PHE C 240 -9.75 3.89 11.19
N THR C 241 -9.48 3.16 10.12
CA THR C 241 -9.52 1.70 10.24
C THR C 241 -8.18 1.01 10.07
N GLN C 242 -7.28 1.68 9.37
CA GLN C 242 -5.95 1.14 9.07
C GLN C 242 -4.82 2.11 9.39
N GLY C 243 -3.62 1.57 9.44
CA GLY C 243 -2.45 2.38 9.71
C GLY C 243 -1.20 1.52 9.75
N LYS C 244 -0.06 2.17 9.78
CA LYS C 244 1.20 1.47 9.86
C LYS C 244 1.90 1.78 11.18
N MSE C 245 2.56 0.79 11.74
CA MSE C 245 3.33 1.00 12.96
C MSE C 245 4.78 0.78 12.60
O MSE C 245 5.11 -0.20 11.92
CB MSE C 245 2.93 0.03 14.07
CG MSE C 245 3.90 0.05 15.25
SE MSE C 245 3.27 -1.02 16.74
CE MSE C 245 3.36 -2.76 15.95
N TRP C 246 5.65 1.67 13.05
CA TRP C 246 7.07 1.55 12.77
C TRP C 246 7.88 1.42 14.07
N ARG C 247 8.60 0.30 14.22
CA ARG C 247 9.42 0.07 15.41
C ARG C 247 10.52 -0.93 15.08
N ASP C 248 11.66 -0.82 15.76
CA ASP C 248 12.78 -1.72 15.52
C ASP C 248 13.08 -1.70 14.04
N ASN C 249 12.89 -0.54 13.44
CA ASN C 249 13.14 -0.34 12.03
C ASN C 249 12.42 -1.34 11.17
N GLN C 250 11.18 -1.62 11.53
CA GLN C 250 10.37 -2.55 10.80
C GLN C 250 8.97 -1.94 10.75
N GLU C 251 8.26 -2.20 9.64
CA GLU C 251 6.92 -1.68 9.42
C GLU C 251 5.90 -2.78 9.54
N SER C 252 4.89 -2.59 10.37
CA SER C 252 3.84 -3.59 10.51
C SER C 252 2.51 -2.87 10.36
N ARG C 253 1.46 -3.61 10.06
CA ARG C 253 0.14 -3.02 9.85
C ARG C 253 -0.72 -3.13 11.10
N VAL C 254 -1.43 -2.05 11.42
CA VAL C 254 -2.33 -2.04 12.57
C VAL C 254 -3.71 -1.64 12.07
N ALA C 255 -4.72 -2.43 12.41
CA ALA C 255 -6.06 -2.13 11.93
C ALA C 255 -7.18 -2.41 12.92
N LEU C 256 -8.37 -1.92 12.59
CA LEU C 256 -9.54 -2.09 13.43
C LEU C 256 -10.14 -3.47 13.19
N LYS C 257 -10.65 -4.12 14.24
CA LYS C 257 -11.28 -5.44 14.06
C LYS C 257 -12.31 -5.40 12.95
N ASP C 258 -12.50 -6.53 12.26
CA ASP C 258 -13.49 -6.60 11.20
C ASP C 258 -14.87 -6.58 11.85
N TRP C 259 -15.87 -6.18 11.06
CA TRP C 259 -17.25 -6.08 11.52
C TRP C 259 -17.50 -4.95 12.50
N THR C 260 -16.53 -4.04 12.62
CA THR C 260 -16.72 -2.90 13.49
C THR C 260 -17.61 -1.94 12.70
N PRO C 261 -18.75 -1.53 13.29
CA PRO C 261 -19.62 -0.61 12.56
C PRO C 261 -18.90 0.71 12.24
N MSE C 262 -19.18 1.22 11.04
CA MSE C 262 -18.57 2.44 10.53
C MSE C 262 -18.61 3.59 11.52
O MSE C 262 -17.58 4.21 11.81
CB MSE C 262 -19.29 2.81 9.22
CG MSE C 262 -18.80 4.06 8.50
SE MSE C 262 -19.73 5.63 9.13
CE MSE C 262 -21.52 5.09 8.62
N LEU C 263 -19.79 3.89 12.06
CA LEU C 263 -19.90 4.98 13.01
C LEU C 263 -19.00 4.77 14.23
N ALA C 264 -18.83 3.52 14.63
CA ALA C 264 -17.99 3.22 15.78
C ALA C 264 -16.54 3.53 15.46
N SER C 265 -16.10 3.17 14.26
CA SER C 265 -14.72 3.43 13.89
C SER C 265 -14.42 4.94 13.98
N LYS C 266 -15.40 5.75 13.63
CA LYS C 266 -15.25 7.20 13.68
C LYS C 266 -15.47 7.74 15.09
N GLY C 267 -15.35 6.86 16.08
CA GLY C 267 -15.48 7.25 17.46
C GLY C 267 -16.80 7.76 17.99
N PHE C 268 -17.86 7.66 17.20
CA PHE C 268 -19.15 8.14 17.69
C PHE C 268 -19.72 7.35 18.86
N ASP C 269 -19.68 6.03 18.79
CA ASP C 269 -20.19 5.23 19.90
C ASP C 269 -19.43 5.52 21.18
N ALA C 270 -18.10 5.51 21.09
CA ALA C 270 -17.24 5.76 22.24
C ALA C 270 -17.47 7.12 22.86
N MSE C 271 -17.83 8.10 22.03
CA MSE C 271 -18.09 9.45 22.53
C MSE C 271 -19.43 9.47 23.25
O MSE C 271 -19.50 9.93 24.39
CB MSE C 271 -18.08 10.45 21.38
CG MSE C 271 -18.51 11.84 21.76
SE MSE C 271 -18.47 13.05 20.26
CE MSE C 271 -19.77 12.18 19.14
N VAL C 272 -20.48 8.99 22.60
CA VAL C 272 -21.81 8.97 23.22
C VAL C 272 -21.76 8.23 24.56
N GLN C 273 -20.88 7.23 24.65
CA GLN C 273 -20.71 6.49 25.87
C GLN C 273 -20.14 7.42 26.94
N ASP C 274 -19.05 8.11 26.60
CA ASP C 274 -18.37 9.06 27.52
C ASP C 274 -19.36 10.11 27.97
N TRP C 275 -20.13 10.63 27.02
CA TRP C 275 -21.15 11.65 27.25
C TRP C 275 -22.25 11.17 28.19
N LEU C 276 -22.83 10.01 27.89
CA LEU C 276 -23.90 9.49 28.73
C LEU C 276 -23.43 9.30 30.17
N GLN C 277 -22.20 8.86 30.37
CA GLN C 277 -21.68 8.68 31.73
C GLN C 277 -21.55 10.04 32.39
N VAL C 278 -21.03 11.01 31.64
CA VAL C 278 -20.85 12.38 32.11
C VAL C 278 -22.18 12.95 32.55
N ALA C 279 -23.20 12.80 31.71
CA ALA C 279 -24.51 13.32 32.03
C ALA C 279 -25.09 12.56 33.20
N ALA C 280 -24.94 11.24 33.21
CA ALA C 280 -25.48 10.44 34.30
C ALA C 280 -24.77 10.70 35.62
N ALA C 281 -23.59 11.31 35.54
CA ALA C 281 -22.80 11.63 36.73
C ALA C 281 -22.89 13.11 37.05
N GLY C 282 -23.54 13.85 36.15
CA GLY C 282 -23.67 15.28 36.34
C GLY C 282 -22.32 15.96 36.51
N LYS C 283 -21.26 15.28 36.08
CA LYS C 283 -19.92 15.84 36.21
C LYS C 283 -19.10 15.70 34.94
N LEU C 284 -18.17 16.63 34.74
CA LEU C 284 -17.31 16.61 33.57
C LEU C 284 -15.93 17.08 33.99
N PRO C 285 -14.94 16.17 34.02
CA PRO C 285 -13.59 16.56 34.42
C PRO C 285 -13.08 17.90 33.91
N THR C 286 -12.41 18.62 34.80
CA THR C 286 -11.85 19.94 34.53
C THR C 286 -10.90 20.03 33.36
N HIS C 287 -10.01 19.06 33.23
CA HIS C 287 -9.04 19.07 32.14
C HIS C 287 -9.75 19.04 30.80
N ILE C 288 -10.91 18.38 30.77
CA ILE C 288 -11.67 18.31 29.54
C ILE C 288 -12.32 19.64 29.23
N ILE C 289 -12.84 20.30 30.25
CA ILE C 289 -13.46 21.60 30.04
C ILE C 289 -12.44 22.58 29.51
N GLU C 290 -11.26 22.60 30.13
CA GLU C 290 -10.18 23.50 29.72
C GLU C 290 -9.72 23.25 28.30
N ARG C 291 -9.80 22.01 27.86
CA ARG C 291 -9.39 21.66 26.50
C ARG C 291 -10.39 22.27 25.54
N ASN C 292 -11.67 22.09 25.86
CA ASN C 292 -12.72 22.65 25.02
C ASN C 292 -12.51 24.15 24.88
N LEU C 293 -12.43 24.81 26.03
CA LEU C 293 -12.23 26.24 26.04
C LEU C 293 -10.99 26.63 25.25
N ALA C 294 -9.87 25.99 25.55
CA ALA C 294 -8.64 26.29 24.87
C ALA C 294 -8.75 26.17 23.35
N SER C 295 -9.28 25.06 22.87
CA SER C 295 -9.40 24.88 21.44
C SER C 295 -10.23 25.98 20.81
N HIS C 296 -11.30 26.40 21.49
CA HIS C 296 -12.12 27.45 20.94
C HIS C 296 -11.43 28.83 20.94
N GLN C 297 -10.70 29.13 22.02
CA GLN C 297 -10.00 30.40 22.08
C GLN C 297 -8.87 30.41 21.05
N LEU C 298 -8.30 29.23 20.79
CA LEU C 298 -7.24 29.13 19.79
C LEU C 298 -7.82 29.40 18.40
N ALA C 299 -9.02 28.86 18.15
CA ALA C 299 -9.70 29.07 16.88
C ALA C 299 -9.97 30.56 16.72
N GLU C 300 -10.40 31.20 17.80
CA GLU C 300 -10.69 32.63 17.79
C GLU C 300 -9.42 33.38 17.40
N ALA C 301 -8.33 33.06 18.09
CA ALA C 301 -7.03 33.69 17.84
C ALA C 301 -6.60 33.53 16.38
N ILE C 302 -6.83 32.35 15.82
CA ILE C 302 -6.46 32.08 14.43
C ILE C 302 -7.29 32.93 13.46
N CYS C 303 -8.59 33.05 13.71
CA CYS C 303 -9.48 33.84 12.85
C CYS C 303 -9.14 35.32 12.89
N GLN C 304 -9.08 35.86 14.11
CA GLN C 304 -8.77 37.25 14.34
C GLN C 304 -7.28 37.41 14.19
N GLN C 305 -6.74 36.81 13.14
CA GLN C 305 -5.32 36.89 12.88
C GLN C 305 -5.21 36.89 11.39
N ILE C 306 -5.89 35.93 10.78
CA ILE C 306 -5.89 35.82 9.34
C ILE C 306 -6.72 36.98 8.81
N THR C 307 -7.92 37.16 9.36
CA THR C 307 -8.79 38.24 8.93
C THR C 307 -8.06 39.58 8.98
N GLN C 308 -7.36 39.82 10.09
CA GLN C 308 -6.63 41.06 10.25
C GLN C 308 -5.57 41.18 9.17
N GLN C 309 -4.68 40.20 9.08
CA GLN C 309 -3.62 40.22 8.10
C GLN C 309 -4.14 40.34 6.67
N VAL C 310 -5.04 39.45 6.28
CA VAL C 310 -5.59 39.49 4.92
C VAL C 310 -6.01 40.90 4.55
N THR C 311 -6.73 41.56 5.45
CA THR C 311 -7.17 42.92 5.15
C THR C 311 -6.03 43.92 5.34
N LYS C 312 -4.99 43.77 4.53
CA LYS C 312 -3.80 44.63 4.55
C LYS C 312 -3.00 44.41 3.27
N SER D 2 34.95 15.00 -25.90
CA SER D 2 35.39 14.05 -24.84
C SER D 2 35.85 14.82 -23.60
N LEU D 3 35.81 14.17 -22.43
CA LEU D 3 36.21 14.81 -21.17
C LEU D 3 37.07 13.87 -20.32
N LYS D 4 38.01 14.46 -19.58
CA LYS D 4 38.89 13.69 -18.71
C LYS D 4 38.68 14.22 -17.30
N ILE D 5 38.33 13.32 -16.39
CA ILE D 5 38.04 13.71 -15.02
C ILE D 5 38.84 12.95 -13.98
N ALA D 6 39.21 13.62 -12.91
CA ALA D 6 39.96 12.97 -11.84
C ALA D 6 39.03 12.85 -10.64
N MSE D 7 39.12 11.71 -9.96
CA MSE D 7 38.33 11.43 -8.76
C MSE D 7 39.29 11.25 -7.58
O MSE D 7 39.98 10.24 -7.49
CB MSE D 7 37.50 10.17 -8.96
CG MSE D 7 36.11 10.42 -9.54
SE MSE D 7 35.06 8.79 -9.84
CE MSE D 7 35.23 7.92 -8.13
N ILE D 8 39.32 12.23 -6.68
CA ILE D 8 40.18 12.15 -5.51
C ILE D 8 39.38 11.71 -4.30
N GLY D 9 39.88 10.70 -3.58
CA GLY D 9 39.20 10.21 -2.40
C GLY D 9 38.20 9.10 -2.71
N LEU D 10 38.70 7.89 -2.89
CA LEU D 10 37.82 6.78 -3.19
C LEU D 10 37.30 6.06 -1.96
N GLY D 11 36.39 6.72 -1.24
CA GLY D 11 35.81 6.14 -0.04
C GLY D 11 34.54 5.36 -0.29
N ASP D 12 33.64 5.32 0.69
CA ASP D 12 32.40 4.57 0.53
C ASP D 12 31.49 5.07 -0.57
N ILE D 13 31.25 6.38 -0.63
CA ILE D 13 30.36 6.90 -1.67
C ILE D 13 31.02 6.89 -3.05
N ALA D 14 32.31 7.16 -3.10
CA ALA D 14 32.99 7.16 -4.38
C ALA D 14 32.83 5.79 -5.02
N GLN D 15 33.02 4.76 -4.22
CA GLN D 15 32.92 3.37 -4.70
C GLN D 15 31.51 2.88 -4.88
N LYS D 16 30.60 3.39 -4.07
CA LYS D 16 29.21 2.95 -4.11
C LYS D 16 28.40 3.53 -5.28
N ALA D 17 28.68 4.79 -5.62
CA ALA D 17 27.94 5.47 -6.69
C ALA D 17 28.76 6.09 -7.83
N TYR D 18 29.52 7.13 -7.54
CA TYR D 18 30.31 7.83 -8.56
C TYR D 18 31.16 7.00 -9.52
N LEU D 19 32.05 6.19 -8.95
CA LEU D 19 32.91 5.37 -9.77
C LEU D 19 32.04 4.51 -10.69
N PRO D 20 31.13 3.71 -10.12
CA PRO D 20 30.34 2.90 -11.04
C PRO D 20 29.57 3.72 -12.08
N VAL D 21 29.22 4.97 -11.78
CA VAL D 21 28.48 5.75 -12.75
C VAL D 21 29.37 6.30 -13.87
N LEU D 22 30.54 6.85 -13.53
CA LEU D 22 31.44 7.39 -14.55
C LEU D 22 32.29 6.34 -15.24
N ALA D 23 32.40 5.15 -14.67
CA ALA D 23 33.20 4.11 -15.28
C ALA D 23 32.60 3.66 -16.60
N GLN D 24 31.29 3.64 -16.68
CA GLN D 24 30.63 3.22 -17.91
C GLN D 24 30.19 4.40 -18.76
N TRP D 25 30.35 5.60 -18.23
CA TRP D 25 29.96 6.80 -18.95
C TRP D 25 30.88 6.98 -20.16
N PRO D 26 30.30 6.86 -21.36
CA PRO D 26 31.05 7.01 -22.62
C PRO D 26 31.67 8.36 -22.82
N ASP D 27 32.82 8.37 -23.51
CA ASP D 27 33.53 9.61 -23.79
C ASP D 27 34.14 10.26 -22.57
N ILE D 28 34.25 9.54 -21.46
CA ILE D 28 34.84 10.12 -20.26
C ILE D 28 36.07 9.31 -19.84
N GLU D 29 37.18 9.99 -19.62
CA GLU D 29 38.41 9.33 -19.21
C GLU D 29 38.72 9.66 -17.76
N LEU D 30 38.80 8.61 -16.94
CA LEU D 30 39.05 8.76 -15.51
C LEU D 30 40.50 8.78 -15.08
N VAL D 31 40.76 9.43 -13.95
CA VAL D 31 42.09 9.51 -13.37
C VAL D 31 41.90 9.25 -11.88
N LEU D 32 41.93 7.98 -11.47
CA LEU D 32 41.73 7.65 -10.08
C LEU D 32 42.85 8.11 -9.17
N CYS D 33 42.47 8.67 -8.02
CA CYS D 33 43.42 9.16 -7.04
C CYS D 33 42.92 8.89 -5.61
N THR D 34 43.79 8.36 -4.77
CA THR D 34 43.43 8.07 -3.40
C THR D 34 44.73 7.70 -2.68
N ARG D 35 44.81 7.91 -1.37
CA ARG D 35 46.04 7.61 -0.66
C ARG D 35 46.37 6.12 -0.48
N ASN D 36 45.37 5.29 -0.30
CA ASN D 36 45.63 3.86 -0.12
C ASN D 36 45.93 3.15 -1.43
N PRO D 37 47.21 2.78 -1.65
CA PRO D 37 47.62 2.10 -2.88
C PRO D 37 46.93 0.77 -3.11
N LYS D 38 46.63 0.04 -2.04
CA LYS D 38 45.97 -1.25 -2.21
C LYS D 38 44.56 -1.06 -2.78
N VAL D 39 43.79 -0.15 -2.19
CA VAL D 39 42.44 0.10 -2.68
C VAL D 39 42.54 0.67 -4.08
N LEU D 40 43.39 1.68 -4.24
CA LEU D 40 43.58 2.33 -5.53
C LEU D 40 43.78 1.32 -6.66
N GLY D 41 44.74 0.42 -6.49
CA GLY D 41 45.00 -0.57 -7.51
C GLY D 41 43.82 -1.49 -7.79
N THR D 42 43.18 -1.95 -6.73
CA THR D 42 42.05 -2.86 -6.90
C THR D 42 41.02 -2.20 -7.78
N LEU D 43 40.63 -0.98 -7.41
CA LEU D 43 39.63 -0.24 -8.17
C LEU D 43 40.09 0.02 -9.60
N ALA D 44 41.29 0.59 -9.76
CA ALA D 44 41.82 0.88 -11.09
C ALA D 44 41.77 -0.33 -12.02
N THR D 45 42.03 -1.51 -11.45
CA THR D 45 42.01 -2.72 -12.24
C THR D 45 40.58 -3.11 -12.58
N ARG D 46 39.73 -3.17 -11.56
CA ARG D 46 38.33 -3.54 -11.74
C ARG D 46 37.62 -2.76 -12.83
N TYR D 47 37.79 -1.44 -12.83
CA TYR D 47 37.14 -0.60 -13.82
C TYR D 47 38.09 -0.25 -14.96
N ARG D 48 39.17 -1.00 -15.05
CA ARG D 48 40.19 -0.78 -16.08
C ARG D 48 40.54 0.70 -16.24
N VAL D 49 41.36 1.19 -15.32
CA VAL D 49 41.79 2.58 -15.35
C VAL D 49 43.30 2.63 -15.26
N SER D 50 43.91 3.14 -16.32
CA SER D 50 45.36 3.26 -16.38
C SER D 50 45.83 4.46 -15.59
N ALA D 51 45.05 5.55 -15.60
CA ALA D 51 45.43 6.74 -14.87
C ALA D 51 45.26 6.52 -13.37
N THR D 52 46.38 6.24 -12.72
CA THR D 52 46.47 5.98 -11.29
C THR D 52 47.28 7.07 -10.61
N CYS D 53 46.89 7.43 -9.41
CA CYS D 53 47.57 8.51 -8.74
C CYS D 53 47.44 8.30 -7.24
N THR D 54 48.49 8.61 -6.50
CA THR D 54 48.43 8.43 -5.06
C THR D 54 48.50 9.78 -4.36
N ASP D 55 49.15 10.74 -5.01
CA ASP D 55 49.29 12.09 -4.46
C ASP D 55 48.46 13.05 -5.31
N TYR D 56 47.36 13.54 -4.74
CA TYR D 56 46.46 14.44 -5.44
C TYR D 56 47.16 15.55 -6.19
N ARG D 57 48.42 15.80 -5.86
CA ARG D 57 49.18 16.86 -6.53
C ARG D 57 49.70 16.38 -7.87
N ASP D 58 49.88 15.06 -7.99
CA ASP D 58 50.38 14.46 -9.21
C ASP D 58 49.30 14.41 -10.28
N VAL D 59 48.14 14.98 -9.99
CA VAL D 59 47.04 15.00 -10.94
C VAL D 59 47.31 15.99 -12.06
N LEU D 60 48.03 17.07 -11.74
CA LEU D 60 48.37 18.09 -12.72
C LEU D 60 49.08 17.47 -13.92
N GLN D 61 49.69 16.32 -13.72
CA GLN D 61 50.39 15.65 -14.81
C GLN D 61 49.47 14.81 -15.69
N TYR D 62 48.20 15.17 -15.73
CA TYR D 62 47.26 14.43 -16.57
C TYR D 62 46.31 15.36 -17.31
N GLY D 63 46.58 16.66 -17.23
CA GLY D 63 45.74 17.64 -17.90
C GLY D 63 44.28 17.27 -17.86
N VAL D 64 43.71 17.35 -16.66
CA VAL D 64 42.31 17.00 -16.46
C VAL D 64 41.44 18.23 -16.70
N ASP D 65 40.23 17.98 -17.15
CA ASP D 65 39.28 19.06 -17.43
C ASP D 65 38.55 19.50 -16.16
N ALA D 66 38.64 18.67 -15.13
CA ALA D 66 37.98 18.94 -13.85
C ALA D 66 38.18 17.77 -12.90
N VAL D 67 38.08 18.04 -11.61
CA VAL D 67 38.22 17.00 -10.61
C VAL D 67 36.96 16.86 -9.73
N MSE D 68 36.82 15.71 -9.10
CA MSE D 68 35.70 15.43 -8.22
C MSE D 68 36.27 14.94 -6.90
O MSE D 68 37.02 13.97 -6.86
CB MSE D 68 34.80 14.37 -8.83
CG MSE D 68 34.07 14.83 -10.08
SE MSE D 68 33.14 13.40 -11.00
CE MSE D 68 31.47 13.43 -9.99
N ILE D 69 35.92 15.62 -5.81
CA ILE D 69 36.43 15.27 -4.50
C ILE D 69 35.39 14.51 -3.69
N HIS D 70 35.72 13.29 -3.28
CA HIS D 70 34.82 12.46 -2.49
C HIS D 70 35.40 12.13 -1.15
N ALA D 71 36.49 12.80 -0.77
CA ALA D 71 37.11 12.52 0.51
C ALA D 71 36.24 13.05 1.64
N ALA D 72 36.67 12.84 2.88
CA ALA D 72 35.92 13.31 4.03
C ALA D 72 35.91 14.83 4.09
N THR D 73 34.93 15.38 4.78
CA THR D 73 34.81 16.82 4.89
C THR D 73 36.12 17.48 5.37
N ASP D 74 36.77 16.86 6.36
CA ASP D 74 38.03 17.37 6.92
C ASP D 74 39.02 17.93 5.90
N VAL D 75 39.12 17.24 4.76
CA VAL D 75 40.05 17.66 3.73
C VAL D 75 39.39 18.22 2.48
N HIS D 76 38.15 18.69 2.60
CA HIS D 76 37.44 19.24 1.44
C HIS D 76 38.06 20.50 0.91
N SER D 77 38.02 21.54 1.73
CA SER D 77 38.58 22.82 1.33
C SER D 77 40.00 22.67 0.78
N THR D 78 40.88 22.11 1.59
CA THR D 78 42.26 21.91 1.19
C THR D 78 42.36 21.42 -0.24
N LEU D 79 41.75 20.28 -0.54
CA LEU D 79 41.80 19.73 -1.87
C LEU D 79 41.05 20.60 -2.87
N ALA D 80 39.92 21.17 -2.46
CA ALA D 80 39.14 22.04 -3.35
C ALA D 80 39.94 23.27 -3.75
N ALA D 81 40.45 23.97 -2.75
CA ALA D 81 41.22 25.19 -2.97
C ALA D 81 42.41 24.92 -3.87
N PHE D 82 43.02 23.74 -3.74
CA PHE D 82 44.17 23.40 -4.55
C PHE D 82 43.89 23.41 -6.04
N PHE D 83 42.80 22.78 -6.45
CA PHE D 83 42.50 22.76 -7.88
C PHE D 83 41.88 24.06 -8.35
N LEU D 84 41.15 24.72 -7.47
CA LEU D 84 40.53 25.98 -7.84
C LEU D 84 41.56 27.05 -8.13
N HIS D 85 42.48 27.32 -7.19
CA HIS D 85 43.47 28.34 -7.45
C HIS D 85 44.46 27.90 -8.53
N LEU D 86 44.20 26.75 -9.14
CA LEU D 86 45.05 26.25 -10.21
C LEU D 86 44.24 26.20 -11.50
N GLY D 87 43.12 26.91 -11.49
CA GLY D 87 42.22 26.99 -12.64
C GLY D 87 41.64 25.68 -13.13
N ILE D 88 40.98 24.95 -12.23
CA ILE D 88 40.38 23.66 -12.58
C ILE D 88 39.00 23.47 -11.96
N PRO D 89 37.98 23.19 -12.77
CA PRO D 89 36.62 23.00 -12.24
C PRO D 89 36.64 21.97 -11.10
N THR D 90 35.89 22.25 -10.05
CA THR D 90 35.86 21.35 -8.90
C THR D 90 34.48 20.94 -8.40
N PHE D 91 34.30 19.64 -8.25
CA PHE D 91 33.07 19.06 -7.76
C PHE D 91 33.36 18.59 -6.34
N VAL D 92 32.39 18.76 -5.45
CA VAL D 92 32.58 18.36 -4.07
C VAL D 92 31.29 17.80 -3.47
N ASP D 93 31.41 16.70 -2.73
CA ASP D 93 30.27 16.08 -2.07
C ASP D 93 29.81 16.95 -0.92
N LYS D 94 28.51 16.94 -0.65
CA LYS D 94 27.99 17.73 0.46
C LYS D 94 28.44 17.10 1.78
N PRO D 95 28.76 17.93 2.78
CA PRO D 95 28.71 19.39 2.70
C PRO D 95 30.01 19.97 2.10
N LEU D 96 29.89 21.09 1.41
CA LEU D 96 31.05 21.73 0.80
C LEU D 96 32.17 21.90 1.81
N ALA D 97 31.81 22.41 2.98
CA ALA D 97 32.76 22.63 4.05
C ALA D 97 32.10 22.31 5.38
N ALA D 98 32.89 22.33 6.44
CA ALA D 98 32.39 22.03 7.77
C ALA D 98 31.70 23.22 8.44
N SER D 99 31.88 24.41 7.86
CA SER D 99 31.29 25.64 8.39
C SER D 99 30.90 26.55 7.23
N ALA D 100 29.95 27.45 7.47
CA ALA D 100 29.50 28.36 6.44
C ALA D 100 30.60 29.32 5.96
N GLN D 101 31.43 29.79 6.90
CA GLN D 101 32.48 30.71 6.52
C GLN D 101 33.45 30.09 5.54
N GLU D 102 33.82 28.83 5.73
CA GLU D 102 34.74 28.20 4.79
C GLU D 102 34.08 28.03 3.43
N CYS D 103 32.75 27.87 3.43
CA CYS D 103 31.99 27.73 2.18
C CYS D 103 32.08 29.03 1.41
N GLU D 104 31.91 30.14 2.12
CA GLU D 104 31.97 31.46 1.52
C GLU D 104 33.38 31.68 0.94
N ASN D 105 34.40 31.41 1.74
CA ASN D 105 35.77 31.58 1.29
C ASN D 105 36.06 30.76 0.06
N LEU D 106 35.67 29.49 0.09
CA LEU D 106 35.88 28.62 -1.05
C LEU D 106 35.28 29.19 -2.33
N TYR D 107 34.04 29.68 -2.24
CA TYR D 107 33.40 30.24 -3.41
C TYR D 107 34.05 31.56 -3.81
N GLU D 108 34.63 32.26 -2.84
CA GLU D 108 35.31 33.50 -3.15
C GLU D 108 36.53 33.16 -3.98
N LEU D 109 37.29 32.15 -3.54
CA LEU D 109 38.46 31.72 -4.27
C LEU D 109 38.06 31.23 -5.66
N ALA D 110 36.91 30.58 -5.73
CA ALA D 110 36.39 30.05 -7.00
C ALA D 110 36.09 31.19 -7.96
N GLU D 111 35.63 32.31 -7.43
CA GLU D 111 35.34 33.46 -8.26
C GLU D 111 36.62 34.20 -8.63
N LYS D 112 37.54 34.29 -7.68
CA LYS D 112 38.80 34.97 -7.92
C LYS D 112 39.57 34.25 -9.01
N HIS D 113 39.10 33.07 -9.39
CA HIS D 113 39.79 32.32 -10.43
C HIS D 113 38.86 31.96 -11.58
N HIS D 114 37.64 32.45 -11.52
CA HIS D 114 36.64 32.20 -12.56
C HIS D 114 36.42 30.72 -12.79
N GLN D 115 36.49 29.92 -11.72
CA GLN D 115 36.29 28.48 -11.84
C GLN D 115 35.00 28.06 -11.18
N PRO D 116 34.35 27.03 -11.73
CA PRO D 116 33.10 26.57 -11.13
C PRO D 116 33.35 25.65 -9.93
N LEU D 117 32.41 25.66 -8.99
CA LEU D 117 32.48 24.84 -7.78
C LEU D 117 31.11 24.20 -7.63
N TYR D 118 30.98 22.99 -8.16
CA TYR D 118 29.73 22.26 -8.10
C TYR D 118 29.67 21.44 -6.79
N VAL D 119 28.57 21.55 -6.06
CA VAL D 119 28.39 20.81 -4.81
C VAL D 119 27.37 19.69 -5.07
N GLY D 120 27.79 18.45 -4.79
CA GLY D 120 26.94 17.29 -5.03
C GLY D 120 25.69 17.14 -4.19
N PHE D 121 24.55 17.52 -4.76
CA PHE D 121 23.28 17.42 -4.08
C PHE D 121 22.35 16.60 -4.98
N ASN D 122 22.46 15.28 -4.88
CA ASN D 122 21.64 14.40 -5.71
C ASN D 122 20.13 14.64 -5.61
N ARG D 123 19.63 14.98 -4.42
CA ARG D 123 18.20 15.20 -4.27
C ARG D 123 17.63 16.41 -5.03
N ARG D 124 18.41 16.97 -5.95
CA ARG D 124 17.93 18.08 -6.77
C ARG D 124 17.76 17.46 -8.17
N HIS D 125 18.23 16.23 -8.31
CA HIS D 125 18.18 15.56 -9.59
C HIS D 125 17.50 14.21 -9.54
N ILE D 126 16.47 14.06 -8.72
CA ILE D 126 15.78 12.79 -8.65
C ILE D 126 14.89 12.65 -9.89
N PRO D 127 15.21 11.71 -10.80
CA PRO D 127 14.40 11.55 -12.00
C PRO D 127 12.88 11.48 -11.83
N LEU D 128 12.39 10.73 -10.85
CA LEU D 128 10.95 10.63 -10.66
C LEU D 128 10.35 11.92 -10.09
N TYR D 129 11.06 12.58 -9.19
CA TYR D 129 10.51 13.80 -8.61
C TYR D 129 10.54 14.96 -9.58
N ASN D 130 11.63 15.09 -10.32
CA ASN D 130 11.73 16.20 -11.27
C ASN D 130 10.81 15.98 -12.47
N GLN D 131 10.29 14.76 -12.59
CA GLN D 131 9.42 14.46 -13.70
C GLN D 131 8.00 14.99 -13.47
N HIS D 132 7.47 14.81 -12.26
CA HIS D 132 6.13 15.28 -11.95
C HIS D 132 6.16 16.63 -11.26
N LEU D 133 7.35 17.08 -10.88
CA LEU D 133 7.46 18.37 -10.18
C LEU D 133 8.49 19.27 -10.88
N SER D 134 8.03 20.01 -11.88
CA SER D 134 8.91 20.90 -12.62
C SER D 134 9.68 21.84 -11.70
N GLU D 135 9.00 22.34 -10.67
CA GLU D 135 9.61 23.26 -9.71
C GLU D 135 10.97 22.74 -9.19
N LEU D 136 11.04 21.47 -8.84
CA LEU D 136 12.28 20.89 -8.33
C LEU D 136 13.39 20.86 -9.38
N ALA D 137 13.01 20.63 -10.63
CA ALA D 137 13.93 20.59 -11.75
C ALA D 137 14.38 22.02 -12.08
N GLN D 138 13.49 22.98 -11.89
CA GLN D 138 13.81 24.37 -12.17
C GLN D 138 14.45 25.02 -10.95
N GLN D 139 14.31 24.38 -9.79
CA GLN D 139 14.90 24.91 -8.55
C GLN D 139 14.23 26.21 -8.12
N GLU D 140 12.94 26.33 -8.44
CA GLU D 140 12.12 27.49 -8.08
C GLU D 140 10.96 27.04 -7.21
N CYS D 141 10.17 27.99 -6.73
CA CYS D 141 9.01 27.61 -5.92
C CYS D 141 7.84 27.36 -6.86
N GLY D 142 7.86 28.02 -8.03
CA GLY D 142 6.82 27.84 -9.02
C GLY D 142 5.42 27.90 -8.46
N ALA D 143 4.59 26.95 -8.87
CA ALA D 143 3.19 26.90 -8.41
C ALA D 143 2.99 26.16 -7.09
N LEU D 144 4.07 25.65 -6.51
CA LEU D 144 3.96 24.91 -5.27
C LEU D 144 3.28 25.69 -4.16
N ARG D 145 2.35 25.03 -3.49
CA ARG D 145 1.65 25.63 -2.36
C ARG D 145 2.31 25.10 -1.10
N SER D 146 2.88 23.91 -1.18
CA SER D 146 3.55 23.33 -0.04
C SER D 146 4.51 22.22 -0.50
N LEU D 147 5.55 22.00 0.27
CA LEU D 147 6.52 20.96 -0.02
C LEU D 147 7.15 20.56 1.30
N ARG D 148 7.05 19.28 1.62
CA ARG D 148 7.61 18.73 2.85
C ARG D 148 8.54 17.58 2.50
N TRP D 149 9.76 17.63 3.03
CA TRP D 149 10.74 16.59 2.76
C TRP D 149 11.15 15.95 4.07
N GLU D 150 10.71 14.72 4.30
CA GLU D 150 11.05 14.02 5.53
C GLU D 150 12.05 12.91 5.27
N LYS D 151 13.17 12.96 6.00
CA LYS D 151 14.19 11.94 5.88
C LYS D 151 14.49 11.52 7.31
N HIS D 152 14.02 10.35 7.71
CA HIS D 152 14.21 9.88 9.07
C HIS D 152 15.12 8.67 9.22
N ARG D 153 15.48 8.34 10.46
CA ARG D 153 16.31 7.18 10.77
C ARG D 153 15.85 6.56 12.06
N HIS D 154 16.15 5.28 12.25
CA HIS D 154 15.77 4.61 13.47
C HIS D 154 16.94 4.52 14.42
N ALA D 155 16.72 5.01 15.64
CA ALA D 155 17.74 4.95 16.68
C ALA D 155 19.11 5.33 16.17
N LEU D 156 19.30 6.61 15.86
CA LEU D 156 20.60 7.06 15.35
C LEU D 156 20.84 8.55 15.56
N PRO D 157 20.74 9.02 16.81
CA PRO D 157 20.96 10.44 17.11
C PRO D 157 22.43 10.83 16.98
N GLY D 158 22.70 12.13 16.96
CA GLY D 158 24.08 12.57 16.84
C GLY D 158 24.33 13.95 17.40
N ASP D 159 25.59 14.40 17.32
CA ASP D 159 25.94 15.71 17.80
C ASP D 159 25.35 16.73 16.83
N ILE D 160 24.94 17.87 17.36
CA ILE D 160 24.35 18.92 16.56
C ILE D 160 25.02 19.12 15.21
N ARG D 161 26.29 19.51 15.23
CA ARG D 161 27.02 19.75 14.01
C ARG D 161 26.88 18.68 12.94
N THR D 162 27.37 17.48 13.24
CA THR D 162 27.31 16.39 12.29
C THR D 162 25.90 16.15 11.77
N PHE D 163 24.95 16.10 12.70
CA PHE D 163 23.56 15.87 12.36
C PHE D 163 23.12 16.86 11.27
N VAL D 164 23.32 18.15 11.51
CA VAL D 164 22.90 19.16 10.54
C VAL D 164 23.67 19.22 9.22
N PHE D 165 24.99 19.38 9.28
CA PHE D 165 25.80 19.49 8.07
C PHE D 165 25.95 18.23 7.23
N ASP D 166 26.01 17.07 7.86
CA ASP D 166 26.15 15.85 7.09
C ASP D 166 24.87 15.10 6.71
N ASP D 167 23.77 15.37 7.41
CA ASP D 167 22.54 14.64 7.09
C ASP D 167 21.31 15.51 6.79
N PHE D 168 20.93 16.37 7.73
CA PHE D 168 19.78 17.25 7.57
C PHE D 168 19.90 18.17 6.36
N ILE D 169 21.13 18.42 5.93
CA ILE D 169 21.35 19.30 4.80
C ILE D 169 20.66 18.77 3.56
N HIS D 170 20.47 17.47 3.49
CA HIS D 170 19.81 16.87 2.34
C HIS D 170 18.35 17.33 2.26
N PRO D 171 17.56 17.10 3.32
CA PRO D 171 16.17 17.57 3.22
C PRO D 171 16.12 19.10 3.22
N LEU D 172 16.94 19.70 4.07
CA LEU D 172 16.99 21.15 4.15
C LEU D 172 17.27 21.78 2.77
N ASP D 173 18.29 21.33 2.05
CA ASP D 173 18.57 21.94 0.74
C ASP D 173 17.54 21.61 -0.32
N SER D 174 17.06 20.38 -0.31
CA SER D 174 16.09 19.93 -1.29
C SER D 174 14.81 20.74 -1.24
N VAL D 175 14.48 21.21 -0.05
CA VAL D 175 13.27 21.98 0.12
C VAL D 175 13.56 23.47 -0.01
N ASN D 176 14.83 23.83 -0.01
CA ASN D 176 15.21 25.24 -0.10
C ASN D 176 15.00 25.89 -1.47
N LEU D 177 13.82 25.66 -2.06
CA LEU D 177 13.48 26.23 -3.37
C LEU D 177 13.62 27.74 -3.39
N SER D 178 13.57 28.32 -2.20
CA SER D 178 13.73 29.75 -2.02
C SER D 178 15.24 29.88 -1.79
N ARG D 179 15.68 30.95 -1.15
CA ARG D 179 17.11 31.06 -0.91
C ARG D 179 17.36 31.35 0.55
N GLN D 180 16.51 30.76 1.40
CA GLN D 180 16.60 30.95 2.84
C GLN D 180 18.05 30.76 3.33
N CYS D 181 18.55 31.76 4.07
CA CYS D 181 19.92 31.70 4.53
C CYS D 181 20.07 32.02 6.01
N ASN D 182 19.00 32.47 6.63
CA ASN D 182 19.02 32.80 8.05
C ASN D 182 17.77 32.24 8.67
N LEU D 183 17.53 32.58 9.94
CA LEU D 183 16.34 32.07 10.62
C LEU D 183 15.24 33.11 10.68
N ASP D 184 15.30 34.07 9.76
CA ASP D 184 14.30 35.14 9.68
C ASP D 184 12.97 34.62 9.16
N ASP D 185 11.93 34.75 9.99
CA ASP D 185 10.59 34.31 9.61
C ASP D 185 10.60 32.80 9.42
N LEU D 186 11.47 32.12 10.16
CA LEU D 186 11.60 30.68 10.09
C LEU D 186 11.20 30.02 11.42
N HIS D 187 10.69 28.80 11.36
CA HIS D 187 10.29 28.12 12.59
C HIS D 187 11.12 26.85 12.82
N LEU D 188 12.09 26.96 13.71
CA LEU D 188 12.96 25.85 14.02
C LEU D 188 12.56 25.13 15.31
N THR D 189 12.24 23.84 15.19
CA THR D 189 11.88 23.07 16.38
C THR D 189 12.79 21.85 16.47
N TYR D 190 12.94 21.28 17.65
CA TYR D 190 13.80 20.11 17.82
C TYR D 190 13.68 19.46 19.19
N HIS D 191 14.17 18.23 19.27
CA HIS D 191 14.16 17.48 20.50
C HIS D 191 15.55 16.93 20.68
N MSE D 192 15.94 16.67 21.93
CA MSE D 192 17.26 16.13 22.21
C MSE D 192 17.19 14.99 23.20
O MSE D 192 16.52 15.09 24.22
CB MSE D 192 18.18 17.23 22.76
CG MSE D 192 18.28 18.46 21.88
SE MSE D 192 20.05 18.73 21.17
CE MSE D 192 20.98 18.98 22.84
N SER D 193 17.88 13.89 22.90
CA SER D 193 17.90 12.75 23.81
C SER D 193 19.29 12.63 24.41
N GLU D 194 19.31 12.67 25.74
CA GLU D 194 20.53 12.59 26.53
C GLU D 194 21.82 13.05 25.86
N GLY D 195 21.91 14.35 25.62
CA GLY D 195 23.12 14.90 25.03
C GLY D 195 23.17 15.05 23.53
N LEU D 196 22.35 14.28 22.81
CA LEU D 196 22.35 14.33 21.36
C LEU D 196 21.08 14.93 20.70
N LEU D 197 21.18 15.21 19.40
CA LEU D 197 20.07 15.74 18.63
C LEU D 197 19.28 14.54 18.10
N ALA D 198 17.99 14.48 18.40
CA ALA D 198 17.13 13.39 17.96
C ALA D 198 16.28 13.71 16.73
N ARG D 199 15.67 14.91 16.70
CA ARG D 199 14.87 15.31 15.55
C ARG D 199 14.93 16.81 15.31
N LEU D 200 15.00 17.18 14.03
CA LEU D 200 15.09 18.58 13.63
C LEU D 200 13.96 18.92 12.66
N ASP D 201 13.34 20.07 12.87
CA ASP D 201 12.26 20.54 12.02
C ASP D 201 12.41 22.02 11.70
N VAL D 202 12.66 22.30 10.43
CA VAL D 202 12.80 23.66 9.95
C VAL D 202 11.70 23.84 8.91
N GLN D 203 10.89 24.87 9.12
CA GLN D 203 9.77 25.14 8.23
C GLN D 203 9.56 26.65 8.12
N TRP D 204 9.30 27.12 6.92
CA TRP D 204 9.07 28.55 6.70
C TRP D 204 8.22 28.78 5.46
N GLN D 205 7.70 29.99 5.32
CA GLN D 205 6.88 30.30 4.16
C GLN D 205 7.30 31.58 3.43
N THR D 206 7.75 31.40 2.19
CA THR D 206 8.17 32.51 1.35
C THR D 206 7.22 32.59 0.17
N GLY D 207 6.35 33.59 0.20
CA GLY D 207 5.40 33.77 -0.88
C GLY D 207 4.18 32.92 -0.67
N ASP D 208 3.84 32.11 -1.67
CA ASP D 208 2.68 31.26 -1.54
C ASP D 208 3.11 29.81 -1.39
N THR D 209 4.35 29.61 -0.97
CA THR D 209 4.88 28.27 -0.81
C THR D 209 5.39 27.99 0.59
N LEU D 210 4.87 26.94 1.22
CA LEU D 210 5.30 26.55 2.55
C LEU D 210 6.32 25.42 2.39
N LEU D 211 7.57 25.72 2.73
CA LEU D 211 8.66 24.76 2.63
C LEU D 211 8.95 24.15 4.00
N HIS D 212 9.10 22.83 4.05
CA HIS D 212 9.31 22.15 5.32
C HIS D 212 10.33 21.03 5.22
N ALA D 213 11.36 21.10 6.06
CA ALA D 213 12.42 20.08 6.11
C ALA D 213 12.34 19.37 7.45
N SER D 214 12.16 18.05 7.41
CA SER D 214 12.01 17.28 8.64
C SER D 214 12.94 16.08 8.76
N MSE D 215 13.56 15.95 9.92
CA MSE D 215 14.47 14.84 10.15
C MSE D 215 14.39 14.33 11.59
O MSE D 215 14.87 14.96 12.52
CB MSE D 215 15.90 15.25 9.83
CG MSE D 215 16.92 14.17 10.19
SE MSE D 215 18.56 14.34 9.22
CE MSE D 215 19.81 14.06 10.65
N ASN D 216 13.78 13.16 11.75
CA ASN D 216 13.64 12.54 13.07
C ASN D 216 14.55 11.32 13.07
N ARG D 217 15.70 11.42 13.72
CA ARG D 217 16.61 10.27 13.73
C ARG D 217 16.40 9.29 14.86
N GLN D 218 15.29 9.46 15.59
CA GLN D 218 14.91 8.54 16.65
C GLN D 218 13.53 8.12 16.20
N PHE D 219 13.38 7.95 14.89
CA PHE D 219 12.09 7.57 14.31
C PHE D 219 11.95 6.06 14.49
N GLY D 220 10.78 5.52 14.11
CA GLY D 220 10.55 4.09 14.26
C GLY D 220 11.16 3.25 13.16
N ILE D 221 11.54 3.91 12.07
CA ILE D 221 12.11 3.20 10.93
C ILE D 221 12.87 4.19 10.08
N THR D 222 13.86 3.71 9.32
CA THR D 222 14.64 4.59 8.43
C THR D 222 13.84 4.69 7.13
N THR D 223 13.50 5.90 6.72
CA THR D 223 12.73 6.09 5.50
C THR D 223 12.70 7.56 5.13
N GLU D 224 12.42 7.85 3.87
CA GLU D 224 12.40 9.22 3.41
C GLU D 224 11.16 9.45 2.55
N HIS D 225 10.35 10.45 2.89
CA HIS D 225 9.12 10.76 2.17
C HIS D 225 9.07 12.21 1.72
N VAL D 226 8.54 12.43 0.52
CA VAL D 226 8.40 13.78 -0.02
C VAL D 226 6.95 14.03 -0.36
N THR D 227 6.40 15.12 0.16
CA THR D 227 5.02 15.47 -0.13
C THR D 227 4.96 16.87 -0.69
N ALA D 228 4.26 17.02 -1.80
CA ALA D 228 4.16 18.31 -2.43
C ALA D 228 2.73 18.55 -2.88
N SER D 229 2.25 19.78 -2.75
CA SER D 229 0.90 20.06 -3.20
C SER D 229 0.77 21.37 -3.95
N TYR D 230 -0.12 21.37 -4.94
CA TYR D 230 -0.41 22.56 -5.72
C TYR D 230 -1.88 22.86 -5.44
N ASP D 231 -2.55 23.50 -6.37
CA ASP D 231 -3.95 23.77 -6.13
C ASP D 231 -4.75 22.60 -6.66
N ASN D 232 -5.41 21.89 -5.75
CA ASN D 232 -6.22 20.75 -6.15
C ASN D 232 -5.41 19.56 -6.71
N VAL D 233 -4.10 19.58 -6.50
CA VAL D 233 -3.24 18.51 -6.95
C VAL D 233 -2.15 18.28 -5.91
N ALA D 234 -1.77 17.02 -5.70
CA ALA D 234 -0.72 16.69 -4.74
C ALA D 234 -0.03 15.38 -5.03
N TYR D 235 1.19 15.24 -4.54
CA TYR D 235 1.93 14.01 -4.75
C TYR D 235 2.56 13.61 -3.43
N LEU D 236 2.77 12.32 -3.27
CA LEU D 236 3.40 11.80 -2.07
C LEU D 236 4.28 10.65 -2.49
N PHE D 237 5.58 10.86 -2.39
CA PHE D 237 6.52 9.82 -2.74
C PHE D 237 7.05 9.16 -1.47
N ASP D 238 6.86 7.85 -1.37
CA ASP D 238 7.30 7.05 -0.24
C ASP D 238 8.69 6.53 -0.49
N SER D 239 9.22 6.80 -1.68
CA SER D 239 10.58 6.37 -2.03
C SER D 239 11.04 7.17 -3.23
N PHE D 240 12.14 6.76 -3.83
CA PHE D 240 12.63 7.47 -5.01
C PHE D 240 12.11 6.78 -6.26
N THR D 241 11.41 5.66 -6.11
CA THR D 241 10.95 4.95 -7.30
C THR D 241 9.45 4.86 -7.49
N GLN D 242 8.70 5.07 -6.40
CA GLN D 242 7.24 5.01 -6.35
C GLN D 242 6.62 6.25 -5.73
N GLY D 243 5.33 6.44 -5.98
CA GLY D 243 4.62 7.58 -5.42
C GLY D 243 3.12 7.54 -5.71
N LYS D 244 2.39 8.52 -5.20
CA LYS D 244 0.95 8.60 -5.44
C LYS D 244 0.60 10.00 -5.90
N MSE D 245 -0.21 10.07 -6.95
CA MSE D 245 -0.64 11.35 -7.46
C MSE D 245 -2.12 11.50 -7.15
O MSE D 245 -2.93 10.61 -7.44
CB MSE D 245 -0.41 11.46 -8.97
CG MSE D 245 -0.76 12.82 -9.52
SE MSE D 245 -0.55 12.89 -11.46
CE MSE D 245 -2.23 11.97 -11.90
N TRP D 246 -2.47 12.63 -6.56
CA TRP D 246 -3.83 12.94 -6.18
C TRP D 246 -4.35 14.13 -6.97
N ARG D 247 -5.44 13.93 -7.70
CA ARG D 247 -6.07 15.00 -8.45
C ARG D 247 -7.46 14.57 -8.83
N ASP D 248 -8.40 15.51 -8.82
CA ASP D 248 -9.76 15.16 -9.17
C ASP D 248 -10.32 14.20 -8.12
N ASN D 249 -9.79 14.25 -6.90
CA ASN D 249 -10.22 13.37 -5.81
C ASN D 249 -10.00 11.89 -6.14
N GLN D 250 -9.07 11.61 -7.05
CA GLN D 250 -8.75 10.23 -7.39
C GLN D 250 -7.26 10.05 -7.09
N GLU D 251 -6.88 8.82 -6.78
CA GLU D 251 -5.50 8.48 -6.46
C GLU D 251 -4.97 7.45 -7.44
N SER D 252 -3.78 7.71 -7.97
CA SER D 252 -3.13 6.80 -8.90
C SER D 252 -1.65 6.76 -8.55
N ARG D 253 -0.94 5.75 -9.01
CA ARG D 253 0.48 5.65 -8.70
C ARG D 253 1.38 6.10 -9.82
N VAL D 254 2.48 6.77 -9.46
CA VAL D 254 3.47 7.21 -10.44
C VAL D 254 4.76 6.48 -10.07
N ALA D 255 5.47 5.97 -11.08
CA ALA D 255 6.69 5.24 -10.80
C ALA D 255 7.71 5.30 -11.93
N LEU D 256 8.96 4.99 -11.60
CA LEU D 256 10.04 5.00 -12.58
C LEU D 256 9.84 3.77 -13.47
N LYS D 257 10.28 3.81 -14.72
CA LYS D 257 10.12 2.66 -15.58
C LYS D 257 10.99 1.55 -15.06
N ASP D 258 10.55 0.31 -15.23
CA ASP D 258 11.32 -0.83 -14.76
C ASP D 258 12.67 -0.83 -15.44
N TRP D 259 13.65 -1.52 -14.84
CA TRP D 259 15.04 -1.63 -15.33
C TRP D 259 15.84 -0.33 -15.17
N THR D 260 15.21 0.69 -14.59
CA THR D 260 15.92 1.93 -14.37
C THR D 260 16.89 1.60 -13.22
N PRO D 261 18.20 1.72 -13.46
CA PRO D 261 19.21 1.43 -12.45
C PRO D 261 19.04 2.19 -11.13
N MSE D 262 19.40 1.55 -10.03
CA MSE D 262 19.29 2.12 -8.70
C MSE D 262 19.98 3.47 -8.53
O MSE D 262 19.41 4.39 -7.96
CB MSE D 262 19.82 1.13 -7.66
CG MSE D 262 19.79 1.60 -6.19
SE MSE D 262 21.41 2.57 -5.57
CE MSE D 262 22.66 1.09 -5.49
N LEU D 263 21.21 3.60 -9.04
CA LEU D 263 21.94 4.86 -8.92
C LEU D 263 21.31 5.99 -9.72
N ALA D 264 20.47 5.64 -10.68
CA ALA D 264 19.80 6.64 -11.50
C ALA D 264 18.62 7.25 -10.72
N SER D 265 17.83 6.36 -10.11
CA SER D 265 16.67 6.78 -9.33
C SER D 265 17.06 7.72 -8.19
N LYS D 266 18.22 7.47 -7.60
CA LYS D 266 18.71 8.30 -6.50
C LYS D 266 19.31 9.56 -7.08
N GLY D 267 19.17 9.70 -8.39
CA GLY D 267 19.64 10.88 -9.10
C GLY D 267 21.10 11.11 -9.37
N PHE D 268 21.94 10.09 -9.21
CA PHE D 268 23.34 10.34 -9.47
C PHE D 268 23.64 10.51 -10.96
N ASP D 269 23.00 9.67 -11.78
CA ASP D 269 23.18 9.76 -13.23
C ASP D 269 22.85 11.18 -13.67
N ALA D 270 21.66 11.66 -13.31
CA ALA D 270 21.24 13.00 -13.68
C ALA D 270 22.21 14.07 -13.18
N MSE D 271 22.66 13.95 -11.94
CA MSE D 271 23.57 14.94 -11.38
C MSE D 271 24.89 15.01 -12.13
O MSE D 271 25.35 16.10 -12.46
CB MSE D 271 23.84 14.65 -9.92
CG MSE D 271 24.88 15.56 -9.31
SE MSE D 271 24.95 15.41 -7.41
CE MSE D 271 25.87 13.69 -7.36
N VAL D 272 25.49 13.85 -12.40
CA VAL D 272 26.75 13.83 -13.12
C VAL D 272 26.53 14.57 -14.44
N GLN D 273 25.41 14.28 -15.11
CA GLN D 273 25.08 14.94 -16.36
C GLN D 273 25.26 16.45 -16.22
N ASP D 274 24.55 17.03 -15.25
CA ASP D 274 24.61 18.46 -14.98
C ASP D 274 26.05 18.90 -14.71
N TRP D 275 26.72 18.18 -13.81
CA TRP D 275 28.12 18.45 -13.45
C TRP D 275 29.01 18.59 -14.69
N LEU D 276 28.99 17.58 -15.54
CA LEU D 276 29.78 17.58 -16.75
C LEU D 276 29.50 18.83 -17.58
N GLN D 277 28.23 19.16 -17.77
CA GLN D 277 27.88 20.34 -18.57
C GLN D 277 28.45 21.60 -17.93
N VAL D 278 28.53 21.60 -16.61
CA VAL D 278 29.09 22.73 -15.90
C VAL D 278 30.60 22.70 -16.08
N ALA D 279 31.19 21.51 -16.00
CA ALA D 279 32.62 21.39 -16.16
C ALA D 279 33.00 21.85 -17.57
N ALA D 280 32.30 21.34 -18.58
CA ALA D 280 32.59 21.72 -19.96
C ALA D 280 32.38 23.21 -20.17
N ALA D 281 31.22 23.71 -19.79
CA ALA D 281 30.94 25.13 -19.98
C ALA D 281 31.88 26.01 -19.17
N GLY D 282 32.48 25.44 -18.13
CA GLY D 282 33.40 26.22 -17.30
C GLY D 282 32.67 27.29 -16.50
N LYS D 283 31.41 27.01 -16.15
CA LYS D 283 30.61 27.96 -15.39
C LYS D 283 29.36 27.32 -14.78
N LEU D 284 29.06 27.71 -13.55
CA LEU D 284 27.91 27.22 -12.83
C LEU D 284 26.93 28.37 -12.64
N PRO D 285 25.68 28.21 -13.13
CA PRO D 285 24.69 29.28 -12.98
C PRO D 285 24.59 29.90 -11.58
N THR D 286 24.43 31.22 -11.56
CA THR D 286 24.35 32.00 -10.33
C THR D 286 23.41 31.47 -9.26
N HIS D 287 22.16 31.21 -9.64
CA HIS D 287 21.19 30.72 -8.67
C HIS D 287 21.67 29.44 -7.99
N ILE D 288 22.45 28.62 -8.69
CA ILE D 288 22.94 27.40 -8.07
C ILE D 288 24.00 27.71 -7.04
N ILE D 289 24.77 28.76 -7.30
CA ILE D 289 25.80 29.17 -6.36
C ILE D 289 25.15 29.78 -5.13
N GLU D 290 24.04 30.48 -5.33
CA GLU D 290 23.35 31.11 -4.22
C GLU D 290 22.62 30.02 -3.44
N ARG D 291 22.12 29.02 -4.15
CA ARG D 291 21.41 27.91 -3.53
C ARG D 291 22.39 27.24 -2.58
N ASN D 292 23.56 26.90 -3.09
CA ASN D 292 24.58 26.24 -2.31
C ASN D 292 24.94 27.02 -1.06
N LEU D 293 25.32 28.28 -1.21
CA LEU D 293 25.67 29.08 -0.03
C LEU D 293 24.54 29.13 0.97
N ALA D 294 23.36 29.48 0.47
CA ALA D 294 22.16 29.60 1.30
C ALA D 294 21.91 28.38 2.19
N SER D 295 21.95 27.20 1.58
CA SER D 295 21.72 25.98 2.33
C SER D 295 22.78 25.83 3.41
N HIS D 296 24.04 26.09 3.05
CA HIS D 296 25.11 25.97 4.02
C HIS D 296 25.00 27.01 5.13
N GLN D 297 24.61 28.22 4.76
CA GLN D 297 24.47 29.28 5.75
C GLN D 297 23.31 28.94 6.68
N LEU D 298 22.22 28.45 6.11
CA LEU D 298 21.08 28.10 6.93
C LEU D 298 21.44 26.97 7.91
N ALA D 299 22.33 26.07 7.48
CA ALA D 299 22.79 24.98 8.33
C ALA D 299 23.49 25.59 9.54
N GLU D 300 24.45 26.48 9.27
CA GLU D 300 25.18 27.17 10.31
C GLU D 300 24.23 27.87 11.28
N ALA D 301 23.30 28.67 10.74
CA ALA D 301 22.35 29.38 11.58
C ALA D 301 21.62 28.40 12.48
N ILE D 302 21.20 27.28 11.90
CA ILE D 302 20.48 26.28 12.66
C ILE D 302 21.35 25.67 13.73
N CYS D 303 22.63 25.41 13.42
CA CYS D 303 23.54 24.81 14.40
C CYS D 303 23.82 25.71 15.59
N GLN D 304 24.24 26.94 15.30
CA GLN D 304 24.55 27.88 16.34
C GLN D 304 23.36 28.16 17.23
N GLN D 305 22.18 28.19 16.61
CA GLN D 305 20.93 28.44 17.32
C GLN D 305 20.64 27.32 18.31
N ILE D 306 20.66 26.08 17.84
CA ILE D 306 20.39 24.94 18.69
C ILE D 306 21.49 24.82 19.74
N THR D 307 22.73 25.00 19.31
CA THR D 307 23.84 24.91 20.24
C THR D 307 23.71 25.95 21.34
N GLN D 308 23.39 27.17 20.95
CA GLN D 308 23.25 28.26 21.93
C GLN D 308 22.11 28.01 22.91
N GLN D 309 20.97 27.57 22.41
CA GLN D 309 19.81 27.29 23.26
C GLN D 309 20.07 26.12 24.21
N VAL D 310 20.77 25.12 23.74
CA VAL D 310 21.06 23.97 24.58
C VAL D 310 22.06 24.34 25.67
N THR D 311 23.15 24.99 25.28
CA THR D 311 24.19 25.41 26.22
C THR D 311 23.62 26.39 27.23
N LYS D 312 22.86 27.36 26.75
CA LYS D 312 22.26 28.36 27.61
C LYS D 312 21.33 27.70 28.64
NI NI E . 12.94 -21.50 5.76
#